data_9JHS
#
_entry.id   9JHS
#
_cell.length_a   1.00
_cell.length_b   1.00
_cell.length_c   1.00
_cell.angle_alpha   90.00
_cell.angle_beta   90.00
_cell.angle_gamma   90.00
#
_symmetry.space_group_name_H-M   'P 1'
#
loop_
_entity.id
_entity.type
_entity.pdbx_description
1 polymer 'Insulin receptor'
2 polymer "DNA/RNA (5'-D(P*CP*(AF2)P*(DUZ)P*(DUZ)P*AP*(CFZ)P*GP*(CFZ)P*A)-R(P*(85Y)P*(OMG))-D(P*(AF2))-R(P*(OMG))-D(P*(DUZ)P*C)-R(P*(85Y))-D(P*AP*GP*(AF2))-R(P*(85Y)P*(OMC))-D(P*(CFZ)P*GP*(DUZ))-3')"
#
loop_
_entity_poly.entity_id
_entity_poly.type
_entity_poly.pdbx_seq_one_letter_code
_entity_poly.pdbx_strand_id
1 'polypeptide(L)'
;HLYPGEVCPGMDIRNNLTRLHELENCSVIEGHLQILLMFKTRPEDFRDLSFPKLIMITDYLLLFRVYGLESLKDLFPNLT
VIRGSRLFFNYALVIFEMVHLKELGLYNLMNITRGSVRIEKNNELCYLATIDWSRILDSVEDNHIVLNKDDNEECGDICP
GTAKGKTNCPATVINGQFVERCWTHSHCQKVCPTICKSHGCTAEGLCCHSECLGNCSQPDDPTKCVACRNFYLDGRCVET
CPPPYYHFQDWRCVNFSFCQDLHHKCKNSRRQGCHQYVIHNNKCIPECPSGYTMNSSNLLCTPCLGPCPKVCHLLEGEKT
IDSVTSAQELRGCTVINGSLIINIRGGNNLAAELEANLGLIEEISGYLKIRRSYALVSLSFFRKLRLIRGETLEIGNYSF
YALDNQNLRQLWDWSKHNLTTTQGKLFFHYNPKLCLSEIHKMEEVSGTKGRQERNDIALKTNGDKASCENELLKFSYIRT
SFDKILLRWEPYWPPDFRDLLGFMLFYKEAPYQNVTEFDGQDACGSNSWTVVDIDPPLRSNDPKSQNHPGWLMRGLKPWT
QYAIFVKTLVTFSDERRTYGAKSDIIYVQTDATNPSVPLDPISVSNSSSQIILKWKPPSDPNGNITHYLVFWERQAEDSE
LFELDYCLKGLKLPSRTWSPPFESEDSQKHNQSEYEDSAGECCSCPKTDSQILKELEESSFRKTFEDYLHNVVFVPRKTS
SGTGAEDPRPSRKRRSLGDVGNVTVAVPTVAAFPNTSSTSVPTSPEEHRPFEKVVNKESLVISGLRHFTGYRIELQACNQ
DTPEERCSVAAYVSARTMPEAKADDIVGPVTHEIFENNVVHLMWQEPKEPNGLIVLYEVSYRRYGDEELHLCVSRKHFAL
ERGCRLRGLSPGNYSVRIRATSLAGNGSWTEPTYFYVTD
;
E,F
2 'polydeoxyribonucleotide'
;(DC)(AF2)(DUZ)(DUZ)(DA)(CFZ)(DG)(CFZ)(DA)(85Y)(OMG)(AF2)(OMG)(DUZ)(DC)(85Y)(DA)
(DG)(AF2)(85Y)(OMC)(CFZ)(DG)(DUZ)
;
G,H
#
# COMPACT_ATOMS: atom_id res chain seq x y z
N HIS A 1 -40.13 14.32 58.43
CA HIS A 1 -38.73 14.51 58.07
C HIS A 1 -38.57 14.59 56.56
N LEU A 2 -37.50 15.24 56.10
CA LEU A 2 -37.14 15.14 54.70
C LEU A 2 -36.65 13.74 54.37
N TYR A 3 -35.74 13.21 55.19
CA TYR A 3 -35.10 11.93 54.92
C TYR A 3 -34.69 11.30 56.26
N PRO A 4 -35.59 10.55 56.90
CA PRO A 4 -35.27 9.97 58.20
C PRO A 4 -34.53 8.65 58.13
N GLY A 5 -34.34 8.08 56.94
CA GLY A 5 -33.73 6.76 56.80
C GLY A 5 -32.22 6.79 56.85
N GLU A 6 -31.61 6.04 55.93
CA GLU A 6 -30.17 5.87 55.89
C GLU A 6 -29.65 5.95 54.47
N VAL A 7 -28.39 6.35 54.33
CA VAL A 7 -27.73 6.28 53.03
C VAL A 7 -27.57 4.82 52.62
N CYS A 8 -27.47 4.60 51.31
CA CYS A 8 -27.56 3.22 50.85
C CYS A 8 -26.77 3.06 49.55
N PRO A 9 -25.60 2.42 49.60
CA PRO A 9 -24.76 2.34 48.41
C PRO A 9 -25.37 1.47 47.32
N GLY A 10 -25.02 1.79 46.08
CA GLY A 10 -25.55 1.06 44.94
C GLY A 10 -25.11 -0.39 44.95
N MET A 11 -26.09 -1.29 44.86
CA MET A 11 -25.87 -2.73 44.92
C MET A 11 -26.05 -3.35 43.54
N ASP A 12 -25.57 -4.58 43.42
CA ASP A 12 -25.75 -5.39 42.23
C ASP A 12 -26.30 -6.74 42.67
N ILE A 13 -27.36 -7.20 42.02
CA ILE A 13 -28.06 -8.42 42.41
C ILE A 13 -28.15 -9.33 41.19
N ARG A 14 -27.78 -10.59 41.39
CA ARG A 14 -27.85 -11.57 40.31
C ARG A 14 -27.94 -12.98 40.90
N ASN A 15 -28.66 -13.85 40.21
CA ASN A 15 -28.73 -15.29 40.43
C ASN A 15 -29.41 -15.69 41.73
N ASN A 16 -29.81 -14.75 42.58
CA ASN A 16 -30.40 -15.09 43.87
C ASN A 16 -31.24 -13.93 44.36
N LEU A 17 -31.95 -14.15 45.47
CA LEU A 17 -32.65 -13.11 46.20
C LEU A 17 -32.10 -12.96 47.61
N THR A 18 -30.94 -13.55 47.87
CA THR A 18 -30.38 -13.55 49.22
C THR A 18 -29.88 -12.15 49.62
N ARG A 19 -29.19 -11.48 48.71
CA ARG A 19 -28.47 -10.26 49.03
C ARG A 19 -29.31 -9.00 48.88
N LEU A 20 -30.62 -9.12 48.68
CA LEU A 20 -31.48 -7.94 48.73
C LEU A 20 -31.91 -7.60 50.14
N HIS A 21 -31.64 -8.48 51.11
CA HIS A 21 -32.05 -8.24 52.49
C HIS A 21 -31.38 -7.01 53.10
N GLU A 22 -30.22 -6.61 52.59
CA GLU A 22 -29.50 -5.46 53.11
C GLU A 22 -30.22 -4.14 52.85
N LEU A 23 -31.39 -4.17 52.21
CA LEU A 23 -32.17 -2.98 51.91
C LEU A 23 -33.18 -2.68 53.00
N GLU A 24 -32.94 -3.19 54.21
CA GLU A 24 -33.96 -3.15 55.25
C GLU A 24 -34.18 -1.74 55.77
N ASN A 25 -33.12 -0.95 55.93
CA ASN A 25 -33.21 0.32 56.64
C ASN A 25 -32.81 1.54 55.82
N CYS A 26 -32.05 1.37 54.75
CA CYS A 26 -31.61 2.50 53.94
C CYS A 26 -32.79 3.08 53.17
N SER A 27 -32.83 4.41 53.10
CA SER A 27 -33.92 5.12 52.44
C SER A 27 -33.52 5.77 51.13
N VAL A 28 -32.37 6.41 51.07
CA VAL A 28 -31.85 7.03 49.85
C VAL A 28 -30.67 6.20 49.38
N ILE A 29 -30.61 5.97 48.07
CA ILE A 29 -29.62 5.08 47.48
C ILE A 29 -28.69 5.91 46.62
N GLU A 30 -27.39 5.80 46.88
CA GLU A 30 -26.41 6.43 46.01
C GLU A 30 -25.88 5.42 45.00
N GLY A 31 -25.51 5.92 43.82
CA GLY A 31 -25.14 5.05 42.73
C GLY A 31 -26.36 4.55 41.98
N HIS A 32 -26.36 3.26 41.67
CA HIS A 32 -27.44 2.64 40.93
C HIS A 32 -27.80 1.31 41.55
N LEU A 33 -29.06 0.92 41.39
CA LEU A 33 -29.54 -0.37 41.86
C LEU A 33 -29.78 -1.24 40.63
N GLN A 34 -29.20 -2.43 40.62
CA GLN A 34 -29.24 -3.30 39.46
C GLN A 34 -29.56 -4.73 39.90
N ILE A 35 -30.65 -5.28 39.37
CA ILE A 35 -31.05 -6.66 39.60
C ILE A 35 -31.33 -7.29 38.25
N LEU A 36 -30.75 -8.47 38.01
CA LEU A 36 -30.76 -9.03 36.66
C LEU A 36 -30.47 -10.52 36.68
N LEU A 37 -30.91 -11.20 35.61
CA LEU A 37 -30.50 -12.56 35.26
C LEU A 37 -30.80 -13.54 36.40
N MET A 38 -32.09 -13.76 36.62
CA MET A 38 -32.58 -14.79 37.52
C MET A 38 -33.62 -15.62 36.80
N PHE A 39 -33.46 -16.94 36.85
CA PHE A 39 -34.36 -17.84 36.13
C PHE A 39 -35.17 -18.74 37.06
N LYS A 40 -34.52 -19.47 37.96
CA LYS A 40 -35.20 -20.42 38.83
C LYS A 40 -35.79 -19.71 40.05
N THR A 41 -36.69 -18.77 39.76
CA THR A 41 -37.34 -17.96 40.79
C THR A 41 -38.84 -17.97 40.55
N ARG A 42 -39.57 -18.61 41.45
CA ARG A 42 -41.02 -18.66 41.33
C ARG A 42 -41.61 -17.27 41.55
N PRO A 43 -42.77 -16.99 40.95
CA PRO A 43 -43.41 -15.68 41.16
C PRO A 43 -44.03 -15.50 42.54
N GLU A 44 -44.13 -16.55 43.35
CA GLU A 44 -44.92 -16.52 44.57
C GLU A 44 -44.19 -15.95 45.77
N ASP A 45 -42.85 -16.02 45.80
CA ASP A 45 -42.09 -15.46 46.91
C ASP A 45 -42.00 -13.94 46.86
N PHE A 46 -42.79 -13.30 46.01
CA PHE A 46 -42.71 -11.86 45.81
C PHE A 46 -43.80 -11.10 46.57
N ARG A 47 -44.85 -11.78 47.00
CA ARG A 47 -46.00 -11.16 47.65
C ARG A 47 -45.77 -10.89 49.13
N ASP A 48 -44.53 -10.99 49.60
CA ASP A 48 -44.24 -10.81 51.03
C ASP A 48 -43.05 -9.92 51.33
N LEU A 49 -42.23 -9.58 50.34
CA LEU A 49 -41.07 -8.72 50.55
C LEU A 49 -41.31 -7.36 49.92
N SER A 50 -40.97 -6.30 50.66
CA SER A 50 -41.19 -4.94 50.21
C SER A 50 -40.23 -4.01 50.93
N PHE A 51 -40.15 -2.78 50.44
CA PHE A 51 -39.28 -1.74 51.01
C PHE A 51 -39.98 -0.40 50.88
N PRO A 52 -40.60 0.08 51.96
CA PRO A 52 -41.39 1.31 51.86
C PRO A 52 -40.58 2.59 51.98
N LYS A 53 -39.35 2.54 52.48
CA LYS A 53 -38.61 3.74 52.86
C LYS A 53 -37.77 4.32 51.73
N LEU A 54 -37.81 3.70 50.56
CA LEU A 54 -36.96 4.12 49.44
C LEU A 54 -37.66 5.20 48.62
N ILE A 55 -36.97 6.32 48.42
CA ILE A 55 -37.52 7.42 47.62
C ILE A 55 -36.54 7.87 46.54
N MET A 56 -35.31 8.20 46.94
CA MET A 56 -34.38 8.89 46.05
C MET A 56 -33.50 7.89 45.33
N ILE A 57 -33.19 8.19 44.07
CA ILE A 57 -32.28 7.40 43.25
C ILE A 57 -31.32 8.36 42.56
N THR A 58 -30.02 8.08 42.65
CA THR A 58 -29.04 8.99 42.08
C THR A 58 -28.84 8.78 40.58
N ASP A 59 -28.32 7.62 40.18
CA ASP A 59 -27.90 7.41 38.81
C ASP A 59 -28.99 6.78 37.94
N TYR A 60 -29.44 5.58 38.28
CA TYR A 60 -30.44 4.89 37.47
C TYR A 60 -30.88 3.62 38.20
N LEU A 61 -32.04 3.12 37.80
CA LEU A 61 -32.55 1.83 38.24
C LEU A 61 -32.91 1.01 37.01
N LEU A 62 -32.48 -0.25 36.99
CA LEU A 62 -32.70 -1.13 35.85
C LEU A 62 -33.09 -2.52 36.33
N LEU A 63 -34.15 -3.05 35.75
CA LEU A 63 -34.52 -4.46 35.87
C LEU A 63 -34.49 -5.06 34.47
N PHE A 64 -33.92 -6.26 34.35
CA PHE A 64 -33.75 -6.87 33.03
C PHE A 64 -33.71 -8.38 33.17
N ARG A 65 -34.53 -9.06 32.37
CA ARG A 65 -34.64 -10.52 32.38
C ARG A 65 -35.03 -11.04 33.77
N VAL A 66 -36.25 -10.70 34.16
CA VAL A 66 -36.83 -11.13 35.42
C VAL A 66 -37.97 -12.08 35.13
N TYR A 67 -38.00 -13.21 35.82
CA TYR A 67 -39.06 -14.21 35.69
C TYR A 67 -39.79 -14.30 37.02
N GLY A 68 -40.99 -13.75 37.09
CA GLY A 68 -41.81 -13.88 38.27
C GLY A 68 -42.57 -12.63 38.67
N LEU A 69 -42.11 -11.46 38.24
CA LEU A 69 -42.79 -10.21 38.57
C LEU A 69 -44.01 -10.01 37.69
N GLU A 70 -45.04 -9.39 38.25
CA GLU A 70 -46.22 -8.99 37.50
C GLU A 70 -46.59 -7.53 37.72
N SER A 71 -46.28 -6.97 38.89
CA SER A 71 -46.51 -5.55 39.16
C SER A 71 -45.60 -5.18 40.33
N LEU A 72 -44.52 -4.47 40.04
CA LEU A 72 -43.48 -4.21 41.03
C LEU A 72 -43.88 -3.15 42.05
N LYS A 73 -45.06 -2.56 41.93
CA LYS A 73 -45.50 -1.54 42.87
C LYS A 73 -45.47 -2.03 44.31
N ASP A 74 -45.69 -3.33 44.53
CA ASP A 74 -45.58 -3.90 45.86
C ASP A 74 -44.15 -3.94 46.37
N LEU A 75 -43.17 -3.76 45.48
CA LEU A 75 -41.76 -3.71 45.86
C LEU A 75 -41.24 -2.28 46.02
N PHE A 76 -41.71 -1.35 45.20
CA PHE A 76 -41.26 0.04 45.21
C PHE A 76 -42.49 0.94 45.36
N PRO A 77 -42.98 1.13 46.58
CA PRO A 77 -44.22 1.90 46.76
C PRO A 77 -44.03 3.40 46.91
N ASN A 78 -42.81 3.89 47.13
CA ASN A 78 -42.64 5.27 47.57
C ASN A 78 -41.55 6.06 46.85
N LEU A 79 -40.85 5.47 45.88
CA LEU A 79 -39.84 6.23 45.15
C LEU A 79 -40.53 7.25 44.25
N THR A 80 -39.93 8.45 44.17
CA THR A 80 -40.55 9.54 43.43
C THR A 80 -39.64 10.18 42.40
N VAL A 81 -38.35 10.30 42.68
CA VAL A 81 -37.46 11.07 41.82
C VAL A 81 -36.18 10.27 41.58
N ILE A 82 -35.58 10.50 40.42
CA ILE A 82 -34.27 9.97 40.07
C ILE A 82 -33.43 11.13 39.57
N ARG A 83 -32.25 11.32 40.17
CA ARG A 83 -31.40 12.43 39.78
C ARG A 83 -30.71 12.19 38.45
N GLY A 84 -30.52 10.94 38.05
CA GLY A 84 -29.82 10.65 36.82
C GLY A 84 -28.41 11.20 36.79
N SER A 85 -27.71 11.16 37.91
CA SER A 85 -26.36 11.72 37.99
C SER A 85 -25.40 11.03 37.04
N ARG A 86 -25.66 9.77 36.70
CA ARG A 86 -24.92 9.08 35.65
C ARG A 86 -25.93 8.39 34.74
N LEU A 87 -25.93 8.76 33.47
CA LEU A 87 -26.82 8.11 32.51
C LEU A 87 -26.37 6.68 32.26
N PHE A 88 -27.33 5.78 32.17
CA PHE A 88 -27.08 4.37 31.91
C PHE A 88 -27.35 4.09 30.44
N PHE A 89 -26.29 3.77 29.69
CA PHE A 89 -26.43 3.38 28.28
C PHE A 89 -27.32 4.38 27.55
N ASN A 90 -26.92 5.66 27.63
CA ASN A 90 -27.71 6.83 27.21
C ASN A 90 -29.21 6.64 27.46
N TYR A 91 -29.56 6.18 28.66
CA TYR A 91 -30.94 6.11 29.10
C TYR A 91 -30.98 6.34 30.61
N ALA A 92 -32.13 6.79 31.09
CA ALA A 92 -32.32 7.07 32.51
C ALA A 92 -33.03 5.95 33.27
N LEU A 93 -34.11 5.40 32.73
CA LEU A 93 -34.82 4.30 33.37
C LEU A 93 -35.26 3.35 32.27
N VAL A 94 -35.03 2.06 32.45
CA VAL A 94 -35.33 1.06 31.43
C VAL A 94 -35.94 -0.16 32.10
N ILE A 95 -36.99 -0.70 31.49
CA ILE A 95 -37.45 -2.05 31.75
C ILE A 95 -37.43 -2.79 30.43
N PHE A 96 -36.86 -3.99 30.44
CA PHE A 96 -36.54 -4.67 29.19
C PHE A 96 -36.70 -6.17 29.34
N GLU A 97 -37.40 -6.79 28.39
CA GLU A 97 -37.47 -8.25 28.28
C GLU A 97 -38.15 -8.85 29.51
N MET A 98 -39.38 -8.42 29.77
CA MET A 98 -40.17 -8.98 30.85
C MET A 98 -41.10 -10.08 30.33
N VAL A 99 -41.44 -11.00 31.21
CA VAL A 99 -42.21 -12.18 30.81
C VAL A 99 -43.58 -12.24 31.48
N HIS A 100 -43.70 -11.89 32.76
CA HIS A 100 -44.96 -12.00 33.48
C HIS A 100 -45.49 -10.67 33.97
N LEU A 101 -44.88 -9.56 33.60
CA LEU A 101 -45.26 -8.25 34.12
C LEU A 101 -46.64 -7.87 33.59
N LYS A 102 -47.63 -7.83 34.48
CA LYS A 102 -48.97 -7.44 34.07
C LYS A 102 -49.09 -5.93 33.95
N GLU A 103 -48.54 -5.19 34.91
CA GLU A 103 -48.64 -3.74 34.92
C GLU A 103 -47.42 -3.13 35.60
N LEU A 104 -47.17 -1.86 35.28
CA LEU A 104 -45.96 -1.16 35.69
C LEU A 104 -45.96 -0.85 37.19
N GLY A 105 -46.93 -0.07 37.65
CA GLY A 105 -47.04 0.23 39.07
C GLY A 105 -46.20 1.38 39.55
N LEU A 106 -45.68 2.21 38.67
CA LEU A 106 -44.81 3.32 39.07
C LEU A 106 -45.62 4.61 39.25
N TYR A 107 -46.58 4.59 40.18
CA TYR A 107 -47.52 5.67 40.31
C TYR A 107 -46.98 6.87 41.10
N ASN A 108 -45.78 6.78 41.67
CA ASN A 108 -45.26 7.85 42.51
C ASN A 108 -44.21 8.71 41.83
N LEU A 109 -44.03 8.58 40.52
CA LEU A 109 -42.97 9.30 39.83
C LEU A 109 -43.41 10.72 39.49
N MET A 110 -42.58 11.68 39.87
CA MET A 110 -42.93 13.09 39.75
C MET A 110 -42.14 13.80 38.66
N ASN A 111 -40.81 13.75 38.71
CA ASN A 111 -39.98 14.51 37.78
C ASN A 111 -38.70 13.73 37.52
N ILE A 112 -38.47 13.40 36.25
CA ILE A 112 -37.22 12.78 35.84
C ILE A 112 -36.20 13.88 35.57
N THR A 113 -35.04 13.79 36.23
CA THR A 113 -34.07 14.87 36.16
C THR A 113 -33.41 14.94 34.78
N ARG A 114 -32.70 13.89 34.40
CA ARG A 114 -31.94 13.89 33.15
C ARG A 114 -31.91 12.47 32.59
N GLY A 115 -32.10 12.35 31.29
CA GLY A 115 -32.11 11.07 30.62
C GLY A 115 -33.48 10.71 30.10
N SER A 116 -33.59 9.51 29.54
CA SER A 116 -34.80 9.07 28.88
C SER A 116 -35.19 7.69 29.40
N VAL A 117 -36.45 7.33 29.14
CA VAL A 117 -36.98 6.04 29.53
C VAL A 117 -37.14 5.18 28.28
N ARG A 118 -36.91 3.87 28.45
CA ARG A 118 -36.98 2.93 27.33
C ARG A 118 -37.66 1.66 27.79
N ILE A 119 -38.66 1.22 27.03
CA ILE A 119 -39.39 -0.02 27.29
C ILE A 119 -39.43 -0.80 26.00
N GLU A 120 -38.94 -2.04 26.03
CA GLU A 120 -38.77 -2.84 24.82
C GLU A 120 -39.02 -4.31 25.11
N LYS A 121 -39.43 -5.04 24.06
CA LYS A 121 -39.52 -6.50 24.07
C LYS A 121 -40.34 -7.02 25.24
N ASN A 122 -41.50 -6.42 25.46
CA ASN A 122 -42.38 -6.79 26.57
C ASN A 122 -43.79 -6.95 26.03
N ASN A 123 -44.21 -8.20 25.86
CA ASN A 123 -45.52 -8.52 25.30
C ASN A 123 -46.57 -8.81 26.37
N GLU A 124 -46.45 -8.22 27.55
CA GLU A 124 -47.39 -8.47 28.62
C GLU A 124 -47.89 -7.21 29.32
N LEU A 125 -47.57 -6.03 28.80
CA LEU A 125 -47.84 -4.78 29.50
C LEU A 125 -48.92 -3.98 28.79
N CYS A 126 -49.74 -3.29 29.58
CA CYS A 126 -50.80 -2.42 29.07
C CYS A 126 -50.70 -1.06 29.75
N TYR A 127 -51.69 -0.20 29.47
CA TYR A 127 -51.73 1.16 29.98
C TYR A 127 -50.47 1.95 29.64
N LEU A 128 -49.79 1.57 28.56
CA LEU A 128 -48.53 2.19 28.19
C LEU A 128 -48.69 3.60 27.64
N ALA A 129 -49.87 3.92 27.09
CA ALA A 129 -50.14 5.24 26.54
C ALA A 129 -50.84 6.15 27.55
N THR A 130 -50.93 5.74 28.80
CA THR A 130 -51.67 6.46 29.84
C THR A 130 -50.74 6.93 30.96
N ILE A 131 -49.57 7.48 30.60
CA ILE A 131 -48.55 7.84 31.55
C ILE A 131 -48.35 9.34 31.63
N ASP A 132 -48.44 10.04 30.48
CA ASP A 132 -48.15 11.47 30.38
C ASP A 132 -46.71 11.75 30.82
N TRP A 133 -45.78 11.20 30.04
CA TRP A 133 -44.36 11.43 30.29
C TRP A 133 -44.02 12.91 30.27
N SER A 134 -44.69 13.69 29.41
CA SER A 134 -44.39 15.11 29.30
C SER A 134 -44.53 15.86 30.62
N ARG A 135 -45.45 15.43 31.48
CA ARG A 135 -45.61 16.04 32.79
C ARG A 135 -44.59 15.53 33.80
N ILE A 136 -43.81 14.52 33.46
CA ILE A 136 -42.73 14.03 34.30
C ILE A 136 -41.38 14.18 33.60
N LEU A 137 -41.31 13.81 32.33
CA LEU A 137 -40.10 13.98 31.55
C LEU A 137 -40.04 15.38 30.96
N ASP A 138 -39.02 16.15 31.35
CA ASP A 138 -38.80 17.44 30.72
C ASP A 138 -38.40 17.31 29.26
N SER A 139 -37.88 16.14 28.86
CA SER A 139 -37.54 15.86 27.47
C SER A 139 -38.30 14.62 27.05
N VAL A 140 -39.02 14.71 25.93
CA VAL A 140 -39.78 13.59 25.39
C VAL A 140 -39.18 13.11 24.07
N GLU A 141 -38.32 13.91 23.44
CA GLU A 141 -37.75 13.60 22.14
C GLU A 141 -36.82 12.39 22.17
N ASP A 142 -36.57 11.80 23.34
CA ASP A 142 -35.68 10.66 23.46
C ASP A 142 -36.39 9.39 23.90
N ASN A 143 -37.71 9.42 24.08
CA ASN A 143 -38.43 8.24 24.51
C ASN A 143 -38.38 7.17 23.42
N HIS A 144 -38.37 5.91 23.84
CA HIS A 144 -38.33 4.79 22.90
CA HIS A 144 -38.32 4.79 22.89
C HIS A 144 -39.11 3.62 23.50
N ILE A 145 -40.38 3.53 23.14
CA ILE A 145 -41.27 2.47 23.62
C ILE A 145 -41.89 1.84 22.38
N VAL A 146 -41.24 0.80 21.85
CA VAL A 146 -41.74 0.12 20.66
C VAL A 146 -41.70 -1.39 20.90
N LEU A 147 -42.49 -2.10 20.08
CA LEU A 147 -42.59 -3.56 20.11
C LEU A 147 -42.95 -4.05 21.52
N ASN A 148 -44.18 -3.76 21.90
CA ASN A 148 -44.70 -4.18 23.19
C ASN A 148 -46.05 -4.89 23.00
N LYS A 149 -46.74 -5.21 24.10
CA LYS A 149 -48.07 -5.80 23.96
C LYS A 149 -49.05 -4.80 23.37
N ASP A 150 -48.83 -3.51 23.61
CA ASP A 150 -49.68 -2.45 23.05
C ASP A 150 -49.36 -2.16 21.59
N ASP A 151 -48.55 -3.01 20.93
CA ASP A 151 -48.42 -2.92 19.49
C ASP A 151 -49.77 -3.08 18.80
N ASN A 152 -50.67 -3.86 19.41
CA ASN A 152 -52.05 -3.99 18.98
C ASN A 152 -52.95 -3.47 20.10
N GLU A 153 -54.01 -2.77 19.72
CA GLU A 153 -54.98 -2.24 20.69
C GLU A 153 -55.83 -3.41 21.17
N GLU A 154 -55.30 -4.17 22.13
CA GLU A 154 -55.90 -5.44 22.50
C GLU A 154 -55.96 -5.69 24.01
N CYS A 155 -55.43 -4.81 24.84
CA CYS A 155 -55.21 -5.12 26.26
C CYS A 155 -56.19 -4.41 27.18
N GLY A 156 -57.34 -3.97 26.69
CA GLY A 156 -58.26 -3.29 27.57
C GLY A 156 -58.08 -1.79 27.58
N ASP A 157 -57.26 -1.30 28.52
CA ASP A 157 -57.02 0.12 28.76
C ASP A 157 -58.26 0.80 29.36
N ILE A 158 -58.75 0.22 30.45
CA ILE A 158 -59.86 0.78 31.21
C ILE A 158 -59.36 1.19 32.59
N CYS A 159 -59.73 2.40 33.00
CA CYS A 159 -59.31 2.92 34.30
C CYS A 159 -60.31 3.98 34.74
N PRO A 160 -60.65 4.04 36.03
CA PRO A 160 -61.57 5.03 36.59
C PRO A 160 -60.95 6.43 36.66
N CYS A 169 -58.67 11.87 38.30
CA CYS A 169 -57.71 12.15 37.24
C CYS A 169 -58.34 12.87 36.05
N PRO A 170 -57.60 13.82 35.47
CA PRO A 170 -58.23 14.79 34.55
C PRO A 170 -58.42 14.31 33.14
N ALA A 171 -57.69 13.29 32.68
CA ALA A 171 -57.77 12.81 31.30
C ALA A 171 -57.42 13.94 30.32
N THR A 172 -56.16 14.33 30.37
CA THR A 172 -55.66 15.50 29.66
C THR A 172 -55.91 15.41 28.15
N VAL A 173 -55.78 16.56 27.50
CA VAL A 173 -55.99 16.70 26.06
C VAL A 173 -54.69 17.25 25.48
N ILE A 174 -53.56 16.80 26.01
CA ILE A 174 -52.25 17.31 25.58
C ILE A 174 -52.07 17.16 24.07
N ASN A 175 -52.54 16.04 23.51
CA ASN A 175 -52.54 15.85 22.07
C ASN A 175 -53.86 16.36 21.50
N GLY A 176 -54.13 16.04 20.24
CA GLY A 176 -55.40 16.42 19.65
C GLY A 176 -56.59 15.64 20.15
N GLN A 177 -56.41 14.76 21.12
CA GLN A 177 -57.46 13.89 21.61
C GLN A 177 -57.60 14.01 23.13
N PHE A 178 -58.83 13.79 23.60
CA PHE A 178 -59.12 13.72 25.02
C PHE A 178 -58.67 12.35 25.54
N VAL A 179 -57.42 12.30 25.96
CA VAL A 179 -56.79 11.03 26.33
C VAL A 179 -56.74 10.90 27.84
N GLU A 180 -57.17 9.75 28.34
CA GLU A 180 -57.18 9.46 29.77
C GLU A 180 -55.88 8.79 30.17
N ARG A 181 -55.22 9.33 31.21
CA ARG A 181 -53.93 8.84 31.65
C ARG A 181 -54.08 8.25 33.05
N CYS A 182 -53.83 6.95 33.17
CA CYS A 182 -53.88 6.25 34.44
C CYS A 182 -52.69 5.31 34.56
N TRP A 183 -52.22 5.10 35.79
CA TRP A 183 -51.19 4.10 36.01
C TRP A 183 -51.77 2.69 36.00
N THR A 184 -52.68 2.41 36.92
CA THR A 184 -53.32 1.11 37.04
C THR A 184 -54.83 1.27 36.89
N HIS A 185 -55.54 0.17 37.12
CA HIS A 185 -57.00 0.21 37.19
C HIS A 185 -57.48 0.75 38.53
N SER A 186 -56.56 0.99 39.47
CA SER A 186 -56.89 1.58 40.76
C SER A 186 -56.22 2.94 40.98
N HIS A 187 -55.44 3.42 40.02
CA HIS A 187 -54.70 4.67 40.19
C HIS A 187 -54.58 5.38 38.85
N CYS A 188 -54.66 6.71 38.90
CA CYS A 188 -54.34 7.56 37.77
C CYS A 188 -53.05 8.32 38.05
N GLN A 189 -52.62 9.07 37.03
CA GLN A 189 -51.44 9.93 37.18
C GLN A 189 -51.87 11.29 37.70
N LYS A 190 -51.43 11.60 38.93
CA LYS A 190 -51.90 12.80 39.61
C LYS A 190 -51.39 14.06 38.92
N VAL A 191 -52.32 14.98 38.63
CA VAL A 191 -52.00 16.27 38.05
C VAL A 191 -52.74 17.33 38.84
N CYS A 192 -52.00 18.30 39.37
CA CYS A 192 -52.59 19.42 40.09
C CYS A 192 -52.39 20.68 39.25
N PRO A 193 -52.94 21.84 39.65
CA PRO A 193 -52.74 23.04 38.84
C PRO A 193 -51.27 23.36 38.63
N THR A 194 -50.97 23.85 37.42
CA THR A 194 -49.59 24.09 36.98
C THR A 194 -49.11 25.50 37.32
N ILE A 195 -49.63 26.09 38.39
CA ILE A 195 -49.14 27.38 38.84
C ILE A 195 -47.65 27.33 39.13
N CYS A 196 -47.19 26.24 39.73
CA CYS A 196 -45.76 25.97 39.90
C CYS A 196 -45.42 24.69 39.16
N LYS A 197 -44.40 24.75 38.30
CA LYS A 197 -44.11 23.63 37.40
C LYS A 197 -43.55 22.44 38.17
N SER A 198 -42.51 22.68 38.98
CA SER A 198 -41.85 21.60 39.70
C SER A 198 -41.56 21.98 41.15
N HIS A 199 -42.34 22.89 41.73
CA HIS A 199 -42.13 23.36 43.09
C HIS A 199 -42.87 22.52 44.12
N GLY A 200 -43.24 21.29 43.78
CA GLY A 200 -44.03 20.48 44.67
C GLY A 200 -45.49 20.92 44.62
N CYS A 201 -46.38 20.13 45.21
CA CYS A 201 -47.80 20.45 45.16
C CYS A 201 -48.54 19.61 46.19
N THR A 202 -49.81 19.96 46.40
CA THR A 202 -50.70 19.25 47.31
C THR A 202 -51.88 18.68 46.52
N ALA A 203 -52.72 17.93 47.24
CA ALA A 203 -53.93 17.39 46.63
C ALA A 203 -55.03 18.43 46.51
N GLU A 204 -54.89 19.56 47.19
CA GLU A 204 -55.88 20.63 47.15
C GLU A 204 -55.47 21.77 46.23
N GLY A 205 -54.42 21.59 45.43
CA GLY A 205 -53.96 22.61 44.52
C GLY A 205 -53.03 23.65 45.13
N LEU A 206 -52.76 23.57 46.44
CA LEU A 206 -51.85 24.52 47.06
C LEU A 206 -50.41 24.11 46.79
N CYS A 207 -49.65 25.02 46.19
CA CYS A 207 -48.24 24.76 45.93
C CYS A 207 -47.43 24.93 47.21
N CYS A 208 -46.57 23.97 47.48
CA CYS A 208 -45.74 23.98 48.68
C CYS A 208 -44.54 24.89 48.48
N HIS A 209 -43.56 24.78 49.37
CA HIS A 209 -42.37 25.61 49.30
C HIS A 209 -41.71 25.51 47.93
N SER A 210 -41.18 26.65 47.47
CA SER A 210 -40.63 26.74 46.13
C SER A 210 -39.48 25.77 45.94
N GLU A 211 -38.63 25.63 46.95
CA GLU A 211 -37.43 24.80 46.84
C GLU A 211 -37.68 23.40 47.41
N CYS A 212 -38.64 22.70 46.81
CA CYS A 212 -38.74 21.25 46.91
C CYS A 212 -39.75 20.77 45.87
N LEU A 213 -39.95 19.45 45.82
CA LEU A 213 -40.62 18.83 44.68
C LEU A 213 -41.61 17.78 45.15
N GLY A 214 -42.51 17.41 44.25
CA GLY A 214 -43.33 16.22 44.39
C GLY A 214 -44.32 16.28 45.55
N ASN A 215 -44.53 15.12 46.16
CA ASN A 215 -45.48 14.99 47.26
C ASN A 215 -45.06 15.87 48.42
N CYS A 216 -46.04 16.21 49.26
CA CYS A 216 -45.86 17.26 50.25
C CYS A 216 -46.78 17.01 51.44
N SER A 217 -46.42 17.62 52.57
CA SER A 217 -47.20 17.51 53.79
C SER A 217 -47.86 18.83 54.18
N GLN A 218 -47.09 19.92 54.28
CA GLN A 218 -47.62 21.23 54.57
C GLN A 218 -47.03 22.24 53.59
N PRO A 219 -47.87 23.09 52.99
CA PRO A 219 -47.37 23.99 51.95
C PRO A 219 -46.47 25.09 52.50
N ASP A 220 -45.62 25.61 51.60
CA ASP A 220 -44.73 26.73 51.90
C ASP A 220 -43.80 26.42 53.07
N ASP A 221 -43.30 25.19 53.13
CA ASP A 221 -42.39 24.78 54.18
C ASP A 221 -41.24 23.98 53.57
N PRO A 222 -40.00 24.43 53.74
CA PRO A 222 -38.87 23.63 53.26
C PRO A 222 -38.39 22.65 54.32
N THR A 223 -39.22 22.44 55.34
CA THR A 223 -38.87 21.59 56.48
C THR A 223 -39.71 20.33 56.60
N LYS A 224 -40.81 20.21 55.86
CA LYS A 224 -41.68 19.05 56.04
C LYS A 224 -42.23 18.49 54.72
N CYS A 225 -41.75 18.96 53.58
CA CYS A 225 -42.04 18.29 52.31
C CYS A 225 -41.04 17.13 52.16
N VAL A 226 -41.00 16.53 50.98
CA VAL A 226 -40.32 15.25 50.80
C VAL A 226 -38.92 15.42 50.18
N ALA A 227 -38.85 15.95 48.96
CA ALA A 227 -37.60 16.01 48.21
C ALA A 227 -37.40 17.43 47.70
N CYS A 228 -36.22 18.00 47.96
CA CYS A 228 -35.92 19.34 47.50
C CYS A 228 -34.82 19.32 46.43
N ARG A 229 -34.64 20.47 45.78
CA ARG A 229 -34.03 20.53 44.45
C ARG A 229 -32.50 20.51 44.51
N ASN A 230 -31.89 21.42 45.27
CA ASN A 230 -30.46 21.64 45.14
C ASN A 230 -29.63 20.75 46.04
N PHE A 231 -29.80 20.85 47.35
CA PHE A 231 -28.94 20.14 48.30
C PHE A 231 -29.81 19.65 49.45
N TYR A 232 -29.17 19.28 50.55
CA TYR A 232 -29.88 18.86 51.74
C TYR A 232 -28.98 19.05 52.95
N LEU A 233 -29.56 19.50 54.06
CA LEU A 233 -28.78 19.68 55.29
C LEU A 233 -29.74 19.59 56.49
N ASP A 234 -29.79 18.40 57.10
CA ASP A 234 -30.37 18.20 58.44
C ASP A 234 -31.80 18.72 58.52
N GLY A 235 -32.62 18.37 57.54
CA GLY A 235 -34.02 18.76 57.53
C GLY A 235 -34.30 20.07 56.80
N ARG A 236 -33.28 20.79 56.37
CA ARG A 236 -33.45 21.97 55.54
C ARG A 236 -32.52 21.88 54.34
N CYS A 237 -32.72 22.78 53.39
CA CYS A 237 -31.86 22.84 52.21
C CYS A 237 -32.05 24.18 51.53
N VAL A 238 -30.95 24.89 51.29
CA VAL A 238 -30.95 26.15 50.58
C VAL A 238 -30.19 25.94 49.27
N GLU A 239 -30.42 26.85 48.31
CA GLU A 239 -29.82 26.71 46.99
C GLU A 239 -28.30 26.64 47.06
N THR A 240 -27.69 27.32 48.04
CA THR A 240 -26.25 27.24 48.22
C THR A 240 -25.98 27.39 49.72
N CYS A 241 -25.59 26.30 50.35
CA CYS A 241 -25.34 26.32 51.78
C CYS A 241 -24.07 27.11 52.09
N PRO A 242 -23.98 27.69 53.29
CA PRO A 242 -22.78 28.44 53.67
C PRO A 242 -21.58 27.51 53.78
N PRO A 243 -20.36 28.05 53.71
CA PRO A 243 -19.18 27.18 53.65
C PRO A 243 -18.66 26.75 55.02
N PRO A 244 -19.54 26.44 56.00
CA PRO A 244 -19.19 25.36 56.94
C PRO A 244 -19.28 23.98 56.32
N TYR A 245 -19.92 23.84 55.17
CA TYR A 245 -20.10 22.56 54.51
C TYR A 245 -19.77 22.69 53.03
N TYR A 246 -19.27 21.61 52.46
CA TYR A 246 -18.79 21.60 51.08
C TYR A 246 -19.56 20.55 50.29
N HIS A 247 -19.92 20.92 49.07
CA HIS A 247 -20.93 20.17 48.32
C HIS A 247 -20.44 18.76 47.97
N PHE A 248 -21.39 17.83 47.93
CA PHE A 248 -21.09 16.41 47.81
C PHE A 248 -22.16 15.73 46.97
N GLN A 249 -21.73 15.08 45.89
CA GLN A 249 -22.63 14.31 45.01
C GLN A 249 -23.78 15.16 44.49
N ASP A 250 -23.55 16.48 44.37
CA ASP A 250 -24.51 17.45 43.86
C ASP A 250 -25.91 17.27 44.44
N TRP A 251 -26.01 16.71 45.65
CA TRP A 251 -27.27 16.74 46.37
C TRP A 251 -27.08 17.01 47.85
N ARG A 252 -25.86 17.30 48.30
CA ARG A 252 -25.53 17.52 49.70
C ARG A 252 -24.31 18.40 49.81
N CYS A 253 -24.17 19.04 50.98
CA CYS A 253 -22.92 19.66 51.38
C CYS A 253 -22.66 19.32 52.85
N VAL A 254 -21.40 19.06 53.17
CA VAL A 254 -21.03 18.51 54.47
C VAL A 254 -19.68 19.09 54.85
N ASN A 255 -19.37 19.03 56.15
CA ASN A 255 -18.10 19.54 56.65
C ASN A 255 -16.93 18.71 56.11
N PHE A 256 -15.79 19.38 55.99
CA PHE A 256 -14.57 18.75 55.48
C PHE A 256 -14.14 17.55 56.30
N SER A 257 -14.48 17.52 57.59
CA SER A 257 -14.09 16.41 58.46
C SER A 257 -14.69 15.10 57.99
N PHE A 258 -15.82 15.14 57.28
CA PHE A 258 -16.45 13.90 56.83
C PHE A 258 -15.65 13.27 55.70
N CYS A 259 -15.50 13.99 54.59
CA CYS A 259 -14.88 13.40 53.42
C CYS A 259 -13.36 13.50 53.44
N GLN A 260 -12.76 14.11 54.47
CA GLN A 260 -11.33 13.87 54.67
C GLN A 260 -11.06 12.42 55.05
N ASP A 261 -12.05 11.75 55.65
CA ASP A 261 -11.88 10.37 56.08
C ASP A 261 -11.91 9.41 54.92
N LEU A 262 -12.75 9.68 53.92
CA LEU A 262 -12.86 8.78 52.77
C LEU A 262 -11.56 8.69 52.00
N HIS A 263 -10.87 9.82 51.82
CA HIS A 263 -9.57 9.80 51.16
C HIS A 263 -8.61 8.87 51.89
N HIS A 264 -8.64 8.89 53.23
CA HIS A 264 -7.82 7.99 54.03
C HIS A 264 -8.30 6.55 53.99
N LYS A 265 -9.60 6.33 53.76
CA LYS A 265 -10.13 4.96 53.77
C LYS A 265 -9.51 4.11 52.68
N CYS A 266 -9.48 4.62 51.44
CA CYS A 266 -8.96 3.87 50.32
C CYS A 266 -7.69 4.47 49.76
N LYS A 267 -7.02 5.33 50.54
CA LYS A 267 -5.62 5.60 50.25
C LYS A 267 -4.80 4.31 50.35
N ASN A 268 -5.27 3.38 51.17
CA ASN A 268 -4.84 1.98 51.10
C ASN A 268 -5.38 1.39 49.80
N SER A 269 -4.47 0.97 48.91
CA SER A 269 -4.86 0.49 47.58
C SER A 269 -5.52 -0.88 47.71
N ARG A 270 -6.78 -0.86 48.16
CA ARG A 270 -7.55 -2.09 48.32
C ARG A 270 -8.71 -2.21 47.34
N ARG A 271 -9.35 -1.10 46.98
CA ARG A 271 -10.51 -1.16 46.10
C ARG A 271 -10.45 0.03 45.14
N GLN A 272 -10.33 -0.29 43.85
CA GLN A 272 -10.02 0.70 42.82
C GLN A 272 -11.27 1.38 42.26
N GLY A 273 -12.39 1.30 42.97
CA GLY A 273 -13.60 1.96 42.51
C GLY A 273 -13.83 3.30 43.19
N CYS A 274 -13.03 3.59 44.21
CA CYS A 274 -13.20 4.81 44.98
C CYS A 274 -12.48 5.96 44.29
N HIS A 275 -12.33 7.07 45.00
CA HIS A 275 -11.57 8.21 44.52
C HIS A 275 -10.89 8.88 45.70
N GLN A 276 -9.63 9.27 45.49
CA GLN A 276 -8.90 10.05 46.49
C GLN A 276 -9.45 11.46 46.47
N TYR A 277 -10.51 11.68 47.25
CA TYR A 277 -11.32 12.88 47.10
C TYR A 277 -10.53 14.14 47.43
N VAL A 278 -10.75 15.18 46.64
CA VAL A 278 -10.02 16.43 46.77
C VAL A 278 -11.03 17.58 46.84
N ILE A 279 -10.66 18.61 47.59
CA ILE A 279 -11.50 19.78 47.80
C ILE A 279 -11.19 20.82 46.74
N HIS A 280 -12.22 21.30 46.04
CA HIS A 280 -12.05 22.32 45.02
C HIS A 280 -13.41 22.95 44.74
N ASN A 281 -13.47 24.29 44.80
CA ASN A 281 -14.68 25.04 44.49
C ASN A 281 -15.86 24.58 45.33
N ASN A 282 -15.60 24.37 46.63
CA ASN A 282 -16.60 23.89 47.57
C ASN A 282 -17.18 22.54 47.15
N LYS A 283 -16.37 21.73 46.47
CA LYS A 283 -16.77 20.39 46.05
C LYS A 283 -15.70 19.42 46.54
N CYS A 284 -16.12 18.35 47.20
CA CYS A 284 -15.19 17.28 47.60
C CYS A 284 -15.10 16.32 46.42
N ILE A 285 -14.67 16.88 45.28
CA ILE A 285 -14.69 16.22 43.99
C ILE A 285 -13.68 15.07 43.99
N PRO A 286 -13.95 13.98 43.24
CA PRO A 286 -12.94 12.93 43.07
C PRO A 286 -11.57 13.46 42.67
N GLU A 287 -11.50 14.19 41.56
CA GLU A 287 -10.21 14.67 41.05
C GLU A 287 -10.35 16.12 40.59
N CYS A 288 -9.41 16.95 41.00
CA CYS A 288 -9.30 18.29 40.42
C CYS A 288 -8.73 18.16 39.02
N PRO A 289 -9.28 18.86 38.03
CA PRO A 289 -8.93 18.57 36.63
C PRO A 289 -7.50 18.91 36.26
N SER A 290 -7.17 18.73 34.98
CA SER A 290 -5.82 19.00 34.49
C SER A 290 -5.44 20.45 34.76
N GLY A 291 -4.15 20.69 34.90
CA GLY A 291 -3.69 21.97 35.37
C GLY A 291 -3.91 22.21 36.84
N TYR A 292 -4.09 21.15 37.63
CA TYR A 292 -4.26 21.26 39.06
C TYR A 292 -3.68 20.02 39.72
N THR A 293 -3.00 20.21 40.86
CA THR A 293 -2.31 19.12 41.54
C THR A 293 -2.60 19.16 43.03
N MET A 294 -2.42 18.00 43.65
CA MET A 294 -2.77 17.76 45.04
C MET A 294 -1.77 18.40 45.98
N ASN A 295 -2.25 18.84 47.15
CA ASN A 295 -1.38 19.26 48.23
C ASN A 295 -1.44 18.24 49.37
N SER A 296 -0.49 18.37 50.30
CA SER A 296 -0.29 17.32 51.29
C SER A 296 -1.38 17.32 52.35
N SER A 297 -1.48 18.40 53.12
CA SER A 297 -2.32 18.42 54.31
C SER A 297 -3.60 19.22 54.16
N ASN A 298 -3.57 20.31 53.39
CA ASN A 298 -4.76 21.13 53.22
C ASN A 298 -5.86 20.45 52.43
N LEU A 299 -5.53 19.38 51.71
CA LEU A 299 -6.47 18.65 50.86
C LEU A 299 -7.13 19.54 49.80
N LEU A 300 -6.36 20.46 49.22
CA LEU A 300 -6.84 21.26 48.11
C LEU A 300 -6.04 20.91 46.85
N CYS A 301 -6.46 21.46 45.71
CA CYS A 301 -5.75 21.24 44.46
C CYS A 301 -5.07 22.52 44.03
N THR A 302 -3.73 22.51 44.06
CA THR A 302 -2.73 23.49 43.68
C THR A 302 -2.77 23.72 42.17
N PRO A 303 -2.65 24.96 41.72
CA PRO A 303 -2.80 25.26 40.28
C PRO A 303 -1.80 24.54 39.37
N CYS A 304 -0.89 23.71 39.89
CA CYS A 304 -0.02 22.88 39.08
C CYS A 304 0.78 23.74 38.09
N LEU A 305 1.66 24.57 38.66
CA LEU A 305 2.50 25.45 37.86
C LEU A 305 3.33 24.63 36.89
N GLY A 306 3.05 24.78 35.60
CA GLY A 306 3.70 23.98 34.58
C GLY A 306 3.24 22.54 34.68
N PRO A 307 3.97 21.63 34.06
CA PRO A 307 3.69 20.20 34.26
C PRO A 307 3.86 19.82 35.72
N CYS A 308 2.98 18.96 36.21
CA CYS A 308 3.08 18.46 37.56
C CYS A 308 3.04 16.92 37.57
N PRO A 309 3.76 16.29 38.49
CA PRO A 309 4.22 14.91 38.24
C PRO A 309 3.11 13.90 38.03
N LYS A 310 1.98 14.03 38.72
CA LYS A 310 0.99 12.95 38.80
C LYS A 310 1.67 11.67 39.30
N VAL A 311 2.09 11.74 40.57
CA VAL A 311 2.86 10.65 41.16
C VAL A 311 2.11 9.33 40.99
N CYS A 312 2.89 8.26 40.80
CA CYS A 312 2.35 6.96 40.39
C CYS A 312 2.91 5.91 41.35
N HIS A 313 2.19 5.66 42.43
CA HIS A 313 2.66 4.75 43.46
C HIS A 313 2.63 3.32 42.95
N LEU A 314 3.77 2.63 43.06
CA LEU A 314 3.88 1.27 42.56
C LEU A 314 3.24 0.28 43.53
N LEU A 315 2.52 -0.69 42.98
CA LEU A 315 1.97 -1.77 43.78
C LEU A 315 3.04 -2.80 44.10
N GLU A 316 2.89 -3.45 45.25
CA GLU A 316 3.76 -4.52 45.74
C GLU A 316 5.16 -4.02 46.10
N GLY A 317 5.47 -2.75 45.85
CA GLY A 317 6.79 -2.23 46.12
C GLY A 317 7.79 -2.54 45.03
N GLU A 318 7.55 -3.63 44.30
CA GLU A 318 8.42 -4.06 43.22
C GLU A 318 7.57 -4.45 42.01
N LYS A 319 8.18 -4.36 40.84
CA LYS A 319 7.49 -4.74 39.61
C LYS A 319 8.53 -5.13 38.56
N THR A 320 8.12 -6.03 37.67
CA THR A 320 8.95 -6.46 36.55
C THR A 320 8.25 -6.08 35.26
N ILE A 321 9.03 -5.67 34.26
CA ILE A 321 8.51 -5.25 32.97
C ILE A 321 9.10 -6.14 31.90
N ASP A 322 8.25 -6.76 31.10
CA ASP A 322 8.70 -7.70 30.08
C ASP A 322 8.09 -7.50 28.70
N SER A 323 6.93 -6.85 28.59
CA SER A 323 6.26 -6.71 27.30
C SER A 323 5.60 -5.34 27.24
N VAL A 324 4.83 -5.11 26.18
CA VAL A 324 4.14 -3.83 26.02
C VAL A 324 3.12 -3.63 27.13
N THR A 325 2.33 -4.67 27.40
CA THR A 325 1.23 -4.54 28.36
C THR A 325 1.74 -4.36 29.79
N SER A 326 2.86 -4.99 30.14
CA SER A 326 3.39 -4.87 31.49
C SER A 326 3.74 -3.43 31.82
N ALA A 327 4.09 -2.62 30.81
CA ALA A 327 4.44 -1.23 31.03
C ALA A 327 3.35 -0.26 30.60
N GLN A 328 2.33 -0.73 29.87
CA GLN A 328 1.26 0.15 29.43
C GLN A 328 0.56 0.86 30.57
N GLU A 329 0.37 0.20 31.71
CA GLU A 329 -0.26 0.84 32.86
C GLU A 329 0.58 1.97 33.43
N LEU A 330 1.89 1.98 33.14
CA LEU A 330 2.78 3.02 33.63
C LEU A 330 2.79 4.25 32.74
N ARG A 331 2.02 4.26 31.66
CA ARG A 331 2.01 5.41 30.77
C ARG A 331 1.45 6.63 31.48
N GLY A 332 2.19 7.73 31.43
CA GLY A 332 1.84 8.95 32.15
C GLY A 332 2.43 9.05 33.53
N CYS A 333 2.87 7.93 34.13
CA CYS A 333 3.50 7.98 35.43
C CYS A 333 4.87 8.64 35.32
N THR A 334 5.23 9.42 36.34
CA THR A 334 6.49 10.16 36.35
C THR A 334 7.36 9.85 37.55
N VAL A 335 6.77 9.71 38.73
CA VAL A 335 7.50 9.43 39.96
C VAL A 335 7.00 8.09 40.51
N ILE A 336 7.94 7.20 40.80
CA ILE A 336 7.63 5.85 41.27
C ILE A 336 8.09 5.72 42.71
N ASN A 337 7.20 5.23 43.56
CA ASN A 337 7.48 5.02 44.98
C ASN A 337 7.82 3.56 45.27
N GLY A 338 8.50 2.90 44.34
CA GLY A 338 8.92 1.52 44.52
C GLY A 338 10.16 1.18 43.72
N SER A 339 10.40 -0.11 43.48
CA SER A 339 11.55 -0.57 42.73
C SER A 339 11.08 -1.27 41.45
N LEU A 340 11.87 -1.12 40.40
CA LEU A 340 11.52 -1.64 39.08
C LEU A 340 12.62 -2.56 38.56
N ILE A 341 12.21 -3.58 37.81
CA ILE A 341 13.11 -4.56 37.22
C ILE A 341 12.69 -4.75 35.77
N ILE A 342 13.67 -4.78 34.86
CA ILE A 342 13.41 -4.95 33.44
C ILE A 342 14.10 -6.22 32.96
N ASN A 343 13.37 -7.02 32.17
CA ASN A 343 13.94 -8.21 31.56
C ASN A 343 13.15 -8.50 30.29
N ILE A 344 13.72 -8.15 29.14
CA ILE A 344 13.12 -8.50 27.87
C ILE A 344 13.75 -9.79 27.36
N ARG A 345 13.15 -10.92 27.72
CA ARG A 345 13.64 -12.23 27.31
C ARG A 345 13.31 -12.42 25.84
N GLY A 346 14.20 -11.89 25.00
CA GLY A 346 13.96 -11.88 23.56
C GLY A 346 13.29 -10.58 23.11
N GLY A 347 12.05 -10.67 22.68
CA GLY A 347 11.32 -9.52 22.19
C GLY A 347 11.79 -9.10 20.81
N ASN A 348 10.88 -8.56 19.99
CA ASN A 348 11.23 -8.16 18.64
C ASN A 348 11.62 -6.69 18.56
N ASN A 349 10.69 -5.79 18.87
CA ASN A 349 10.95 -4.36 18.70
C ASN A 349 10.23 -3.61 19.81
N LEU A 350 10.97 -3.24 20.86
CA LEU A 350 10.43 -2.44 21.95
C LEU A 350 11.09 -1.09 22.09
N ALA A 351 12.25 -0.88 21.47
CA ALA A 351 12.95 0.39 21.57
C ALA A 351 12.17 1.54 20.95
N ALA A 352 11.26 1.25 20.02
CA ALA A 352 10.43 2.30 19.41
C ALA A 352 9.15 2.56 20.19
N GLU A 353 8.87 1.78 21.23
CA GLU A 353 7.62 1.90 21.97
C GLU A 353 7.82 2.33 23.42
N LEU A 354 9.01 2.13 23.98
CA LEU A 354 9.26 2.48 25.37
C LEU A 354 9.12 3.98 25.61
N GLU A 355 9.62 4.80 24.69
CA GLU A 355 9.46 6.24 24.81
C GLU A 355 8.00 6.64 24.75
N ALA A 356 7.21 5.99 23.89
CA ALA A 356 5.78 6.24 23.80
C ALA A 356 5.00 5.70 25.00
N ASN A 357 5.64 4.91 25.84
CA ASN A 357 4.97 4.30 26.99
C ASN A 357 5.59 4.69 28.32
N LEU A 358 6.91 4.85 28.39
CA LEU A 358 7.57 5.18 29.65
C LEU A 358 8.67 6.23 29.49
N GLY A 359 8.79 6.87 28.33
CA GLY A 359 9.84 7.84 28.11
C GLY A 359 9.54 9.19 28.72
N LEU A 360 8.79 9.21 29.83
CA LEU A 360 8.43 10.45 30.51
C LEU A 360 8.57 10.33 32.02
N ILE A 361 9.38 9.40 32.50
CA ILE A 361 9.56 9.15 33.92
C ILE A 361 10.81 9.89 34.39
N GLU A 362 10.79 10.33 35.65
CA GLU A 362 11.88 11.15 36.17
C GLU A 362 12.46 10.64 37.47
N GLU A 363 11.61 10.14 38.37
CA GLU A 363 12.04 9.83 39.73
C GLU A 363 11.57 8.44 40.14
N ILE A 364 12.44 7.72 40.84
CA ILE A 364 12.12 6.41 41.41
C ILE A 364 12.85 6.28 42.73
N SER A 365 12.24 5.54 43.66
CA SER A 365 12.79 5.38 44.99
C SER A 365 13.50 4.05 45.22
N GLY A 366 13.07 2.98 44.56
CA GLY A 366 13.65 1.67 44.80
C GLY A 366 14.97 1.46 44.09
N TYR A 367 15.24 0.23 43.67
CA TYR A 367 16.48 -0.11 42.99
C TYR A 367 16.17 -0.66 41.61
N LEU A 368 17.07 -0.36 40.67
CA LEU A 368 16.89 -0.70 39.27
C LEU A 368 17.81 -1.88 38.93
N LYS A 369 17.23 -2.93 38.38
CA LYS A 369 17.96 -4.14 38.03
C LYS A 369 17.65 -4.53 36.59
N ILE A 370 18.69 -4.79 35.81
CA ILE A 370 18.56 -5.30 34.46
C ILE A 370 19.26 -6.64 34.38
N ARG A 371 18.56 -7.64 33.84
CA ARG A 371 19.10 -8.99 33.72
C ARG A 371 18.51 -9.63 32.49
N ARG A 372 19.25 -10.59 31.94
CA ARG A 372 18.76 -11.47 30.87
C ARG A 372 18.15 -10.71 29.69
N SER A 373 18.52 -9.44 29.52
CA SER A 373 18.02 -8.66 28.39
C SER A 373 18.72 -9.11 27.13
N TYR A 374 17.95 -9.60 26.16
CA TYR A 374 18.48 -10.20 24.95
C TYR A 374 18.78 -9.18 23.86
N ALA A 375 17.78 -8.39 23.45
CA ALA A 375 17.89 -7.51 22.30
C ALA A 375 17.96 -6.04 22.72
N LEU A 376 18.63 -5.75 23.83
CA LEU A 376 18.77 -4.39 24.32
C LEU A 376 20.16 -3.88 24.02
N VAL A 377 20.25 -2.61 23.62
CA VAL A 377 21.52 -2.03 23.23
C VAL A 377 21.82 -0.71 23.92
N SER A 378 20.81 0.02 24.41
CA SER A 378 21.03 1.32 25.03
C SER A 378 19.93 1.56 26.06
N LEU A 379 19.97 2.74 26.68
CA LEU A 379 19.01 3.13 27.70
C LEU A 379 18.43 4.50 27.39
N SER A 380 18.47 4.88 26.12
CA SER A 380 18.00 6.19 25.69
C SER A 380 16.52 6.42 25.95
N PHE A 381 15.68 5.38 25.86
CA PHE A 381 14.25 5.53 26.11
C PHE A 381 13.98 5.98 27.55
N PHE A 382 14.93 5.78 28.46
CA PHE A 382 14.89 6.46 29.75
C PHE A 382 15.39 7.88 29.52
N ARG A 383 14.46 8.81 29.32
CA ARG A 383 14.81 10.12 28.81
C ARG A 383 15.06 11.12 29.93
N LYS A 384 14.12 11.24 30.88
CA LYS A 384 14.15 12.31 31.87
C LYS A 384 14.62 11.82 33.24
N LEU A 385 15.51 10.83 33.29
CA LEU A 385 15.94 10.29 34.57
C LEU A 385 17.07 11.15 35.15
N ARG A 386 16.94 11.52 36.41
CA ARG A 386 17.92 12.40 37.03
C ARG A 386 18.42 11.88 38.37
N LEU A 387 17.56 11.17 39.11
CA LEU A 387 17.89 10.80 40.48
C LEU A 387 17.17 9.51 40.86
N ILE A 388 17.88 8.65 41.60
CA ILE A 388 17.32 7.47 42.22
C ILE A 388 17.55 7.57 43.72
N ARG A 389 16.50 7.34 44.51
CA ARG A 389 16.62 7.43 45.95
C ARG A 389 17.37 6.22 46.52
N GLY A 390 17.08 5.03 46.00
CA GLY A 390 17.64 3.83 46.57
C GLY A 390 17.25 3.60 48.00
N GLU A 391 16.01 3.94 48.37
CA GLU A 391 15.57 3.76 49.75
C GLU A 391 15.56 2.29 50.15
N THR A 392 15.14 1.41 49.24
CA THR A 392 15.25 -0.02 49.43
C THR A 392 16.39 -0.54 48.57
N LEU A 393 17.01 -1.63 49.03
CA LEU A 393 18.20 -2.17 48.37
C LEU A 393 17.98 -3.63 48.03
N GLU A 394 18.64 -4.06 46.96
CA GLU A 394 18.77 -5.48 46.67
C GLU A 394 19.68 -6.12 47.71
N ILE A 395 19.64 -7.45 47.78
CA ILE A 395 20.48 -8.17 48.74
C ILE A 395 21.93 -7.82 48.49
N GLY A 396 22.61 -7.40 49.55
CA GLY A 396 23.97 -6.88 49.44
C GLY A 396 24.06 -5.39 49.26
N ASN A 397 22.98 -4.64 49.50
CA ASN A 397 22.95 -3.18 49.37
C ASN A 397 23.35 -2.76 47.94
N TYR A 398 22.73 -3.41 46.97
CA TYR A 398 22.92 -3.09 45.56
C TYR A 398 21.75 -2.24 45.07
N SER A 399 22.08 -1.06 44.55
CA SER A 399 21.07 -0.15 44.00
C SER A 399 20.85 -0.32 42.52
N PHE A 400 21.89 -0.69 41.77
CA PHE A 400 21.79 -0.85 40.32
C PHE A 400 22.44 -2.17 39.95
N TYR A 401 21.76 -2.97 39.13
CA TYR A 401 22.17 -4.34 38.87
C TYR A 401 22.14 -4.61 37.37
N ALA A 402 23.25 -5.12 36.84
CA ALA A 402 23.34 -5.51 35.44
C ALA A 402 24.00 -6.88 35.37
N LEU A 403 23.38 -7.82 34.66
CA LEU A 403 23.88 -9.18 34.62
C LEU A 403 23.33 -9.90 33.41
N ASP A 404 24.20 -10.61 32.70
CA ASP A 404 23.81 -11.52 31.62
C ASP A 404 23.02 -10.79 30.54
N ASN A 405 23.68 -9.83 29.91
CA ASN A 405 23.09 -9.08 28.80
C ASN A 405 24.11 -9.02 27.68
N GLN A 406 23.67 -9.36 26.47
CA GLN A 406 24.59 -9.70 25.39
C GLN A 406 24.62 -8.69 24.26
N ASN A 407 23.98 -7.53 24.41
CA ASN A 407 24.05 -6.52 23.36
C ASN A 407 24.12 -5.09 23.89
N LEU A 408 24.24 -4.89 25.20
CA LEU A 408 24.26 -3.54 25.76
C LEU A 408 25.63 -2.92 25.50
N ARG A 409 25.65 -1.88 24.67
CA ARG A 409 26.89 -1.19 24.34
C ARG A 409 26.95 0.24 24.85
N GLN A 410 25.82 0.81 25.27
CA GLN A 410 25.80 2.18 25.79
C GLN A 410 24.69 2.28 26.84
N LEU A 411 24.84 3.26 27.73
CA LEU A 411 23.82 3.56 28.72
C LEU A 411 23.21 4.94 28.52
N TRP A 412 24.04 5.97 28.46
CA TRP A 412 23.53 7.33 28.26
C TRP A 412 24.60 8.19 27.61
N ASP A 413 24.20 9.41 27.27
CA ASP A 413 25.09 10.42 26.70
C ASP A 413 25.33 11.48 27.76
N TRP A 414 26.51 11.45 28.39
CA TRP A 414 26.79 12.36 29.48
C TRP A 414 27.09 13.78 29.02
N SER A 415 27.28 14.00 27.72
CA SER A 415 27.40 15.36 27.24
C SER A 415 26.10 16.13 27.43
N LYS A 416 24.96 15.44 27.40
CA LYS A 416 23.66 16.04 27.61
C LYS A 416 22.77 15.10 28.42
N HIS A 417 23.33 14.55 29.50
CA HIS A 417 22.55 13.75 30.43
C HIS A 417 23.16 13.85 31.83
N ASN A 418 22.29 13.92 32.83
CA ASN A 418 22.71 14.00 34.23
C ASN A 418 21.98 12.94 35.03
N LEU A 419 22.71 12.22 35.89
CA LEU A 419 22.13 11.19 36.73
C LEU A 419 22.83 11.19 38.07
N THR A 420 22.06 10.98 39.14
CA THR A 420 22.59 11.00 40.49
C THR A 420 22.12 9.75 41.23
N THR A 421 23.02 9.18 42.02
CA THR A 421 22.75 7.99 42.82
C THR A 421 22.95 8.32 44.29
N THR A 422 21.88 8.15 45.07
CA THR A 422 21.96 8.48 46.49
C THR A 422 22.82 7.49 47.26
N GLN A 423 22.59 6.19 47.04
CA GLN A 423 23.29 5.15 47.78
C GLN A 423 23.28 3.86 46.97
N GLY A 424 23.79 2.80 47.57
CA GLY A 424 23.77 1.49 46.98
C GLY A 424 25.05 1.13 46.26
N LYS A 425 25.01 -0.03 45.61
CA LYS A 425 26.17 -0.56 44.91
C LYS A 425 25.75 -1.03 43.52
N LEU A 426 26.63 -0.82 42.55
CA LEU A 426 26.36 -1.25 41.18
C LEU A 426 26.88 -2.66 40.97
N PHE A 427 26.29 -3.35 40.00
CA PHE A 427 26.66 -4.73 39.69
C PHE A 427 26.77 -4.88 38.18
N PHE A 428 27.99 -5.12 37.71
CA PHE A 428 28.26 -5.24 36.27
C PHE A 428 28.98 -6.57 36.07
N HIS A 429 28.23 -7.62 35.75
CA HIS A 429 28.79 -8.94 35.54
C HIS A 429 28.19 -9.57 34.30
N TYR A 430 29.02 -10.31 33.57
CA TYR A 430 28.59 -11.03 32.36
C TYR A 430 27.88 -10.09 31.39
N ASN A 431 28.54 -8.99 31.06
CA ASN A 431 28.04 -8.00 30.12
C ASN A 431 29.14 -7.75 29.09
N PRO A 432 29.40 -8.73 28.22
CA PRO A 432 30.62 -8.70 27.40
C PRO A 432 30.59 -7.74 26.23
N LYS A 433 29.62 -6.83 26.15
CA LYS A 433 29.45 -5.99 24.99
C LYS A 433 29.52 -4.50 25.33
N LEU A 434 30.22 -4.15 26.41
CA LEU A 434 30.32 -2.75 26.81
C LEU A 434 31.66 -2.53 27.49
N CYS A 435 32.39 -1.50 27.04
CA CYS A 435 33.77 -1.31 27.43
C CYS A 435 33.85 -0.73 28.85
N LEU A 436 35.01 -0.96 29.48
CA LEU A 436 35.22 -0.56 30.88
C LEU A 436 35.20 0.95 31.08
N SER A 437 35.63 1.72 30.08
CA SER A 437 35.63 3.17 30.21
C SER A 437 34.21 3.71 30.38
N GLU A 438 33.22 3.08 29.74
CA GLU A 438 31.85 3.55 29.86
C GLU A 438 31.34 3.39 31.28
N ILE A 439 31.67 2.28 31.93
CA ILE A 439 31.21 2.13 33.31
C ILE A 439 32.07 2.96 34.26
N HIS A 440 33.31 3.25 33.90
CA HIS A 440 34.06 4.27 34.64
C HIS A 440 33.35 5.61 34.57
N LYS A 441 32.86 5.98 33.39
CA LYS A 441 32.05 7.19 33.25
C LYS A 441 30.77 7.11 34.06
N MET A 442 30.15 5.93 34.10
CA MET A 442 29.00 5.72 34.98
C MET A 442 29.35 6.11 36.41
N GLU A 443 30.45 5.58 36.92
CA GLU A 443 30.87 5.86 38.29
C GLU A 443 31.15 7.34 38.49
N GLU A 444 31.84 7.97 37.54
CA GLU A 444 32.19 9.39 37.69
C GLU A 444 30.96 10.29 37.67
N VAL A 445 29.98 10.02 36.82
CA VAL A 445 28.80 10.87 36.80
C VAL A 445 27.86 10.54 37.95
N SER A 446 27.95 9.33 38.49
CA SER A 446 27.08 8.92 39.59
C SER A 446 27.62 9.50 40.90
N GLY A 447 26.86 9.30 41.98
CA GLY A 447 27.30 9.80 43.28
C GLY A 447 28.42 9.01 43.91
N THR A 448 28.47 7.71 43.63
CA THR A 448 29.50 6.86 44.20
C THR A 448 30.84 7.05 43.48
N LYS A 449 31.92 7.03 44.24
CA LYS A 449 33.27 7.17 43.72
C LYS A 449 34.21 6.08 44.18
N GLY A 450 34.08 5.61 45.42
CA GLY A 450 34.96 4.59 45.95
C GLY A 450 34.23 3.48 46.69
N ARG A 451 32.90 3.50 46.62
CA ARG A 451 32.07 2.49 47.27
C ARG A 451 32.09 1.23 46.40
N GLN A 452 33.19 0.49 46.48
CA GLN A 452 33.38 -0.74 45.70
C GLN A 452 33.36 -1.93 46.63
N GLU A 453 32.69 -3.00 46.18
CA GLU A 453 32.51 -4.18 47.04
C GLU A 453 33.82 -4.93 47.24
N ARG A 454 34.60 -5.11 46.19
CA ARG A 454 35.84 -5.91 46.25
C ARG A 454 35.54 -7.32 46.77
N ASN A 455 34.85 -8.09 45.93
CA ASN A 455 34.76 -7.88 44.49
C ASN A 455 33.55 -7.04 44.07
N ASP A 456 33.84 -5.90 43.45
CA ASP A 456 32.85 -5.00 42.88
C ASP A 456 32.40 -5.51 41.51
N ILE A 457 31.80 -4.62 40.72
CA ILE A 457 31.43 -4.89 39.34
C ILE A 457 32.57 -5.63 38.63
N ALA A 458 32.22 -6.66 37.86
CA ALA A 458 33.22 -7.50 37.20
C ALA A 458 33.98 -6.68 36.16
N LEU A 459 35.30 -6.80 36.18
CA LEU A 459 36.16 -6.06 35.27
C LEU A 459 36.68 -6.89 34.11
N LYS A 460 36.50 -8.21 34.15
CA LYS A 460 37.02 -9.09 33.12
C LYS A 460 35.95 -9.71 32.24
N THR A 461 34.78 -10.02 32.80
CA THR A 461 33.70 -10.63 32.04
C THR A 461 32.86 -9.62 31.28
N ASN A 462 33.13 -8.32 31.46
CA ASN A 462 32.35 -7.27 30.82
C ASN A 462 33.20 -6.55 29.80
N GLY A 463 32.74 -6.53 28.55
CA GLY A 463 33.46 -5.88 27.48
C GLY A 463 34.59 -6.68 26.88
N ASP A 464 34.84 -7.89 27.39
CA ASP A 464 35.90 -8.72 26.84
C ASP A 464 35.64 -9.14 25.39
N LYS A 465 34.40 -9.52 25.09
CA LYS A 465 34.05 -9.94 23.74
C LYS A 465 33.94 -8.77 22.76
N ALA A 466 33.67 -7.57 23.25
CA ALA A 466 33.50 -6.39 22.41
C ALA A 466 34.81 -5.63 22.36
N SER A 467 35.32 -5.43 21.15
CA SER A 467 36.60 -4.73 20.96
C SER A 467 36.34 -3.22 20.98
N CYS A 468 36.25 -2.65 22.18
CA CYS A 468 36.08 -1.21 22.32
C CYS A 468 37.34 -0.50 21.86
N GLU A 469 37.16 0.52 21.02
CA GLU A 469 38.25 1.22 20.39
C GLU A 469 38.61 2.48 21.17
N ASN A 470 39.81 3.00 20.89
CA ASN A 470 40.32 4.18 21.58
C ASN A 470 40.93 5.21 20.64
N GLU A 471 40.68 5.10 19.34
CA GLU A 471 41.34 5.95 18.35
C GLU A 471 40.31 6.68 17.51
N LEU A 472 40.59 7.96 17.24
CA LEU A 472 39.69 8.82 16.49
C LEU A 472 40.12 8.89 15.03
N LEU A 473 39.21 9.34 14.19
CA LEU A 473 39.46 9.55 12.77
C LEU A 473 38.94 10.92 12.37
N LYS A 474 39.68 11.62 11.52
CA LYS A 474 39.33 12.95 11.05
C LYS A 474 39.33 13.01 9.54
N PHE A 475 38.53 13.93 9.00
CA PHE A 475 38.37 14.10 7.57
C PHE A 475 39.59 14.80 6.97
N SER A 476 39.66 14.80 5.64
CA SER A 476 40.69 15.52 4.92
C SER A 476 40.14 16.58 3.98
N TYR A 477 39.14 16.24 3.17
CA TYR A 477 38.52 17.20 2.26
C TYR A 477 37.06 16.88 2.05
N ILE A 478 36.25 17.92 1.94
CA ILE A 478 34.81 17.81 1.69
C ILE A 478 34.50 18.54 0.40
N ARG A 479 33.59 17.98 -0.40
CA ARG A 479 33.18 18.55 -1.66
C ARG A 479 31.66 18.64 -1.69
N THR A 480 31.14 19.72 -2.28
CA THR A 480 29.71 19.90 -2.39
C THR A 480 29.30 20.06 -3.85
N SER A 481 28.08 19.61 -4.15
CA SER A 481 27.46 19.79 -5.45
C SER A 481 25.95 19.75 -5.24
N PHE A 482 25.20 19.75 -6.34
CA PHE A 482 23.75 19.73 -6.22
C PHE A 482 23.22 18.37 -5.81
N ASP A 483 23.89 17.29 -6.19
CA ASP A 483 23.39 15.95 -5.88
C ASP A 483 24.46 15.01 -5.35
N LYS A 484 25.74 15.29 -5.62
CA LYS A 484 26.81 14.36 -5.30
C LYS A 484 27.75 14.98 -4.27
N ILE A 485 28.09 14.19 -3.26
CA ILE A 485 29.05 14.60 -2.25
C ILE A 485 30.27 13.69 -2.34
N LEU A 486 31.43 14.24 -2.01
CA LEU A 486 32.68 13.48 -2.06
C LEU A 486 33.33 13.51 -0.68
N LEU A 487 33.80 12.34 -0.25
CA LEU A 487 34.47 12.20 1.04
C LEU A 487 35.83 11.56 0.84
N ARG A 488 36.79 11.98 1.66
CA ARG A 488 38.11 11.34 1.72
C ARG A 488 38.76 11.74 3.03
N TRP A 489 39.11 10.76 3.86
CA TRP A 489 39.61 11.02 5.20
C TRP A 489 41.10 10.71 5.27
N GLU A 490 41.69 11.09 6.40
CA GLU A 490 43.10 10.83 6.64
C GLU A 490 43.32 9.32 6.79
N PRO A 491 44.33 8.77 6.12
CA PRO A 491 44.49 7.31 6.09
C PRO A 491 44.92 6.76 7.44
N TYR A 492 44.72 5.45 7.60
CA TYR A 492 45.00 4.77 8.85
C TYR A 492 45.60 3.42 8.58
N TRP A 493 46.41 2.95 9.53
CA TRP A 493 46.93 1.59 9.53
C TRP A 493 46.95 1.06 10.95
N PRO A 494 46.51 -0.17 11.16
CA PRO A 494 46.57 -0.78 12.48
C PRO A 494 48.00 -1.10 12.86
N PRO A 495 48.26 -1.54 14.10
CA PRO A 495 49.60 -2.03 14.44
C PRO A 495 50.07 -3.15 13.52
N ASP A 496 49.17 -4.03 13.10
CA ASP A 496 49.43 -4.99 12.04
C ASP A 496 48.62 -4.59 10.82
N PHE A 497 49.27 -3.94 9.86
CA PHE A 497 48.58 -3.49 8.65
C PHE A 497 48.03 -4.66 7.84
N ARG A 498 48.57 -5.87 8.00
CA ARG A 498 47.97 -7.04 7.36
C ARG A 498 46.60 -7.33 7.95
N ASP A 499 46.44 -7.15 9.26
CA ASP A 499 45.16 -7.39 9.92
C ASP A 499 44.31 -6.13 9.78
N LEU A 500 43.47 -6.13 8.75
CA LEU A 500 42.57 -5.01 8.49
C LEU A 500 41.54 -5.46 7.46
N LEU A 501 40.29 -5.08 7.69
CA LEU A 501 39.19 -5.49 6.82
C LEU A 501 38.55 -4.32 6.07
N GLY A 502 38.81 -3.08 6.49
CA GLY A 502 38.26 -1.94 5.80
C GLY A 502 37.41 -1.06 6.69
N PHE A 503 36.57 -0.23 6.08
CA PHE A 503 35.74 0.73 6.82
C PHE A 503 34.30 0.64 6.35
N MET A 504 33.39 1.03 7.23
CA MET A 504 31.97 1.16 6.93
C MET A 504 31.57 2.62 7.04
N LEU A 505 30.78 3.09 6.07
CA LEU A 505 30.37 4.49 6.00
C LEU A 505 28.87 4.59 6.28
N PHE A 506 28.52 4.74 7.55
CA PHE A 506 27.13 4.90 7.94
C PHE A 506 26.70 6.34 7.75
N TYR A 507 25.48 6.53 7.25
CA TYR A 507 24.97 7.86 6.98
C TYR A 507 23.45 7.87 7.08
N LYS A 508 22.90 9.06 7.26
CA LYS A 508 21.48 9.33 7.04
C LYS A 508 21.26 10.84 7.14
N GLU A 509 20.23 11.30 6.45
CA GLU A 509 19.87 12.71 6.50
C GLU A 509 19.33 13.07 7.88
N ALA A 510 19.38 14.37 8.18
CA ALA A 510 18.92 14.85 9.48
C ALA A 510 18.47 16.30 9.39
N PRO A 511 17.18 16.59 9.58
CA PRO A 511 16.73 17.98 9.64
C PRO A 511 17.10 18.69 10.93
N TYR A 512 17.71 17.98 11.88
CA TYR A 512 18.09 18.57 13.15
C TYR A 512 19.52 18.16 13.49
N GLN A 513 19.94 18.40 14.73
CA GLN A 513 21.27 17.96 15.18
C GLN A 513 21.20 17.07 16.41
N ASN A 514 20.00 16.73 16.87
CA ASN A 514 19.85 15.80 17.99
C ASN A 514 19.88 14.35 17.50
N VAL A 515 20.92 14.02 16.75
CA VAL A 515 21.06 12.69 16.15
C VAL A 515 21.72 11.77 17.16
N THR A 516 21.16 10.56 17.28
CA THR A 516 21.72 9.58 18.20
C THR A 516 23.09 9.11 17.73
N GLU A 517 23.95 8.82 18.70
CA GLU A 517 25.20 8.11 18.42
C GLU A 517 24.86 6.69 17.97
N PHE A 518 25.88 5.96 17.51
CA PHE A 518 25.64 4.61 17.04
C PHE A 518 25.09 3.79 18.20
N ASP A 519 23.78 3.54 18.16
CA ASP A 519 23.10 2.81 19.22
C ASP A 519 23.20 1.31 19.05
N GLY A 520 23.88 0.84 18.01
CA GLY A 520 24.05 -0.58 17.78
C GLY A 520 22.74 -1.30 17.51
N GLN A 521 21.91 -0.73 16.64
CA GLN A 521 20.63 -1.35 16.31
C GLN A 521 20.89 -2.62 15.51
N ASP A 522 20.88 -3.76 16.21
CA ASP A 522 21.17 -5.04 15.61
C ASP A 522 19.96 -5.97 15.55
N ALA A 523 19.06 -5.90 16.53
CA ALA A 523 17.83 -6.69 16.50
C ALA A 523 16.78 -6.02 15.63
N CYS A 524 15.54 -6.45 15.76
CA CYS A 524 14.45 -5.88 14.99
C CYS A 524 14.29 -4.41 15.37
N GLY A 525 13.87 -3.59 14.41
CA GLY A 525 13.67 -2.20 14.72
C GLY A 525 13.46 -1.37 13.45
N SER A 526 13.51 -0.06 13.64
CA SER A 526 13.22 0.90 12.59
C SER A 526 14.42 1.07 11.67
N ASN A 527 14.38 2.12 10.85
CA ASN A 527 15.46 2.42 9.93
C ASN A 527 16.78 2.57 10.67
N SER A 528 17.71 1.66 10.38
CA SER A 528 19.07 1.75 10.91
C SER A 528 19.87 2.72 10.05
N TRP A 529 21.18 2.74 10.26
CA TRP A 529 22.05 3.57 9.43
C TRP A 529 22.40 2.82 8.16
N THR A 530 21.71 3.13 7.06
CA THR A 530 22.04 2.54 5.78
C THR A 530 23.49 2.85 5.42
N VAL A 531 24.18 1.85 4.88
CA VAL A 531 25.64 1.86 4.85
C VAL A 531 26.13 1.02 3.68
N VAL A 532 27.30 1.41 3.16
CA VAL A 532 28.04 0.61 2.19
C VAL A 532 29.45 0.42 2.74
N ASP A 533 30.17 -0.54 2.15
CA ASP A 533 31.53 -0.83 2.57
C ASP A 533 32.53 -0.25 1.58
N ILE A 534 33.79 -0.19 2.01
CA ILE A 534 34.88 0.34 1.19
C ILE A 534 36.02 -0.67 1.20
N ASP A 535 36.68 -0.81 0.06
CA ASP A 535 37.85 -1.67 -0.02
C ASP A 535 39.00 -1.06 0.76
N PRO A 536 39.83 -1.87 1.42
CA PRO A 536 41.01 -1.33 2.09
C PRO A 536 41.95 -0.66 1.10
N PRO A 537 42.64 0.39 1.50
CA PRO A 537 43.50 1.13 0.57
C PRO A 537 44.77 0.35 0.28
N LEU A 538 45.42 0.72 -0.82
CA LEU A 538 46.65 0.07 -1.26
C LEU A 538 47.84 0.61 -0.47
N ARG A 539 48.68 -0.30 0.00
CA ARG A 539 49.90 0.10 0.69
C ARG A 539 50.85 0.76 -0.29
N SER A 540 51.45 1.88 0.13
CA SER A 540 52.36 2.62 -0.72
C SER A 540 53.78 2.72 -0.17
N ASN A 541 54.00 2.41 1.11
CA ASN A 541 55.31 2.50 1.74
C ASN A 541 55.88 3.92 1.68
N ASP A 542 55.00 4.91 1.54
CA ASP A 542 55.42 6.28 1.36
C ASP A 542 54.70 7.20 2.34
N PRO A 543 55.41 8.13 2.97
CA PRO A 543 54.72 9.13 3.80
C PRO A 543 53.76 9.99 3.00
N LYS A 544 54.23 10.61 1.92
CA LYS A 544 53.38 11.36 1.01
C LYS A 544 52.90 10.42 -0.09
N SER A 545 51.59 10.20 -0.15
CA SER A 545 51.00 9.31 -1.14
C SER A 545 49.50 9.55 -1.17
N GLN A 546 48.81 8.77 -1.99
CA GLN A 546 47.36 8.85 -2.13
C GLN A 546 46.66 7.87 -1.20
N ASN A 547 47.28 7.58 -0.06
CA ASN A 547 46.69 6.63 0.89
C ASN A 547 45.39 7.13 1.48
N HIS A 548 45.07 8.41 1.35
CA HIS A 548 43.79 8.94 1.79
C HIS A 548 42.65 8.22 1.08
N PRO A 549 41.88 7.39 1.75
CA PRO A 549 40.81 6.64 1.06
C PRO A 549 39.52 7.42 1.00
N GLY A 550 38.87 7.42 -0.16
CA GLY A 550 37.63 8.13 -0.35
C GLY A 550 36.50 7.22 -0.83
N TRP A 551 35.32 7.82 -0.94
CA TRP A 551 34.14 7.13 -1.45
C TRP A 551 33.15 8.17 -1.93
N LEU A 552 32.29 7.76 -2.87
CA LEU A 552 31.32 8.66 -3.49
C LEU A 552 29.91 8.31 -3.06
N MET A 553 29.10 9.34 -2.82
CA MET A 553 27.66 9.19 -2.68
C MET A 553 26.97 9.89 -3.84
N ARG A 554 25.99 9.21 -4.44
CA ARG A 554 25.39 9.68 -5.69
C ARG A 554 23.92 10.06 -5.54
N GLY A 555 23.08 9.13 -5.10
CA GLY A 555 21.65 9.38 -5.06
C GLY A 555 21.19 10.18 -3.87
N LEU A 556 21.35 11.50 -3.91
CA LEU A 556 21.04 12.37 -2.79
C LEU A 556 19.88 13.29 -3.16
N LYS A 557 19.12 13.69 -2.16
CA LYS A 557 18.07 14.69 -2.38
C LYS A 557 18.64 16.08 -2.12
N PRO A 558 18.53 17.00 -3.08
CA PRO A 558 19.25 18.28 -2.96
C PRO A 558 18.72 19.13 -1.82
N TRP A 559 19.60 20.01 -1.34
CA TRP A 559 19.29 20.96 -0.27
C TRP A 559 18.77 20.24 0.98
N THR A 560 19.62 19.38 1.53
CA THR A 560 19.27 18.58 2.69
C THR A 560 20.50 18.32 3.54
N GLN A 561 20.38 18.53 4.84
CA GLN A 561 21.47 18.25 5.76
C GLN A 561 21.63 16.74 5.91
N TYR A 562 22.88 16.28 5.99
CA TYR A 562 23.18 14.85 6.05
C TYR A 562 24.29 14.60 7.04
N ALA A 563 24.07 13.64 7.94
CA ALA A 563 25.06 13.25 8.94
C ALA A 563 25.73 11.94 8.55
N ILE A 564 27.05 11.89 8.71
CA ILE A 564 27.84 10.75 8.30
C ILE A 564 28.90 10.46 9.35
N PHE A 565 29.41 9.23 9.35
CA PHE A 565 30.62 8.88 10.08
C PHE A 565 31.12 7.55 9.53
N VAL A 566 32.38 7.24 9.82
CA VAL A 566 33.04 6.06 9.29
C VAL A 566 33.57 5.23 10.44
N LYS A 567 33.49 3.91 10.30
CA LYS A 567 33.94 2.97 11.32
C LYS A 567 34.84 1.92 10.70
N THR A 568 35.94 1.63 11.38
CA THR A 568 36.89 0.64 10.90
C THR A 568 36.34 -0.77 11.09
N LEU A 569 37.14 -1.77 10.70
CA LEU A 569 36.73 -3.16 10.85
C LEU A 569 37.98 -4.04 10.81
N VAL A 570 37.99 -5.05 11.68
CA VAL A 570 39.14 -5.94 11.81
C VAL A 570 38.64 -7.30 12.30
N THR A 571 39.44 -8.34 12.05
CA THR A 571 39.08 -9.69 12.46
C THR A 571 39.15 -9.84 13.97
N PHE A 572 38.60 -10.94 14.45
CA PHE A 572 38.64 -11.29 15.87
C PHE A 572 39.62 -12.45 16.08
N SER A 573 40.53 -12.28 17.04
CA SER A 573 41.54 -13.28 17.31
C SER A 573 41.86 -13.27 18.79
N ASP A 574 42.96 -13.95 19.16
CA ASP A 574 43.32 -14.09 20.56
C ASP A 574 43.89 -12.80 21.14
N GLU A 575 44.71 -12.07 20.40
CA GLU A 575 45.33 -10.87 20.93
C GLU A 575 44.29 -9.79 21.16
N ARG A 576 44.40 -9.10 22.30
CA ARG A 576 43.53 -7.97 22.61
C ARG A 576 44.20 -6.65 22.23
N ARG A 577 44.36 -6.47 20.92
CA ARG A 577 44.93 -5.27 20.35
C ARG A 577 44.25 -5.05 19.01
N THR A 578 44.62 -3.98 18.31
CA THR A 578 44.00 -3.61 17.03
C THR A 578 42.50 -3.43 17.22
N TYR A 579 42.14 -2.52 18.12
CA TYR A 579 40.74 -2.25 18.38
C TYR A 579 40.11 -1.42 17.26
N GLY A 580 40.93 -0.94 16.33
CA GLY A 580 40.43 -0.14 15.23
C GLY A 580 40.38 1.32 15.58
N ALA A 581 39.48 2.07 14.93
CA ALA A 581 39.31 3.48 15.20
C ALA A 581 37.90 3.88 14.80
N LYS A 582 37.47 5.04 15.33
CA LYS A 582 36.13 5.55 15.04
C LYS A 582 36.20 7.05 14.87
N SER A 583 35.65 7.55 13.77
CA SER A 583 35.58 8.98 13.53
C SER A 583 34.52 9.63 14.40
N ASP A 584 34.31 10.92 14.18
CA ASP A 584 33.26 11.67 14.86
C ASP A 584 32.20 12.12 13.85
N ILE A 585 30.96 12.19 14.31
CA ILE A 585 29.85 12.55 13.46
C ILE A 585 29.81 14.06 13.28
N ILE A 586 29.57 14.50 12.05
CA ILE A 586 29.43 15.91 11.71
C ILE A 586 28.18 16.08 10.87
N TYR A 587 27.93 17.32 10.45
CA TYR A 587 26.76 17.66 9.64
C TYR A 587 27.20 18.37 8.38
N VAL A 588 26.63 17.97 7.24
CA VAL A 588 26.91 18.60 5.95
C VAL A 588 25.62 18.63 5.15
N GLN A 589 25.26 19.79 4.62
CA GLN A 589 24.06 19.96 3.82
C GLN A 589 24.40 19.95 2.34
N THR A 590 23.46 19.47 1.53
CA THR A 590 23.62 19.48 0.08
C THR A 590 23.23 20.84 -0.49
N ASP A 591 23.65 21.07 -1.73
CA ASP A 591 23.35 22.31 -2.42
C ASP A 591 21.94 22.27 -3.00
N ALA A 592 21.48 23.42 -3.48
CA ALA A 592 20.19 23.57 -4.12
C ALA A 592 20.35 23.73 -5.62
N THR A 593 19.24 23.61 -6.34
CA THR A 593 19.26 23.65 -7.80
C THR A 593 17.95 24.29 -8.27
N ASN A 594 17.63 24.09 -9.54
CA ASN A 594 16.39 24.63 -10.08
C ASN A 594 15.19 24.09 -9.28
N PRO A 595 14.21 24.93 -8.98
CA PRO A 595 13.06 24.46 -8.20
C PRO A 595 12.08 23.68 -9.04
N SER A 596 10.98 23.23 -8.44
CA SER A 596 9.94 22.54 -9.18
C SER A 596 8.97 23.56 -9.78
N VAL A 597 8.04 23.05 -10.58
CA VAL A 597 7.04 23.89 -11.24
C VAL A 597 6.00 24.32 -10.19
N PRO A 598 5.41 25.51 -10.32
CA PRO A 598 4.28 25.86 -9.45
C PRO A 598 3.11 24.92 -9.69
N LEU A 599 2.11 25.04 -8.81
CA LEU A 599 0.97 24.13 -8.84
C LEU A 599 -0.32 24.92 -9.01
N ASP A 600 -1.26 24.32 -9.75
CA ASP A 600 -2.64 24.72 -10.04
C ASP A 600 -2.83 26.23 -10.10
N PRO A 601 -2.30 26.90 -11.13
CA PRO A 601 -2.56 28.33 -11.30
C PRO A 601 -3.99 28.55 -11.78
N ILE A 602 -4.83 29.10 -10.91
CA ILE A 602 -6.25 29.27 -11.18
C ILE A 602 -6.50 30.75 -11.46
N SER A 603 -7.04 31.04 -12.64
CA SER A 603 -7.36 32.40 -13.04
C SER A 603 -8.87 32.53 -13.21
N VAL A 604 -9.44 33.59 -12.64
CA VAL A 604 -10.87 33.84 -12.67
C VAL A 604 -11.10 35.29 -13.07
N SER A 605 -12.09 35.53 -13.93
CA SER A 605 -12.44 36.88 -14.37
C SER A 605 -13.79 37.26 -13.76
N ASN A 606 -13.84 38.46 -13.16
CA ASN A 606 -15.07 39.00 -12.60
C ASN A 606 -15.59 40.20 -13.37
N SER A 607 -14.72 41.12 -13.76
CA SER A 607 -15.09 42.29 -14.53
C SER A 607 -14.37 42.29 -15.88
N SER A 608 -14.75 43.23 -16.74
CA SER A 608 -14.17 43.33 -18.07
C SER A 608 -12.72 43.79 -18.05
N SER A 609 -12.23 44.32 -16.93
CA SER A 609 -10.85 44.76 -16.82
C SER A 609 -10.12 44.19 -15.62
N GLN A 610 -10.76 43.32 -14.85
CA GLN A 610 -10.13 42.71 -13.68
C GLN A 610 -9.97 41.21 -13.93
N ILE A 611 -8.74 40.72 -13.79
CA ILE A 611 -8.45 39.30 -13.95
C ILE A 611 -7.48 38.88 -12.84
N ILE A 612 -7.92 37.96 -11.98
CA ILE A 612 -7.14 37.49 -10.85
C ILE A 612 -6.63 36.09 -11.16
N LEU A 613 -5.39 35.81 -10.78
CA LEU A 613 -4.79 34.50 -10.93
C LEU A 613 -4.15 34.08 -9.62
N LYS A 614 -4.43 32.85 -9.18
CA LYS A 614 -3.87 32.29 -7.96
C LYS A 614 -3.32 30.91 -8.23
N TRP A 615 -2.22 30.57 -7.56
CA TRP A 615 -1.58 29.28 -7.76
C TRP A 615 -1.16 28.68 -6.43
N LYS A 616 -0.34 27.64 -6.47
CA LYS A 616 0.17 26.99 -5.27
C LYS A 616 1.70 26.97 -5.30
N PRO A 617 2.36 27.08 -4.15
CA PRO A 617 3.81 27.07 -4.14
C PRO A 617 4.33 25.77 -4.73
N PRO A 618 5.50 25.81 -5.37
CA PRO A 618 6.01 24.62 -6.04
C PRO A 618 6.28 23.48 -5.07
N SER A 619 6.11 22.26 -5.58
CA SER A 619 6.26 21.07 -4.74
C SER A 619 7.67 20.95 -4.19
N ASP A 620 8.68 21.22 -5.02
CA ASP A 620 10.07 21.13 -4.60
C ASP A 620 10.73 22.48 -4.75
N PRO A 621 10.72 23.33 -3.72
CA PRO A 621 11.37 24.65 -3.85
C PRO A 621 12.88 24.57 -4.03
N ASN A 622 13.52 23.56 -3.45
CA ASN A 622 14.97 23.40 -3.53
C ASN A 622 15.68 24.66 -3.03
N GLY A 623 15.51 24.92 -1.74
CA GLY A 623 16.03 26.13 -1.12
C GLY A 623 14.97 27.22 -1.05
N ASN A 624 15.33 28.28 -0.34
CA ASN A 624 14.41 29.41 -0.16
C ASN A 624 14.25 30.15 -1.48
N ILE A 625 13.13 29.92 -2.16
CA ILE A 625 12.84 30.60 -3.41
C ILE A 625 12.62 32.09 -3.12
N THR A 626 13.15 32.93 -4.01
CA THR A 626 13.12 34.36 -3.76
C THR A 626 11.77 34.97 -4.11
N HIS A 627 11.24 34.67 -5.29
CA HIS A 627 10.02 35.33 -5.76
C HIS A 627 9.36 34.42 -6.80
N TYR A 628 8.41 34.99 -7.52
CA TYR A 628 7.77 34.32 -8.63
C TYR A 628 7.88 35.20 -9.87
N LEU A 629 8.05 34.57 -11.03
CA LEU A 629 8.14 35.26 -12.30
C LEU A 629 6.86 35.01 -13.09
N VAL A 630 6.28 36.08 -13.63
CA VAL A 630 4.99 36.01 -14.31
C VAL A 630 5.15 36.55 -15.72
N PHE A 631 4.28 36.07 -16.61
CA PHE A 631 4.23 36.52 -17.99
C PHE A 631 2.86 36.19 -18.56
N TRP A 632 2.39 37.01 -19.49
CA TRP A 632 1.09 36.81 -20.12
C TRP A 632 1.22 37.12 -21.61
N GLU A 633 0.10 37.03 -22.31
CA GLU A 633 0.07 37.34 -23.75
C GLU A 633 -1.37 37.58 -24.17
N ARG A 634 -1.59 38.64 -24.95
CA ARG A 634 -2.91 38.93 -25.47
C ARG A 634 -3.17 38.05 -26.68
N GLN A 635 -4.03 37.05 -26.51
CA GLN A 635 -4.31 36.11 -27.59
C GLN A 635 -5.12 36.79 -28.70
N ALA A 636 -5.18 36.12 -29.85
CA ALA A 636 -5.85 36.64 -31.03
C ALA A 636 -7.08 35.79 -31.31
N GLU A 637 -7.97 36.34 -32.15
CA GLU A 637 -9.22 35.67 -32.48
C GLU A 637 -9.03 34.77 -33.70
N ASP A 638 -10.02 33.90 -33.91
CA ASP A 638 -10.02 33.00 -35.05
C ASP A 638 -10.39 33.75 -36.32
N SER A 639 -9.47 33.79 -37.28
CA SER A 639 -9.72 34.49 -38.53
C SER A 639 -10.58 33.69 -39.49
N GLU A 640 -10.70 32.38 -39.29
CA GLU A 640 -11.52 31.55 -40.17
C GLU A 640 -13.01 31.76 -39.96
N LEU A 641 -13.43 32.25 -38.79
CA LEU A 641 -14.84 32.45 -38.52
C LEU A 641 -15.42 33.67 -39.24
N PHE A 642 -14.56 34.47 -39.89
CA PHE A 642 -15.04 35.66 -40.60
C PHE A 642 -15.94 35.32 -41.77
N GLU A 643 -15.81 34.12 -42.35
CA GLU A 643 -16.48 33.77 -43.59
C GLU A 643 -17.51 32.65 -43.38
N LEU A 644 -18.30 32.74 -42.32
CA LEU A 644 -19.31 31.74 -42.01
C LEU A 644 -20.71 32.32 -42.18
N ASP A 645 -21.57 31.57 -42.86
CA ASP A 645 -22.98 31.94 -43.00
C ASP A 645 -23.69 31.50 -41.72
N TYR A 646 -23.86 32.43 -40.80
CA TYR A 646 -24.35 32.11 -39.45
C TYR A 646 -25.84 31.84 -39.39
N CYS A 647 -26.63 32.28 -40.37
CA CYS A 647 -28.03 31.91 -40.42
C CYS A 647 -28.22 30.44 -40.76
N LEU A 648 -27.22 29.80 -41.35
CA LEU A 648 -27.18 28.34 -41.38
C LEU A 648 -26.95 27.82 -39.96
N LYS A 649 -27.51 26.65 -39.68
CA LYS A 649 -27.50 26.12 -38.32
C LYS A 649 -26.08 25.96 -37.80
N GLY A 650 -25.86 26.42 -36.57
CA GLY A 650 -24.54 26.39 -35.97
C GLY A 650 -24.01 27.77 -35.65
N LEU A 651 -23.99 28.13 -34.36
CA LEU A 651 -23.48 29.42 -33.91
C LEU A 651 -22.58 29.19 -32.71
N LYS A 652 -21.62 30.09 -32.52
CA LYS A 652 -20.60 29.95 -31.48
C LYS A 652 -20.80 30.98 -30.38
N LEU A 653 -20.43 30.60 -29.16
CA LEU A 653 -20.46 31.50 -28.02
C LEU A 653 -19.38 31.11 -27.01
N PRO A 654 -18.35 31.94 -26.85
CA PRO A 654 -17.29 31.63 -25.87
C PRO A 654 -17.63 32.15 -24.47
N SER A 655 -16.66 32.05 -23.56
CA SER A 655 -16.85 32.53 -22.20
C SER A 655 -16.23 33.91 -22.00
N HIS A 768 8.53 43.12 -25.54
CA HIS A 768 8.24 41.81 -24.95
C HIS A 768 6.89 41.84 -24.24
N ARG A 769 6.41 40.66 -23.87
CA ARG A 769 5.21 40.57 -23.06
C ARG A 769 5.51 41.09 -21.66
N PRO A 770 4.73 42.04 -21.15
CA PRO A 770 5.07 42.69 -19.88
C PRO A 770 4.95 41.73 -18.71
N PHE A 771 5.64 42.09 -17.63
CA PHE A 771 5.77 41.21 -16.48
C PHE A 771 6.00 42.04 -15.22
N GLU A 772 5.99 41.34 -14.08
CA GLU A 772 6.31 41.93 -12.79
C GLU A 772 7.03 40.89 -11.95
N LYS A 773 7.78 41.38 -10.95
CA LYS A 773 8.44 40.51 -9.98
C LYS A 773 7.56 40.42 -8.74
N VAL A 774 6.55 39.55 -8.82
CA VAL A 774 5.63 39.37 -7.71
C VAL A 774 6.35 38.64 -6.58
N VAL A 775 6.25 39.20 -5.36
CA VAL A 775 6.98 38.69 -4.22
C VAL A 775 6.04 38.53 -3.03
N ASN A 776 6.36 37.56 -2.17
CA ASN A 776 5.78 37.45 -0.83
C ASN A 776 4.26 37.29 -0.86
N LYS A 777 3.72 36.61 -1.85
CA LYS A 777 2.29 36.34 -1.91
C LYS A 777 2.06 35.10 -2.77
N GLU A 778 0.80 34.83 -3.09
CA GLU A 778 0.42 33.65 -3.84
C GLU A 778 -0.57 33.93 -4.96
N SER A 779 -1.03 35.17 -5.12
CA SER A 779 -1.97 35.52 -6.17
C SER A 779 -1.71 36.94 -6.62
N LEU A 780 -2.19 37.27 -7.81
CA LEU A 780 -2.03 38.61 -8.36
C LEU A 780 -3.14 38.89 -9.36
N VAL A 781 -3.65 40.13 -9.33
CA VAL A 781 -4.68 40.58 -10.24
C VAL A 781 -4.06 41.57 -11.22
N ILE A 782 -4.61 41.60 -12.43
CA ILE A 782 -4.11 42.45 -13.50
C ILE A 782 -5.27 43.26 -14.07
N SER A 783 -5.06 44.55 -14.27
CA SER A 783 -6.05 45.43 -14.86
C SER A 783 -5.45 46.21 -16.02
N GLY A 784 -6.28 47.04 -16.64
CA GLY A 784 -5.85 47.83 -17.79
C GLY A 784 -5.52 46.98 -18.99
N LEU A 785 -6.53 46.32 -19.55
CA LEU A 785 -6.32 45.40 -20.66
C LEU A 785 -7.56 45.39 -21.54
N ARG A 786 -7.46 44.69 -22.66
CA ARG A 786 -8.55 44.65 -23.63
C ARG A 786 -9.73 43.87 -23.07
N HIS A 787 -10.91 44.13 -23.64
CA HIS A 787 -12.15 43.52 -23.17
C HIS A 787 -12.44 42.24 -23.95
N PHE A 788 -12.86 41.20 -23.21
CA PHE A 788 -13.30 39.93 -23.81
C PHE A 788 -12.25 39.36 -24.75
N THR A 789 -11.01 39.31 -24.28
CA THR A 789 -9.89 38.82 -25.08
C THR A 789 -9.24 37.62 -24.39
N GLY A 790 -8.90 36.61 -25.19
CA GLY A 790 -8.14 35.49 -24.64
C GLY A 790 -6.73 35.89 -24.26
N TYR A 791 -6.18 35.17 -23.29
CA TYR A 791 -4.85 35.47 -22.78
C TYR A 791 -4.16 34.17 -22.37
N ARG A 792 -2.92 34.01 -22.79
CA ARG A 792 -2.10 32.88 -22.35
C ARG A 792 -1.25 33.33 -21.16
N ILE A 793 -1.37 32.61 -20.05
CA ILE A 793 -0.75 32.99 -18.78
C ILE A 793 0.28 31.94 -18.41
N GLU A 794 1.49 32.40 -18.09
CA GLU A 794 2.58 31.52 -17.69
C GLU A 794 3.30 32.12 -16.49
N LEU A 795 3.69 31.27 -15.56
CA LEU A 795 4.34 31.70 -14.33
C LEU A 795 5.46 30.72 -13.99
N GLN A 796 6.60 31.26 -13.58
CA GLN A 796 7.76 30.45 -13.20
C GLN A 796 8.09 30.66 -11.73
N ALA A 797 8.10 29.57 -10.98
CA ALA A 797 8.71 29.59 -9.66
C ALA A 797 10.23 29.62 -9.83
N CYS A 798 10.90 30.31 -8.92
CA CYS A 798 12.32 30.56 -9.13
C CYS A 798 13.01 30.81 -7.79
N ASN A 799 14.18 30.20 -7.61
CA ASN A 799 14.97 30.37 -6.40
C ASN A 799 15.75 31.68 -6.46
N GLN A 800 16.75 31.83 -5.58
CA GLN A 800 17.58 33.03 -5.58
C GLN A 800 18.06 33.37 -6.98
N ASP A 801 18.10 34.67 -7.28
CA ASP A 801 18.02 35.13 -8.65
C ASP A 801 19.32 35.74 -9.17
N THR A 802 19.86 36.78 -8.51
CA THR A 802 20.93 37.56 -9.12
C THR A 802 22.16 36.71 -9.45
N PRO A 803 22.59 35.76 -8.59
CA PRO A 803 23.58 34.78 -9.07
C PRO A 803 22.90 33.52 -9.58
N GLU A 804 23.47 32.91 -10.63
CA GLU A 804 22.95 31.69 -11.27
C GLU A 804 21.42 31.74 -11.39
N GLU A 805 20.96 32.73 -12.16
CA GLU A 805 19.54 32.94 -12.37
C GLU A 805 18.98 31.72 -13.09
N ARG A 806 18.25 30.89 -12.35
CA ARG A 806 17.68 29.66 -12.89
C ARG A 806 16.25 29.52 -12.36
N CYS A 807 15.30 29.37 -13.27
CA CYS A 807 13.88 29.28 -12.93
C CYS A 807 13.32 28.01 -13.55
N SER A 808 12.20 27.54 -12.97
CA SER A 808 11.56 26.33 -13.47
C SER A 808 10.81 26.62 -14.76
N VAL A 809 10.24 25.59 -15.37
CA VAL A 809 9.41 25.77 -16.54
C VAL A 809 8.10 26.43 -16.13
N ALA A 810 7.59 27.30 -16.99
CA ALA A 810 6.38 28.03 -16.68
C ALA A 810 5.15 27.15 -16.81
N ALA A 811 4.28 27.20 -15.81
CA ALA A 811 2.98 26.56 -15.89
C ALA A 811 2.05 27.43 -16.74
N TYR A 812 1.45 26.82 -17.76
CA TYR A 812 0.72 27.56 -18.78
C TYR A 812 -0.78 27.34 -18.62
N VAL A 813 -1.51 28.45 -18.48
CA VAL A 813 -2.97 28.44 -18.44
C VAL A 813 -3.47 29.58 -19.31
N SER A 814 -4.73 29.46 -19.72
CA SER A 814 -5.39 30.47 -20.54
C SER A 814 -6.58 31.07 -19.81
N ALA A 815 -6.86 32.34 -20.09
CA ALA A 815 -7.95 33.03 -19.43
C ALA A 815 -8.48 34.13 -20.36
N ARG A 816 -9.78 34.36 -20.30
CA ARG A 816 -10.44 35.42 -21.05
C ARG A 816 -11.21 36.30 -20.08
N THR A 817 -11.04 37.61 -20.22
CA THR A 817 -11.72 38.54 -19.33
C THR A 817 -13.18 38.71 -19.75
N MET A 818 -13.94 39.38 -18.88
CA MET A 818 -15.35 39.60 -19.14
C MET A 818 -15.53 40.57 -20.31
N PRO A 819 -16.62 40.46 -21.04
CA PRO A 819 -16.88 41.39 -22.15
C PRO A 819 -17.37 42.73 -21.63
N GLU A 820 -17.48 43.67 -22.56
CA GLU A 820 -18.02 44.99 -22.28
C GLU A 820 -19.46 45.06 -22.75
N ALA A 821 -20.31 45.68 -21.91
CA ALA A 821 -21.75 45.64 -22.15
C ALA A 821 -22.14 46.34 -23.45
N LYS A 822 -21.64 47.55 -23.68
CA LYS A 822 -22.01 48.34 -24.85
C LYS A 822 -21.23 47.93 -26.09
N ALA A 823 -20.19 47.11 -25.95
CA ALA A 823 -19.35 46.75 -27.07
C ALA A 823 -20.06 45.94 -28.14
N ASP A 824 -21.16 45.26 -27.79
CA ASP A 824 -21.87 44.42 -28.75
C ASP A 824 -22.81 45.21 -29.65
N ASP A 825 -23.51 46.19 -29.10
CA ASP A 825 -24.46 47.00 -29.87
C ASP A 825 -23.78 48.26 -30.37
N ILE A 826 -24.21 48.71 -31.55
CA ILE A 826 -23.69 49.92 -32.18
C ILE A 826 -24.82 50.91 -32.37
N VAL A 827 -24.54 52.18 -32.07
CA VAL A 827 -25.47 53.26 -32.32
C VAL A 827 -24.90 54.14 -33.42
N GLY A 828 -25.78 54.68 -34.26
CA GLY A 828 -25.36 55.51 -35.36
C GLY A 828 -26.49 55.82 -36.32
N PRO A 829 -26.20 56.62 -37.35
CA PRO A 829 -27.24 57.00 -38.32
C PRO A 829 -27.62 55.85 -39.24
N VAL A 830 -28.82 55.30 -39.06
CA VAL A 830 -29.32 54.23 -39.92
C VAL A 830 -30.15 54.90 -41.01
N THR A 831 -29.50 55.20 -42.13
CA THR A 831 -30.14 55.83 -43.28
C THR A 831 -30.50 54.78 -44.32
N HIS A 832 -31.48 55.11 -45.16
CA HIS A 832 -31.97 54.19 -46.18
C HIS A 832 -32.04 54.90 -47.53
N GLU A 833 -31.81 54.12 -48.59
CA GLU A 833 -31.94 54.60 -49.96
C GLU A 833 -32.94 53.70 -50.69
N ILE A 834 -33.90 54.32 -51.36
CA ILE A 834 -34.96 53.60 -52.06
C ILE A 834 -34.60 53.54 -53.54
N PHE A 835 -34.56 52.33 -54.09
CA PHE A 835 -34.33 52.14 -55.51
C PHE A 835 -35.65 52.03 -56.25
N GLU A 836 -35.58 52.12 -57.58
CA GLU A 836 -36.79 52.13 -58.40
C GLU A 836 -37.49 50.78 -58.36
N ASN A 837 -36.75 49.69 -58.17
CA ASN A 837 -37.32 48.34 -58.16
C ASN A 837 -37.81 47.92 -56.78
N ASN A 838 -38.12 48.87 -55.91
CA ASN A 838 -38.63 48.60 -54.56
C ASN A 838 -37.63 47.77 -53.74
N VAL A 839 -36.35 47.88 -54.06
CA VAL A 839 -35.29 47.22 -53.30
C VAL A 839 -34.58 48.31 -52.52
N VAL A 840 -34.97 48.51 -51.27
CA VAL A 840 -34.40 49.58 -50.45
C VAL A 840 -33.03 49.15 -49.95
N HIS A 841 -32.06 50.07 -50.06
CA HIS A 841 -30.71 49.83 -49.55
C HIS A 841 -30.53 50.53 -48.20
N LEU A 842 -29.65 49.96 -47.38
CA LEU A 842 -29.48 50.38 -46.00
C LEU A 842 -28.01 50.65 -45.72
N MET A 843 -27.75 51.82 -45.12
CA MET A 843 -26.42 52.18 -44.67
C MET A 843 -26.46 52.37 -43.16
N TRP A 844 -25.44 51.88 -42.47
CA TRP A 844 -25.26 52.15 -41.06
C TRP A 844 -23.80 51.93 -40.72
N GLN A 845 -23.47 52.00 -39.43
CA GLN A 845 -22.10 51.86 -38.95
C GLN A 845 -21.98 50.65 -38.06
N GLU A 846 -20.81 50.02 -38.10
CA GLU A 846 -20.51 48.82 -37.34
C GLU A 846 -19.87 49.18 -36.00
N PRO A 847 -19.95 48.29 -35.00
CA PRO A 847 -19.24 48.52 -33.74
C PRO A 847 -17.74 48.60 -33.98
N LYS A 848 -17.09 49.55 -33.32
CA LYS A 848 -15.65 49.71 -33.49
C LYS A 848 -14.89 48.65 -32.70
N GLU A 849 -15.37 48.29 -31.51
CA GLU A 849 -14.72 47.32 -30.64
C GLU A 849 -15.75 46.30 -30.17
N PRO A 850 -16.13 45.35 -31.02
CA PRO A 850 -17.11 44.34 -30.61
C PRO A 850 -16.56 43.40 -29.56
N ASN A 851 -17.47 42.80 -28.79
CA ASN A 851 -17.08 41.83 -27.79
C ASN A 851 -16.62 40.56 -28.49
N GLY A 852 -15.31 40.45 -28.71
CA GLY A 852 -14.77 39.40 -29.54
C GLY A 852 -14.82 39.79 -31.01
N LEU A 853 -16.01 39.73 -31.60
CA LEU A 853 -16.22 40.11 -32.99
C LEU A 853 -17.71 40.04 -33.30
N ILE A 854 -18.15 40.91 -34.21
CA ILE A 854 -19.51 40.82 -34.73
C ILE A 854 -19.58 39.70 -35.76
N VAL A 855 -20.65 38.90 -35.69
CA VAL A 855 -20.77 37.74 -36.57
C VAL A 855 -21.97 37.88 -37.50
N LEU A 856 -22.97 38.67 -37.08
CA LEU A 856 -24.20 38.80 -37.85
C LEU A 856 -24.96 40.02 -37.39
N TYR A 857 -25.76 40.60 -38.28
CA TYR A 857 -26.69 41.66 -37.92
C TYR A 857 -28.10 41.11 -37.97
N GLU A 858 -28.82 41.22 -36.85
CA GLU A 858 -30.21 40.74 -36.79
C GLU A 858 -31.09 41.82 -37.42
N VAL A 859 -30.93 41.99 -38.73
CA VAL A 859 -31.69 42.98 -39.48
C VAL A 859 -33.12 42.51 -39.61
N SER A 860 -34.07 43.42 -39.39
CA SER A 860 -35.48 43.09 -39.47
C SER A 860 -36.29 44.36 -39.74
N TYR A 861 -37.50 44.17 -40.24
CA TYR A 861 -38.40 45.27 -40.58
C TYR A 861 -39.81 44.96 -40.12
N ARG A 862 -40.62 45.99 -39.92
CA ARG A 862 -41.98 45.84 -39.45
C ARG A 862 -42.89 46.87 -40.11
N ARG A 863 -43.89 46.39 -40.85
CA ARG A 863 -45.01 47.22 -41.24
C ARG A 863 -46.06 47.19 -40.13
N TYR A 864 -46.83 48.27 -40.02
CA TYR A 864 -47.89 48.31 -39.03
C TYR A 864 -48.88 47.17 -39.27
N GLY A 865 -49.16 46.42 -38.20
CA GLY A 865 -49.99 45.24 -38.30
C GLY A 865 -49.27 43.99 -38.76
N ASP A 866 -47.97 44.05 -38.99
CA ASP A 866 -47.19 42.92 -39.46
C ASP A 866 -46.06 42.61 -38.48
N GLU A 867 -45.77 41.32 -38.32
CA GLU A 867 -44.83 40.85 -37.31
C GLU A 867 -43.40 41.16 -37.73
N GLU A 868 -42.46 40.93 -36.81
CA GLU A 868 -41.05 41.24 -37.04
C GLU A 868 -40.42 40.24 -38.01
N LEU A 869 -40.47 40.54 -39.30
CA LEU A 869 -39.82 39.71 -40.30
C LEU A 869 -38.33 40.04 -40.34
N HIS A 870 -37.49 39.03 -40.11
CA HIS A 870 -36.05 39.22 -40.02
C HIS A 870 -35.36 38.55 -41.19
N LEU A 871 -34.32 39.21 -41.70
CA LEU A 871 -33.48 38.65 -42.75
C LEU A 871 -32.04 38.54 -42.26
N CYS A 872 -31.14 38.10 -43.14
CA CYS A 872 -29.74 37.91 -42.78
C CYS A 872 -28.83 38.77 -43.65
N VAL A 873 -27.77 39.26 -43.02
CA VAL A 873 -26.65 39.88 -43.72
C VAL A 873 -25.37 39.37 -43.07
N SER A 874 -24.70 38.44 -43.75
CA SER A 874 -23.52 37.77 -43.21
C SER A 874 -22.38 38.77 -43.06
N ARG A 875 -21.29 38.32 -42.44
CA ARG A 875 -20.14 39.19 -42.24
C ARG A 875 -19.54 39.62 -43.58
N LYS A 876 -19.27 38.65 -44.46
CA LYS A 876 -18.72 38.99 -45.77
C LYS A 876 -19.73 39.72 -46.63
N HIS A 877 -21.02 39.39 -46.51
CA HIS A 877 -22.04 40.11 -47.26
C HIS A 877 -22.09 41.58 -46.86
N PHE A 878 -22.05 41.86 -45.56
CA PHE A 878 -22.01 43.24 -45.11
C PHE A 878 -20.71 43.93 -45.50
N ALA A 879 -19.60 43.19 -45.49
CA ALA A 879 -18.33 43.77 -45.92
C ALA A 879 -18.37 44.19 -47.39
N LEU A 880 -18.95 43.35 -48.25
CA LEU A 880 -18.97 43.65 -49.67
C LEU A 880 -20.02 44.70 -50.02
N GLU A 881 -21.15 44.70 -49.33
CA GLU A 881 -22.25 45.60 -49.69
C GLU A 881 -22.27 46.89 -48.90
N ARG A 882 -21.49 47.00 -47.83
CA ARG A 882 -21.56 48.11 -46.88
C ARG A 882 -23.00 48.33 -46.43
N GLY A 883 -23.68 47.23 -46.15
CA GLY A 883 -25.07 47.25 -45.76
C GLY A 883 -25.79 46.04 -46.31
N CYS A 884 -27.11 46.16 -46.42
CA CYS A 884 -27.95 45.09 -46.93
C CYS A 884 -29.03 45.69 -47.82
N ARG A 885 -29.97 44.85 -48.25
CA ARG A 885 -31.10 45.27 -49.06
C ARG A 885 -32.33 44.46 -48.66
N LEU A 886 -33.49 44.92 -49.12
CA LEU A 886 -34.75 44.24 -48.89
C LEU A 886 -35.46 44.13 -50.25
N ARG A 887 -35.28 42.99 -50.91
CA ARG A 887 -35.90 42.75 -52.21
C ARG A 887 -37.35 42.32 -52.02
N GLY A 888 -38.22 42.85 -52.87
CA GLY A 888 -39.64 42.53 -52.80
C GLY A 888 -40.31 43.11 -51.57
N LEU A 889 -40.40 44.43 -51.50
CA LEU A 889 -41.01 45.12 -50.37
C LEU A 889 -42.40 45.61 -50.78
N SER A 890 -43.41 45.23 -50.01
CA SER A 890 -44.76 45.68 -50.29
C SER A 890 -44.90 47.17 -49.97
N PRO A 891 -45.69 47.91 -50.75
CA PRO A 891 -45.85 49.36 -50.49
C PRO A 891 -46.54 49.59 -49.15
N GLY A 892 -45.85 50.28 -48.25
CA GLY A 892 -46.42 50.58 -46.96
C GLY A 892 -45.41 51.30 -46.08
N ASN A 893 -45.81 51.54 -44.84
CA ASN A 893 -44.96 52.21 -43.85
C ASN A 893 -44.30 51.13 -43.02
N TYR A 894 -42.98 51.01 -43.16
CA TYR A 894 -42.21 49.97 -42.50
C TYR A 894 -41.23 50.57 -41.50
N SER A 895 -40.94 49.82 -40.45
CA SER A 895 -39.97 50.20 -39.42
C SER A 895 -38.87 49.16 -39.38
N VAL A 896 -37.65 49.58 -39.68
CA VAL A 896 -36.50 48.67 -39.77
C VAL A 896 -35.69 48.79 -38.49
N ARG A 897 -35.47 47.66 -37.82
CA ARG A 897 -34.68 47.60 -36.59
C ARG A 897 -33.58 46.58 -36.76
N ILE A 898 -32.41 46.88 -36.22
CA ILE A 898 -31.22 46.04 -36.35
C ILE A 898 -30.68 45.73 -34.96
N ARG A 899 -30.34 44.47 -34.74
CA ARG A 899 -29.64 44.03 -33.53
C ARG A 899 -28.26 43.53 -33.93
N ALA A 900 -27.23 44.21 -33.44
CA ALA A 900 -25.84 43.86 -33.76
C ALA A 900 -25.46 42.66 -32.92
N THR A 901 -25.50 41.47 -33.54
CA THR A 901 -25.23 40.22 -32.84
C THR A 901 -23.75 39.90 -32.98
N SER A 902 -23.01 40.04 -31.88
CA SER A 902 -21.60 39.69 -31.86
C SER A 902 -21.44 38.24 -31.46
N LEU A 903 -20.20 37.74 -31.45
CA LEU A 903 -19.96 36.37 -31.02
C LEU A 903 -20.21 36.18 -29.54
N ALA A 904 -20.12 37.26 -28.76
CA ALA A 904 -20.42 37.17 -27.34
C ALA A 904 -21.90 36.95 -27.06
N GLY A 905 -22.75 37.12 -28.06
CA GLY A 905 -24.18 36.96 -27.90
C GLY A 905 -24.90 38.06 -28.64
N ASN A 906 -26.23 38.06 -28.49
CA ASN A 906 -27.04 39.09 -29.13
C ASN A 906 -26.82 40.44 -28.44
N GLY A 907 -26.69 41.47 -29.26
CA GLY A 907 -26.55 42.83 -28.77
C GLY A 907 -27.90 43.46 -28.51
N SER A 908 -27.90 44.79 -28.49
CA SER A 908 -29.15 45.53 -28.35
C SER A 908 -29.72 45.84 -29.73
N TRP A 909 -30.98 46.25 -29.75
CA TRP A 909 -31.64 46.65 -30.98
C TRP A 909 -31.43 48.14 -31.23
N THR A 910 -31.36 48.49 -32.51
CA THR A 910 -31.21 49.89 -32.92
C THR A 910 -32.58 50.57 -32.82
N GLU A 911 -32.63 51.81 -33.26
CA GLU A 911 -33.92 52.49 -33.38
C GLU A 911 -34.69 51.92 -34.57
N PRO A 912 -35.97 51.61 -34.41
CA PRO A 912 -36.75 51.16 -35.56
C PRO A 912 -36.98 52.30 -36.53
N THR A 913 -36.24 52.30 -37.65
CA THR A 913 -36.25 53.43 -38.57
C THR A 913 -37.51 53.38 -39.43
N TYR A 914 -38.32 54.43 -39.32
CA TYR A 914 -39.58 54.51 -40.03
C TYR A 914 -39.36 54.99 -41.46
N PHE A 915 -40.07 54.39 -42.40
CA PHE A 915 -40.09 54.86 -43.78
C PHE A 915 -41.34 54.28 -44.44
N TYR A 916 -42.01 55.11 -45.23
CA TYR A 916 -43.26 54.72 -45.89
C TYR A 916 -43.04 54.78 -47.40
N VAL A 917 -43.36 53.68 -48.08
CA VAL A 917 -43.35 53.63 -49.53
C VAL A 917 -44.78 53.47 -50.01
N THR A 918 -45.19 54.31 -50.95
CA THR A 918 -46.58 54.40 -51.39
C THR A 918 -46.79 53.63 -52.69
N ASP A 919 -48.05 53.49 -53.06
CA ASP A 919 -48.43 52.80 -54.28
C ASP A 919 -48.10 53.63 -55.52
N HIS B 1 49.02 -19.47 -47.81
CA HIS B 1 48.09 -20.59 -47.70
C HIS B 1 46.66 -20.08 -47.56
N LEU B 2 45.74 -20.97 -47.18
CA LEU B 2 44.37 -20.57 -46.89
C LEU B 2 44.30 -19.66 -45.67
N TYR B 3 44.72 -20.19 -44.51
CA TYR B 3 44.86 -19.39 -43.29
C TYR B 3 46.21 -19.72 -42.69
N PRO B 4 47.30 -19.27 -43.34
CA PRO B 4 48.63 -19.70 -42.90
C PRO B 4 49.09 -19.13 -41.57
N GLY B 5 48.43 -18.08 -41.07
CA GLY B 5 48.93 -17.39 -39.90
C GLY B 5 48.64 -18.09 -38.59
N GLU B 6 48.33 -17.32 -37.55
CA GLU B 6 48.19 -17.83 -36.20
C GLU B 6 46.84 -17.43 -35.61
N VAL B 7 46.28 -18.34 -34.81
CA VAL B 7 45.11 -17.99 -34.01
C VAL B 7 45.52 -16.97 -32.96
N CYS B 8 44.55 -16.19 -32.51
CA CYS B 8 44.95 -15.02 -31.75
C CYS B 8 43.84 -14.65 -30.77
N PRO B 9 44.02 -14.88 -29.48
CA PRO B 9 42.92 -14.68 -28.52
C PRO B 9 42.50 -13.22 -28.44
N GLY B 10 41.22 -13.02 -28.13
CA GLY B 10 40.67 -11.68 -28.05
C GLY B 10 41.43 -10.84 -27.02
N MET B 11 41.72 -9.60 -27.38
CA MET B 11 42.57 -8.75 -26.58
C MET B 11 41.93 -7.38 -26.36
N ASP B 12 42.23 -6.77 -25.21
CA ASP B 12 41.69 -5.48 -24.83
C ASP B 12 42.81 -4.48 -24.64
N ILE B 13 42.63 -3.28 -25.21
CA ILE B 13 43.64 -2.24 -25.21
C ILE B 13 43.04 -0.98 -24.61
N ARG B 14 43.76 -0.37 -23.66
CA ARG B 14 43.36 0.90 -23.08
C ARG B 14 44.58 1.59 -22.49
N ASN B 15 44.50 2.93 -22.42
CA ASN B 15 45.45 3.76 -21.69
C ASN B 15 46.84 3.80 -22.32
N ASN B 16 47.05 3.03 -23.38
CA ASN B 16 48.36 2.99 -24.03
C ASN B 16 48.22 2.39 -25.41
N LEU B 17 49.29 2.54 -26.21
CA LEU B 17 49.42 1.86 -27.48
C LEU B 17 50.47 0.76 -27.41
N THR B 18 50.76 0.28 -26.20
CA THR B 18 51.87 -0.65 -26.00
C THR B 18 51.45 -2.10 -26.22
N ARG B 19 50.28 -2.49 -25.70
CA ARG B 19 49.87 -3.88 -25.68
C ARG B 19 49.31 -4.37 -27.01
N LEU B 20 49.55 -3.65 -28.10
CA LEU B 20 49.20 -4.17 -29.42
C LEU B 20 50.31 -5.00 -30.04
N HIS B 21 51.53 -4.91 -29.52
CA HIS B 21 52.66 -5.60 -30.14
C HIS B 21 52.53 -7.11 -30.04
N GLU B 22 51.64 -7.61 -29.19
CA GLU B 22 51.39 -9.03 -29.07
C GLU B 22 50.72 -9.61 -30.32
N LEU B 23 50.25 -8.76 -31.22
CA LEU B 23 49.59 -9.19 -32.44
C LEU B 23 50.53 -9.17 -33.63
N GLU B 24 51.81 -9.48 -33.39
CA GLU B 24 52.79 -9.45 -34.47
C GLU B 24 52.59 -10.58 -35.48
N ASN B 25 52.14 -11.75 -35.03
CA ASN B 25 52.12 -12.93 -35.89
C ASN B 25 50.76 -13.58 -36.03
N CYS B 26 49.75 -13.16 -35.28
CA CYS B 26 48.46 -13.82 -35.37
C CYS B 26 47.65 -13.25 -36.53
N SER B 27 46.97 -14.14 -37.24
CA SER B 27 46.19 -13.78 -38.42
C SER B 27 44.69 -13.91 -38.23
N VAL B 28 44.23 -14.88 -37.45
CA VAL B 28 42.82 -15.09 -37.19
C VAL B 28 42.60 -14.89 -35.70
N ILE B 29 41.61 -14.09 -35.35
CA ILE B 29 41.40 -13.67 -33.97
C ILE B 29 40.07 -14.26 -33.51
N GLU B 30 40.09 -14.90 -32.34
CA GLU B 30 38.88 -15.38 -31.71
C GLU B 30 38.42 -14.39 -30.65
N GLY B 31 37.11 -14.32 -30.45
CA GLY B 31 36.57 -13.37 -29.51
C GLY B 31 36.40 -11.99 -30.13
N HIS B 32 36.87 -10.99 -29.40
CA HIS B 32 36.71 -9.60 -29.83
C HIS B 32 37.98 -8.81 -29.53
N LEU B 33 38.07 -7.65 -30.16
CA LEU B 33 39.24 -6.77 -30.06
C LEU B 33 38.75 -5.36 -29.75
N GLN B 34 38.96 -4.91 -28.52
CA GLN B 34 38.52 -3.59 -28.07
C GLN B 34 39.73 -2.72 -27.78
N ILE B 35 39.77 -1.55 -28.41
CA ILE B 35 40.81 -0.55 -28.21
C ILE B 35 40.13 0.79 -28.00
N LEU B 36 40.38 1.43 -26.86
CA LEU B 36 39.66 2.65 -26.55
C LEU B 36 40.37 3.45 -25.45
N LEU B 37 40.04 4.74 -25.40
CA LEU B 37 40.44 5.65 -24.32
C LEU B 37 41.96 5.77 -24.22
N MET B 38 42.54 6.37 -25.25
CA MET B 38 43.87 6.95 -25.18
C MET B 38 43.82 8.40 -25.62
N PHE B 39 44.47 9.26 -24.84
CA PHE B 39 44.42 10.70 -25.07
C PHE B 39 45.79 11.30 -25.34
N LYS B 40 46.79 10.97 -24.52
CA LYS B 40 48.14 11.48 -24.71
C LYS B 40 48.84 10.81 -25.88
N THR B 41 48.23 10.93 -27.06
CA THR B 41 48.69 10.25 -28.25
C THR B 41 48.80 11.24 -29.40
N ARG B 42 50.01 11.43 -29.90
CA ARG B 42 50.19 12.25 -31.09
C ARG B 42 49.62 11.52 -32.31
N PRO B 43 49.10 12.28 -33.27
CA PRO B 43 48.60 11.65 -34.50
C PRO B 43 49.68 11.01 -35.36
N GLU B 44 50.97 11.31 -35.10
CA GLU B 44 52.05 10.91 -35.98
C GLU B 44 52.67 9.57 -35.60
N ASP B 45 52.16 8.91 -34.57
CA ASP B 45 52.76 7.64 -34.14
C ASP B 45 52.12 6.43 -34.79
N PHE B 46 51.17 6.63 -35.71
CA PHE B 46 50.47 5.51 -36.33
C PHE B 46 50.93 5.22 -37.74
N ARG B 47 51.55 6.19 -38.43
CA ARG B 47 52.00 5.98 -39.79
C ARG B 47 53.05 4.91 -39.91
N ASP B 48 53.74 4.57 -38.83
CA ASP B 48 54.79 3.56 -38.82
C ASP B 48 54.35 2.26 -38.17
N LEU B 49 53.04 2.04 -38.02
CA LEU B 49 52.50 0.79 -37.48
C LEU B 49 51.53 0.17 -38.46
N SER B 50 51.59 -1.15 -38.59
CA SER B 50 50.68 -1.89 -39.44
C SER B 50 50.59 -3.34 -38.99
N PHE B 51 49.53 -4.02 -39.45
CA PHE B 51 49.39 -5.47 -39.38
C PHE B 51 48.82 -5.94 -40.70
N PRO B 52 49.68 -6.23 -41.68
CA PRO B 52 49.18 -6.66 -42.99
C PRO B 52 48.66 -8.10 -43.03
N LYS B 53 48.77 -8.85 -41.93
CA LYS B 53 48.51 -10.29 -41.96
C LYS B 53 47.32 -10.68 -41.10
N LEU B 54 46.21 -9.96 -41.21
CA LEU B 54 44.99 -10.28 -40.46
C LEU B 54 43.86 -10.60 -41.43
N ILE B 55 43.08 -11.62 -41.12
CA ILE B 55 42.07 -12.10 -42.05
C ILE B 55 40.70 -12.22 -41.39
N MET B 56 40.62 -12.91 -40.26
CA MET B 56 39.35 -13.31 -39.67
C MET B 56 39.08 -12.55 -38.37
N ILE B 57 37.81 -12.23 -38.16
CA ILE B 57 37.31 -11.65 -36.92
C ILE B 57 36.07 -12.43 -36.52
N THR B 58 36.01 -12.84 -35.26
CA THR B 58 34.91 -13.68 -34.81
C THR B 58 33.67 -12.87 -34.43
N ASP B 59 33.80 -11.97 -33.45
CA ASP B 59 32.64 -11.30 -32.86
C ASP B 59 32.41 -9.90 -33.39
N TYR B 60 33.38 -9.01 -33.22
CA TYR B 60 33.20 -7.61 -33.60
C TYR B 60 34.51 -6.87 -33.44
N LEU B 61 34.60 -5.70 -34.08
CA LEU B 61 35.70 -4.77 -33.92
C LEU B 61 35.13 -3.43 -33.50
N LEU B 62 35.76 -2.79 -32.52
CA LEU B 62 35.21 -1.58 -31.91
C LEU B 62 36.30 -0.54 -31.74
N LEU B 63 36.08 0.64 -32.33
CA LEU B 63 36.94 1.81 -32.13
C LEU B 63 36.14 2.84 -31.35
N PHE B 64 36.69 3.32 -30.24
CA PHE B 64 35.97 4.19 -29.34
C PHE B 64 36.90 5.24 -28.76
N ARG B 65 36.68 6.50 -29.14
CA ARG B 65 37.39 7.66 -28.59
C ARG B 65 38.91 7.48 -28.70
N VAL B 66 39.37 7.44 -29.95
CA VAL B 66 40.79 7.37 -30.28
C VAL B 66 41.23 8.75 -30.77
N TYR B 67 42.31 9.26 -30.21
CA TYR B 67 42.84 10.58 -30.54
C TYR B 67 44.11 10.39 -31.36
N GLY B 68 44.06 10.79 -32.63
CA GLY B 68 45.25 10.79 -33.46
C GLY B 68 45.10 10.12 -34.81
N LEU B 69 44.14 9.21 -34.95
CA LEU B 69 43.98 8.48 -36.20
C LEU B 69 43.14 9.28 -37.18
N GLU B 70 43.43 9.09 -38.47
CA GLU B 70 42.68 9.73 -39.54
C GLU B 70 42.28 8.80 -40.67
N SER B 71 42.96 7.69 -40.85
CA SER B 71 42.63 6.73 -41.91
C SER B 71 43.18 5.38 -41.50
N LEU B 72 42.28 4.45 -41.15
CA LEU B 72 42.69 3.14 -40.63
C LEU B 72 43.43 2.29 -41.66
N LYS B 73 43.34 2.63 -42.94
CA LYS B 73 43.99 1.83 -43.97
C LYS B 73 45.49 1.71 -43.77
N ASP B 74 46.10 2.65 -43.08
CA ASP B 74 47.53 2.52 -42.80
C ASP B 74 47.77 1.39 -41.80
N LEU B 75 46.74 0.94 -41.09
CA LEU B 75 46.80 -0.04 -40.00
C LEU B 75 46.13 -1.37 -40.34
N PHE B 76 45.03 -1.37 -41.09
CA PHE B 76 44.25 -2.58 -41.35
C PHE B 76 44.06 -2.75 -42.84
N PRO B 77 45.04 -3.35 -43.54
CA PRO B 77 44.95 -3.42 -45.01
C PRO B 77 44.22 -4.64 -45.55
N ASN B 78 44.04 -5.72 -44.78
CA ASN B 78 43.59 -6.98 -45.36
C ASN B 78 42.43 -7.61 -44.62
N LEU B 79 41.62 -6.84 -43.91
CA LEU B 79 40.42 -7.37 -43.27
C LEU B 79 39.32 -7.53 -44.31
N THR B 80 38.69 -8.71 -44.35
CA THR B 80 37.72 -9.02 -45.39
C THR B 80 36.32 -9.33 -44.87
N VAL B 81 36.19 -10.28 -43.95
CA VAL B 81 34.88 -10.72 -43.48
C VAL B 81 34.91 -11.00 -41.98
N ILE B 82 33.74 -10.95 -41.36
CA ILE B 82 33.59 -11.10 -39.92
C ILE B 82 32.47 -12.09 -39.66
N ARG B 83 32.68 -12.99 -38.69
CA ARG B 83 31.69 -14.00 -38.39
C ARG B 83 30.56 -13.48 -37.50
N GLY B 84 30.84 -12.49 -36.67
CA GLY B 84 29.80 -11.89 -35.85
C GLY B 84 29.08 -12.87 -34.95
N SER B 85 29.81 -13.81 -34.34
CA SER B 85 29.18 -14.80 -33.49
C SER B 85 28.46 -14.18 -32.30
N ARG B 86 28.96 -13.07 -31.77
CA ARG B 86 28.29 -12.34 -30.70
C ARG B 86 28.19 -10.87 -31.09
N LEU B 87 26.99 -10.32 -30.98
CA LEU B 87 26.72 -8.93 -31.33
C LEU B 87 27.07 -8.03 -30.16
N PHE B 88 28.12 -7.25 -30.30
CA PHE B 88 28.46 -6.25 -29.29
C PHE B 88 27.35 -5.20 -29.23
N PHE B 89 26.63 -5.17 -28.10
CA PHE B 89 25.61 -4.15 -27.85
C PHE B 89 24.57 -4.17 -28.99
N ASN B 90 24.33 -5.36 -29.53
CA ASN B 90 23.39 -5.59 -30.64
C ASN B 90 23.84 -4.87 -31.91
N TYR B 91 25.12 -5.01 -32.24
CA TYR B 91 25.65 -4.47 -33.48
C TYR B 91 26.83 -5.31 -33.93
N ALA B 92 27.23 -5.12 -35.19
CA ALA B 92 28.37 -5.81 -35.76
C ALA B 92 29.65 -4.98 -35.77
N LEU B 93 29.57 -3.71 -36.15
CA LEU B 93 30.72 -2.81 -36.14
C LEU B 93 30.24 -1.42 -35.77
N VAL B 94 30.99 -0.74 -34.90
CA VAL B 94 30.68 0.63 -34.51
C VAL B 94 31.98 1.40 -34.37
N ILE B 95 32.09 2.51 -35.11
CA ILE B 95 33.15 3.49 -34.93
C ILE B 95 32.47 4.75 -34.41
N PHE B 96 32.92 5.26 -33.28
CA PHE B 96 32.15 6.23 -32.51
C PHE B 96 33.05 7.27 -31.88
N GLU B 97 32.64 8.53 -31.98
CA GLU B 97 33.29 9.64 -31.27
C GLU B 97 34.74 9.83 -31.70
N MET B 98 35.02 9.57 -32.97
CA MET B 98 36.33 9.85 -33.52
C MET B 98 36.54 11.35 -33.65
N VAL B 99 37.81 11.77 -33.51
CA VAL B 99 38.15 13.18 -33.53
C VAL B 99 38.92 13.59 -34.78
N HIS B 100 39.85 12.77 -35.26
CA HIS B 100 40.68 13.14 -36.40
C HIS B 100 40.44 12.28 -37.63
N LEU B 101 39.50 11.32 -37.56
CA LEU B 101 39.27 10.41 -38.68
C LEU B 101 38.75 11.18 -39.88
N LYS B 102 39.60 11.32 -40.90
CA LYS B 102 39.21 12.08 -42.09
C LYS B 102 38.48 11.20 -43.09
N GLU B 103 39.07 10.05 -43.44
CA GLU B 103 38.44 9.10 -44.33
C GLU B 103 38.51 7.70 -43.71
N LEU B 104 37.51 6.88 -44.04
CA LEU B 104 37.27 5.64 -43.32
C LEU B 104 38.29 4.56 -43.73
N GLY B 105 38.24 4.09 -44.98
CA GLY B 105 39.30 3.28 -45.53
C GLY B 105 39.10 1.77 -45.52
N LEU B 106 38.00 1.27 -44.97
CA LEU B 106 37.74 -0.18 -44.98
C LEU B 106 37.35 -0.61 -46.39
N TYR B 107 38.35 -0.88 -47.22
CA TYR B 107 38.10 -1.19 -48.62
C TYR B 107 38.05 -2.68 -48.92
N ASN B 108 38.73 -3.52 -48.11
CA ASN B 108 38.78 -4.95 -48.35
C ASN B 108 37.62 -5.71 -47.71
N LEU B 109 36.67 -5.01 -47.10
CA LEU B 109 35.56 -5.68 -46.44
C LEU B 109 34.59 -6.21 -47.48
N MET B 110 34.24 -7.48 -47.37
CA MET B 110 33.49 -8.18 -48.40
C MET B 110 32.06 -8.49 -47.98
N ASN B 111 31.89 -9.23 -46.88
CA ASN B 111 30.57 -9.69 -46.46
C ASN B 111 30.53 -9.70 -44.94
N ILE B 112 29.41 -9.26 -44.39
CA ILE B 112 29.14 -9.39 -42.96
C ILE B 112 28.25 -10.60 -42.73
N THR B 113 28.36 -11.22 -41.56
CA THR B 113 27.56 -12.40 -41.27
C THR B 113 26.18 -12.02 -40.72
N ARG B 114 26.14 -11.16 -39.72
CA ARG B 114 24.91 -10.90 -38.98
C ARG B 114 25.06 -9.62 -38.19
N GLY B 115 23.97 -8.87 -38.06
CA GLY B 115 23.98 -7.61 -37.34
C GLY B 115 24.01 -6.43 -38.29
N SER B 116 24.42 -5.28 -37.76
CA SER B 116 24.46 -4.05 -38.53
C SER B 116 25.66 -3.22 -38.07
N VAL B 117 25.93 -2.16 -38.83
CA VAL B 117 27.04 -1.24 -38.56
C VAL B 117 26.47 0.12 -38.22
N ARG B 118 27.09 0.77 -37.23
CA ARG B 118 26.59 2.03 -36.69
C ARG B 118 27.73 3.01 -36.52
N ILE B 119 27.59 4.21 -37.07
CA ILE B 119 28.58 5.27 -36.96
C ILE B 119 27.89 6.49 -36.39
N GLU B 120 28.43 7.05 -35.30
CA GLU B 120 27.79 8.13 -34.58
C GLU B 120 28.82 9.17 -34.11
N LYS B 121 28.36 10.41 -34.02
CA LYS B 121 29.10 11.51 -33.39
C LYS B 121 30.52 11.64 -33.96
N ASN B 122 30.61 11.78 -35.27
CA ASN B 122 31.88 11.94 -35.96
C ASN B 122 31.70 12.98 -37.06
N ASN B 123 32.13 14.22 -36.76
CA ASN B 123 31.97 15.33 -37.69
C ASN B 123 33.20 15.55 -38.57
N GLU B 124 34.01 14.50 -38.78
CA GLU B 124 35.16 14.58 -39.67
C GLU B 124 35.09 13.55 -40.80
N LEU B 125 33.92 12.95 -41.03
CA LEU B 125 33.79 11.82 -41.93
C LEU B 125 33.10 12.21 -43.23
N CYS B 126 33.64 11.71 -44.34
CA CYS B 126 33.11 11.99 -45.67
C CYS B 126 33.04 10.69 -46.46
N TYR B 127 32.46 10.77 -47.65
CA TYR B 127 32.22 9.62 -48.53
C TYR B 127 31.33 8.58 -47.86
N LEU B 128 30.60 8.97 -46.82
CA LEU B 128 29.80 8.01 -46.06
C LEU B 128 28.63 7.43 -46.87
N ALA B 129 28.07 8.20 -47.79
CA ALA B 129 26.95 7.74 -48.60
C ALA B 129 27.39 7.09 -49.91
N THR B 130 28.64 6.66 -49.99
CA THR B 130 29.22 6.06 -51.19
C THR B 130 29.72 4.65 -50.92
N ILE B 131 28.92 3.84 -50.23
CA ILE B 131 29.36 2.56 -49.72
C ILE B 131 28.59 1.40 -50.34
N ASP B 132 27.28 1.55 -50.52
CA ASP B 132 26.38 0.47 -50.92
C ASP B 132 26.44 -0.68 -49.90
N TRP B 133 25.98 -0.34 -48.69
CA TRP B 133 25.92 -1.32 -47.61
C TRP B 133 25.11 -2.55 -48.01
N SER B 134 24.10 -2.38 -48.85
CA SER B 134 23.24 -3.49 -49.25
C SER B 134 24.00 -4.60 -49.93
N ARG B 135 25.12 -4.30 -50.59
CA ARG B 135 25.92 -5.29 -51.28
C ARG B 135 26.93 -5.96 -50.36
N ILE B 136 26.97 -5.55 -49.08
CA ILE B 136 27.79 -6.23 -48.09
C ILE B 136 26.90 -6.64 -46.93
N LEU B 137 26.04 -5.73 -46.49
CA LEU B 137 25.04 -6.04 -45.49
C LEU B 137 23.86 -6.77 -46.11
N ASP B 138 23.65 -8.01 -45.67
CA ASP B 138 22.45 -8.74 -46.05
C ASP B 138 21.18 -8.09 -45.50
N SER B 139 21.30 -7.25 -44.47
CA SER B 139 20.19 -6.48 -43.93
C SER B 139 20.63 -5.03 -43.77
N VAL B 140 19.72 -4.11 -44.06
CA VAL B 140 20.04 -2.68 -44.09
C VAL B 140 19.12 -1.85 -43.20
N GLU B 141 17.93 -2.35 -42.87
CA GLU B 141 16.95 -1.53 -42.16
C GLU B 141 17.48 -1.02 -40.83
N ASP B 142 18.24 -1.84 -40.10
CA ASP B 142 18.71 -1.48 -38.78
C ASP B 142 19.99 -0.66 -38.82
N ASN B 143 20.39 -0.16 -39.99
CA ASN B 143 21.52 0.75 -40.06
C ASN B 143 21.21 2.04 -39.32
N HIS B 144 22.25 2.66 -38.76
CA HIS B 144 22.08 3.88 -37.98
CA HIS B 144 22.08 3.88 -37.98
C HIS B 144 23.32 4.75 -38.18
N ILE B 145 23.23 5.67 -39.14
CA ILE B 145 24.32 6.61 -39.45
C ILE B 145 23.70 8.01 -39.37
N VAL B 146 23.80 8.65 -38.21
CA VAL B 146 23.15 9.93 -37.99
C VAL B 146 24.11 10.87 -37.27
N LEU B 147 23.94 12.17 -37.54
CA LEU B 147 24.68 13.25 -36.89
C LEU B 147 26.19 13.05 -37.04
N ASN B 148 26.63 13.21 -38.27
CA ASN B 148 28.05 13.14 -38.63
C ASN B 148 28.39 14.39 -39.44
N LYS B 149 29.59 14.39 -40.04
CA LYS B 149 29.95 15.49 -40.92
C LYS B 149 29.03 15.59 -42.13
N ASP B 150 28.45 14.47 -42.56
CA ASP B 150 27.50 14.48 -43.66
C ASP B 150 26.08 14.80 -43.22
N ASP B 151 25.90 15.35 -42.01
CA ASP B 151 24.62 15.97 -41.68
C ASP B 151 24.31 17.09 -42.65
N ASN B 152 25.34 17.74 -43.16
CA ASN B 152 25.23 18.71 -44.23
C ASN B 152 26.11 18.27 -45.39
N GLU B 153 25.59 18.37 -46.60
CA GLU B 153 26.32 17.96 -47.80
C GLU B 153 27.36 19.03 -48.10
N GLU B 154 28.51 18.94 -47.46
CA GLU B 154 29.52 19.99 -47.53
C GLU B 154 30.95 19.51 -47.70
N CYS B 155 31.24 18.22 -47.57
CA CYS B 155 32.61 17.73 -47.51
C CYS B 155 33.18 17.39 -48.88
N GLY B 156 32.66 17.98 -49.94
CA GLY B 156 33.18 17.62 -51.25
C GLY B 156 32.39 16.51 -51.92
N ASP B 157 32.83 15.27 -51.69
CA ASP B 157 32.33 14.06 -52.34
C ASP B 157 32.74 14.01 -53.81
N ILE B 158 34.03 14.18 -54.06
CA ILE B 158 34.63 13.95 -55.37
C ILE B 158 35.41 12.65 -55.29
N CYS B 159 35.25 11.79 -56.31
CA CYS B 159 35.83 10.47 -56.21
C CYS B 159 35.89 9.84 -57.59
N PRO B 160 36.99 9.15 -57.95
CA PRO B 160 37.12 8.47 -59.23
C PRO B 160 36.14 7.31 -59.39
N CYS B 169 34.64 0.34 -61.48
CA CYS B 169 33.51 0.30 -60.54
C CYS B 169 32.29 1.06 -61.08
N PRO B 170 31.11 0.47 -60.88
CA PRO B 170 29.96 0.83 -61.72
C PRO B 170 29.25 2.12 -61.33
N ALA B 171 29.31 2.53 -60.07
CA ALA B 171 28.46 3.62 -59.56
C ALA B 171 26.98 3.25 -59.72
N THR B 172 26.59 2.22 -58.97
CA THR B 172 25.30 1.56 -59.15
C THR B 172 24.13 2.53 -58.97
N VAL B 173 22.95 2.04 -59.36
CA VAL B 173 21.72 2.81 -59.39
C VAL B 173 20.72 2.14 -58.45
N ILE B 174 21.22 1.62 -57.32
CA ILE B 174 20.37 0.87 -56.40
C ILE B 174 19.20 1.73 -55.94
N ASN B 175 19.43 3.00 -55.66
CA ASN B 175 18.36 3.93 -55.34
C ASN B 175 17.83 4.55 -56.63
N GLY B 176 17.02 5.60 -56.50
CA GLY B 176 16.51 6.28 -57.67
C GLY B 176 17.52 7.14 -58.40
N GLN B 177 18.78 7.12 -57.99
CA GLN B 177 19.82 7.96 -58.56
C GLN B 177 21.02 7.12 -58.96
N PHE B 178 21.82 7.69 -59.85
CA PHE B 178 23.09 7.09 -60.27
C PHE B 178 24.19 7.46 -59.27
N VAL B 179 24.21 6.71 -58.16
CA VAL B 179 25.07 7.05 -57.04
C VAL B 179 26.39 6.29 -57.15
N GLU B 180 27.49 7.00 -56.98
CA GLU B 180 28.82 6.39 -56.98
C GLU B 180 29.13 5.79 -55.61
N ARG B 181 29.71 4.60 -55.62
CA ARG B 181 30.09 3.90 -54.40
C ARG B 181 31.60 3.75 -54.38
N CYS B 182 32.24 4.42 -53.41
CA CYS B 182 33.69 4.39 -53.35
C CYS B 182 34.15 4.57 -51.91
N TRP B 183 35.27 3.95 -51.58
CA TRP B 183 35.80 4.02 -50.21
C TRP B 183 36.63 5.29 -50.01
N THR B 184 37.71 5.41 -50.77
CA THR B 184 38.61 6.55 -50.69
C THR B 184 38.65 7.28 -52.03
N HIS B 185 39.44 8.34 -52.09
CA HIS B 185 39.72 9.00 -53.36
C HIS B 185 40.72 8.23 -54.20
N SER B 186 41.30 7.15 -53.67
CA SER B 186 42.23 6.32 -54.40
C SER B 186 41.69 4.92 -54.71
N HIS B 187 40.57 4.53 -54.10
CA HIS B 187 39.97 3.22 -54.33
C HIS B 187 38.45 3.35 -54.23
N CYS B 188 37.75 2.63 -55.10
CA CYS B 188 36.30 2.61 -55.06
C CYS B 188 35.81 1.21 -54.75
N GLN B 189 34.56 1.12 -54.30
CA GLN B 189 33.97 -0.14 -53.88
C GLN B 189 33.94 -1.11 -55.04
N LYS B 190 34.32 -2.36 -54.78
CA LYS B 190 34.48 -3.37 -55.82
C LYS B 190 33.25 -4.27 -55.86
N VAL B 191 32.61 -4.34 -57.03
CA VAL B 191 31.47 -5.22 -57.26
C VAL B 191 31.67 -5.92 -58.59
N CYS B 192 31.56 -7.23 -58.58
CA CYS B 192 31.64 -8.05 -59.78
C CYS B 192 30.26 -8.63 -60.11
N PRO B 193 30.11 -9.27 -61.26
CA PRO B 193 28.80 -9.86 -61.59
C PRO B 193 28.32 -10.84 -60.54
N THR B 194 27.01 -10.85 -60.33
CA THR B 194 26.38 -11.64 -59.28
C THR B 194 25.94 -13.02 -59.75
N ILE B 195 26.65 -13.61 -60.72
CA ILE B 195 26.35 -14.99 -61.11
C ILE B 195 26.47 -15.92 -59.91
N CYS B 196 27.35 -15.59 -58.97
CA CYS B 196 27.35 -16.19 -57.64
C CYS B 196 27.31 -15.06 -56.62
N LYS B 197 26.45 -15.23 -55.61
CA LYS B 197 26.20 -14.14 -54.66
C LYS B 197 27.45 -13.77 -53.89
N SER B 198 28.00 -14.70 -53.13
CA SER B 198 29.22 -14.46 -52.35
C SER B 198 30.14 -15.67 -52.40
N HIS B 199 30.15 -16.38 -53.52
CA HIS B 199 30.91 -17.61 -53.67
C HIS B 199 32.35 -17.38 -54.10
N GLY B 200 32.91 -16.21 -53.79
CA GLY B 200 34.27 -15.90 -54.22
C GLY B 200 34.28 -15.39 -55.65
N CYS B 201 35.04 -14.33 -55.89
CA CYS B 201 34.98 -13.67 -57.19
C CYS B 201 36.28 -12.92 -57.44
N THR B 202 36.82 -13.06 -58.64
CA THR B 202 38.04 -12.38 -59.02
C THR B 202 37.72 -11.04 -59.69
N ALA B 203 38.76 -10.36 -60.16
CA ALA B 203 38.58 -9.08 -60.82
C ALA B 203 38.13 -9.22 -62.27
N GLU B 204 38.17 -10.44 -62.82
CA GLU B 204 37.76 -10.68 -64.19
C GLU B 204 36.33 -11.23 -64.28
N GLY B 205 35.58 -11.18 -63.18
CA GLY B 205 34.26 -11.76 -63.14
C GLY B 205 34.22 -13.26 -62.98
N LEU B 206 35.37 -13.90 -62.78
CA LEU B 206 35.42 -15.35 -62.64
C LEU B 206 35.08 -15.73 -61.20
N CYS B 207 33.93 -16.36 -61.01
CA CYS B 207 33.55 -16.83 -59.68
C CYS B 207 34.47 -17.96 -59.25
N CYS B 208 34.95 -17.89 -58.01
CA CYS B 208 35.84 -18.89 -57.46
C CYS B 208 35.02 -20.05 -56.90
N HIS B 209 35.67 -20.91 -56.11
CA HIS B 209 35.00 -22.10 -55.62
C HIS B 209 33.78 -21.74 -54.78
N SER B 210 32.72 -22.54 -54.95
CA SER B 210 31.44 -22.23 -54.33
C SER B 210 31.56 -22.06 -52.81
N GLU B 211 32.38 -22.88 -52.16
CA GLU B 211 32.54 -22.81 -50.72
C GLU B 211 33.78 -21.99 -50.35
N CYS B 212 33.77 -20.70 -50.72
CA CYS B 212 34.63 -19.70 -50.10
C CYS B 212 34.13 -18.32 -50.52
N LEU B 213 34.64 -17.28 -49.87
CA LEU B 213 34.11 -15.94 -49.99
C LEU B 213 35.24 -14.95 -50.23
N GLY B 214 34.85 -13.69 -50.47
CA GLY B 214 35.80 -12.59 -50.48
C GLY B 214 36.74 -12.66 -51.67
N ASN B 215 37.93 -12.09 -51.49
CA ASN B 215 38.95 -12.14 -52.51
C ASN B 215 39.37 -13.59 -52.77
N CYS B 216 40.16 -13.79 -53.81
CA CYS B 216 40.50 -15.13 -54.24
C CYS B 216 41.65 -15.06 -55.24
N SER B 217 42.41 -16.15 -55.31
CA SER B 217 43.58 -16.23 -56.17
C SER B 217 43.29 -16.93 -57.50
N GLN B 218 42.78 -18.16 -57.46
CA GLN B 218 42.42 -18.86 -58.68
C GLN B 218 40.99 -19.39 -58.58
N PRO B 219 40.23 -19.34 -59.68
CA PRO B 219 38.81 -19.68 -59.60
C PRO B 219 38.57 -21.16 -59.37
N ASP B 220 37.45 -21.44 -58.69
CA ASP B 220 36.91 -22.79 -58.54
C ASP B 220 37.89 -23.74 -57.85
N ASP B 221 38.69 -23.22 -56.93
CA ASP B 221 39.62 -24.04 -56.17
C ASP B 221 39.30 -23.92 -54.69
N PRO B 222 39.03 -25.03 -54.00
CA PRO B 222 38.73 -24.97 -52.57
C PRO B 222 39.98 -24.97 -51.72
N THR B 223 41.14 -24.71 -52.34
CA THR B 223 42.42 -24.79 -51.66
C THR B 223 43.24 -23.52 -51.69
N LYS B 224 42.94 -22.57 -52.59
CA LYS B 224 43.83 -21.43 -52.79
C LYS B 224 43.04 -20.13 -52.91
N CYS B 225 41.77 -20.14 -52.55
CA CYS B 225 41.07 -18.90 -52.30
C CYS B 225 41.31 -18.50 -50.85
N VAL B 226 40.72 -17.39 -50.42
CA VAL B 226 41.13 -16.72 -49.18
C VAL B 226 40.36 -17.23 -47.97
N ALA B 227 39.04 -17.05 -47.95
CA ALA B 227 38.23 -17.37 -46.77
C ALA B 227 36.99 -18.15 -47.21
N CYS B 228 36.69 -19.23 -46.51
CA CYS B 228 35.57 -20.08 -46.88
C CYS B 228 34.46 -20.01 -45.82
N ARG B 229 33.36 -20.70 -46.10
CA ARG B 229 32.07 -20.40 -45.49
C ARG B 229 31.84 -21.13 -44.18
N ASN B 230 32.04 -22.45 -44.16
CA ASN B 230 31.51 -23.26 -43.07
C ASN B 230 32.56 -23.59 -42.01
N PHE B 231 33.65 -24.25 -42.41
CA PHE B 231 34.63 -24.75 -41.45
C PHE B 231 36.01 -24.62 -42.10
N TYR B 232 36.98 -25.35 -41.55
CA TYR B 232 38.35 -25.29 -42.04
C TYR B 232 39.06 -26.60 -41.72
N LEU B 233 39.91 -27.06 -42.64
CA LEU B 233 40.68 -28.28 -42.40
C LEU B 233 41.95 -28.24 -43.26
N ASP B 234 43.06 -27.84 -42.62
CA ASP B 234 44.41 -28.03 -43.16
C ASP B 234 44.57 -27.44 -44.56
N GLY B 235 44.07 -26.22 -44.72
CA GLY B 235 44.09 -25.56 -46.01
C GLY B 235 42.90 -25.88 -46.90
N ARG B 236 42.04 -26.79 -46.49
CA ARG B 236 40.78 -27.07 -47.17
C ARG B 236 39.65 -26.88 -46.17
N CYS B 237 38.42 -27.06 -46.65
CA CYS B 237 37.25 -26.97 -45.78
C CYS B 237 36.05 -27.54 -46.49
N VAL B 238 35.22 -28.26 -45.75
CA VAL B 238 33.99 -28.84 -46.26
C VAL B 238 32.84 -28.38 -45.38
N GLU B 239 31.64 -28.40 -45.95
CA GLU B 239 30.45 -27.94 -45.23
C GLU B 239 30.16 -28.80 -44.01
N THR B 240 30.62 -30.03 -43.96
CA THR B 240 30.41 -30.90 -42.81
C THR B 240 31.65 -31.78 -42.65
N CYS B 241 32.46 -31.48 -41.66
CA CYS B 241 33.72 -32.15 -41.41
C CYS B 241 33.49 -33.61 -41.00
N PRO B 242 34.31 -34.53 -41.49
CA PRO B 242 34.16 -35.94 -41.11
C PRO B 242 34.47 -36.15 -39.63
N PRO B 243 33.93 -37.20 -39.02
CA PRO B 243 34.05 -37.37 -37.58
C PRO B 243 35.32 -38.08 -37.15
N PRO B 244 36.47 -37.82 -37.78
CA PRO B 244 37.72 -37.84 -37.00
C PRO B 244 37.91 -36.58 -36.18
N TYR B 245 37.11 -35.54 -36.42
CA TYR B 245 37.26 -34.26 -35.76
C TYR B 245 35.88 -33.76 -35.33
N TYR B 246 35.89 -32.78 -34.42
CA TYR B 246 34.68 -32.21 -33.87
C TYR B 246 34.68 -30.70 -34.06
N HIS B 247 33.52 -30.16 -34.42
CA HIS B 247 33.42 -28.73 -34.68
C HIS B 247 33.64 -27.93 -33.41
N PHE B 248 34.33 -26.80 -33.57
CA PHE B 248 34.67 -25.95 -32.43
C PHE B 248 34.51 -24.50 -32.84
N GLN B 249 33.71 -23.75 -32.08
CA GLN B 249 33.43 -22.34 -32.37
C GLN B 249 32.82 -22.15 -33.75
N ASP B 250 32.15 -23.20 -34.24
CA ASP B 250 31.39 -23.19 -35.50
C ASP B 250 32.18 -22.60 -36.68
N TRP B 251 33.51 -22.68 -36.64
CA TRP B 251 34.30 -22.30 -37.79
C TRP B 251 35.49 -23.21 -38.03
N ARG B 252 35.63 -24.30 -37.25
CA ARG B 252 36.70 -25.27 -37.40
C ARG B 252 36.19 -26.63 -36.93
N CYS B 253 36.90 -27.67 -37.33
CA CYS B 253 36.72 -28.99 -36.72
C CYS B 253 38.08 -29.49 -36.26
N VAL B 254 38.08 -30.21 -35.14
CA VAL B 254 39.32 -30.69 -34.55
C VAL B 254 38.98 -31.88 -33.65
N ASN B 255 39.94 -32.77 -33.47
CA ASN B 255 39.75 -33.92 -32.61
C ASN B 255 39.73 -33.48 -31.14
N PHE B 256 39.23 -34.38 -30.29
CA PHE B 256 39.12 -34.14 -28.86
C PHE B 256 40.46 -33.88 -28.18
N SER B 257 41.56 -34.31 -28.79
CA SER B 257 42.87 -34.23 -28.13
C SER B 257 43.24 -32.80 -27.80
N PHE B 258 42.74 -31.82 -28.55
CA PHE B 258 43.08 -30.43 -28.28
C PHE B 258 42.23 -29.85 -27.17
N CYS B 259 40.90 -29.93 -27.30
CA CYS B 259 40.03 -29.26 -26.35
C CYS B 259 39.96 -29.99 -25.00
N GLN B 260 40.29 -31.28 -24.95
CA GLN B 260 40.48 -31.90 -23.64
C GLN B 260 41.63 -31.25 -22.87
N ASP B 261 42.68 -30.82 -23.58
CA ASP B 261 43.78 -30.13 -22.93
C ASP B 261 43.34 -28.81 -22.33
N LEU B 262 42.50 -28.06 -23.05
CA LEU B 262 41.99 -26.80 -22.48
C LEU B 262 41.06 -27.08 -21.31
N HIS B 263 40.28 -28.16 -21.39
CA HIS B 263 39.46 -28.57 -20.25
C HIS B 263 40.33 -28.83 -19.02
N HIS B 264 41.44 -29.54 -19.21
CA HIS B 264 42.36 -29.82 -18.12
C HIS B 264 43.12 -28.58 -17.67
N LYS B 265 43.32 -27.61 -18.56
CA LYS B 265 43.92 -26.34 -18.15
C LYS B 265 42.97 -25.56 -17.25
N CYS B 266 41.69 -25.51 -17.61
CA CYS B 266 40.73 -24.77 -16.79
C CYS B 266 40.39 -25.49 -15.50
N LYS B 267 40.48 -26.83 -15.47
CA LYS B 267 40.19 -27.53 -14.22
C LYS B 267 41.11 -27.06 -13.11
N ASN B 268 42.26 -26.49 -13.45
CA ASN B 268 42.99 -25.59 -12.57
C ASN B 268 42.27 -24.25 -12.56
N SER B 269 41.30 -24.08 -11.65
CA SER B 269 40.38 -22.94 -11.68
C SER B 269 41.12 -21.69 -11.24
N ARG B 270 41.83 -21.08 -12.19
CA ARG B 270 42.59 -19.86 -11.95
C ARG B 270 41.93 -18.62 -12.54
N ARG B 271 41.17 -18.76 -13.62
CA ARG B 271 40.53 -17.60 -14.23
C ARG B 271 39.05 -17.91 -14.45
N GLN B 272 38.22 -16.88 -14.34
CA GLN B 272 36.78 -17.02 -14.48
C GLN B 272 36.29 -16.84 -15.91
N GLY B 273 37.20 -16.83 -16.87
CA GLY B 273 36.85 -16.86 -18.28
C GLY B 273 36.60 -18.24 -18.82
N CYS B 274 36.62 -19.26 -17.96
CA CYS B 274 36.47 -20.64 -18.38
C CYS B 274 35.12 -20.93 -19.04
N HIS B 275 35.12 -22.04 -19.79
CA HIS B 275 33.92 -22.76 -20.18
C HIS B 275 34.33 -24.23 -20.23
N GLN B 276 33.90 -25.00 -19.22
CA GLN B 276 34.41 -26.36 -19.09
C GLN B 276 33.91 -27.22 -20.24
N TYR B 277 34.70 -27.27 -21.31
CA TYR B 277 34.25 -27.80 -22.58
C TYR B 277 33.93 -29.28 -22.47
N VAL B 278 32.81 -29.69 -23.07
CA VAL B 278 32.40 -31.09 -23.12
C VAL B 278 32.03 -31.43 -24.55
N ILE B 279 32.08 -32.72 -24.87
CA ILE B 279 31.82 -33.21 -26.22
C ILE B 279 30.35 -33.54 -26.35
N HIS B 280 29.71 -33.02 -27.39
CA HIS B 280 28.30 -33.30 -27.64
C HIS B 280 28.01 -33.01 -29.12
N ASN B 281 27.64 -34.06 -29.85
CA ASN B 281 27.23 -33.93 -31.25
C ASN B 281 28.32 -33.29 -32.11
N ASN B 282 29.56 -33.76 -31.92
CA ASN B 282 30.72 -33.27 -32.66
C ASN B 282 30.96 -31.78 -32.42
N LYS B 283 30.50 -31.29 -31.28
CA LYS B 283 30.72 -29.90 -30.87
C LYS B 283 31.30 -29.92 -29.47
N CYS B 284 32.59 -29.58 -29.34
CA CYS B 284 33.22 -29.51 -28.03
C CYS B 284 32.68 -28.24 -27.36
N ILE B 285 31.42 -28.33 -26.94
CA ILE B 285 30.61 -27.19 -26.52
C ILE B 285 31.11 -26.68 -25.16
N PRO B 286 30.94 -25.38 -24.86
CA PRO B 286 31.23 -24.89 -23.50
C PRO B 286 30.57 -25.74 -22.42
N GLU B 287 29.24 -25.84 -22.45
CA GLU B 287 28.50 -26.63 -21.48
C GLU B 287 27.33 -27.28 -22.19
N CYS B 288 27.22 -28.60 -22.09
CA CYS B 288 26.07 -29.29 -22.64
C CYS B 288 24.85 -28.85 -21.84
N PRO B 289 23.74 -28.47 -22.49
CA PRO B 289 22.70 -27.69 -21.79
C PRO B 289 21.91 -28.49 -20.78
N SER B 290 20.89 -27.84 -20.21
CA SER B 290 20.05 -28.46 -19.20
C SER B 290 19.43 -29.76 -19.72
N GLY B 291 19.10 -30.65 -18.80
CA GLY B 291 18.74 -32.00 -19.17
C GLY B 291 19.91 -32.86 -19.61
N TYR B 292 21.13 -32.46 -19.27
CA TYR B 292 22.32 -33.20 -19.64
C TYR B 292 23.41 -32.94 -18.60
N THR B 293 24.36 -33.87 -18.52
CA THR B 293 25.43 -33.78 -17.55
C THR B 293 26.65 -34.52 -18.10
N MET B 294 27.82 -33.94 -17.89
CA MET B 294 29.06 -34.52 -18.42
C MET B 294 29.40 -35.83 -17.72
N ASN B 295 30.09 -36.70 -18.44
CA ASN B 295 30.70 -37.87 -17.83
C ASN B 295 32.20 -37.67 -17.72
N SER B 296 32.79 -38.32 -16.71
CA SER B 296 34.18 -38.02 -16.36
C SER B 296 35.15 -38.48 -17.44
N SER B 297 35.19 -39.79 -17.71
CA SER B 297 36.22 -40.34 -18.57
C SER B 297 35.96 -40.04 -20.04
N ASN B 298 34.70 -40.11 -20.48
CA ASN B 298 34.39 -40.02 -21.90
C ASN B 298 34.20 -38.59 -22.38
N LEU B 299 34.09 -37.62 -21.46
CA LEU B 299 33.92 -36.20 -21.80
C LEU B 299 32.62 -35.93 -22.56
N LEU B 300 31.73 -36.92 -22.63
CA LEU B 300 30.42 -36.73 -23.24
C LEU B 300 29.45 -36.16 -22.21
N CYS B 301 28.25 -35.80 -22.64
CA CYS B 301 27.22 -35.32 -21.73
C CYS B 301 26.06 -36.30 -21.72
N THR B 302 25.83 -36.93 -20.57
CA THR B 302 24.85 -37.91 -20.12
C THR B 302 23.46 -37.29 -20.12
N PRO B 303 22.43 -38.03 -20.53
CA PRO B 303 21.07 -37.47 -20.61
C PRO B 303 20.53 -36.90 -19.30
N CYS B 304 21.24 -37.02 -18.18
CA CYS B 304 20.83 -36.44 -16.90
C CYS B 304 19.43 -36.92 -16.51
N LEU B 305 19.35 -38.23 -16.28
CA LEU B 305 18.09 -38.85 -15.90
C LEU B 305 17.65 -38.32 -14.54
N GLY B 306 16.57 -37.54 -14.53
CA GLY B 306 16.13 -36.88 -13.33
C GLY B 306 16.99 -35.69 -13.01
N PRO B 307 16.73 -35.02 -11.89
CA PRO B 307 17.57 -33.88 -11.50
C PRO B 307 18.99 -34.32 -11.20
N CYS B 308 19.92 -33.92 -12.06
CA CYS B 308 21.33 -34.23 -11.90
C CYS B 308 22.06 -33.12 -11.14
N PRO B 309 23.07 -33.53 -10.35
CA PRO B 309 23.50 -32.66 -9.23
C PRO B 309 24.05 -31.30 -9.61
N LYS B 310 24.65 -31.15 -10.80
CA LYS B 310 25.42 -29.96 -11.17
C LYS B 310 26.34 -29.53 -10.01
N VAL B 311 27.27 -30.43 -9.71
CA VAL B 311 28.13 -30.31 -8.53
C VAL B 311 28.78 -28.93 -8.46
N CYS B 312 28.86 -28.40 -7.25
CA CYS B 312 29.35 -27.05 -6.98
C CYS B 312 30.62 -27.18 -6.14
N HIS B 313 31.78 -27.12 -6.81
CA HIS B 313 33.06 -27.30 -6.13
C HIS B 313 33.40 -26.05 -5.33
N LEU B 314 33.49 -26.20 -4.01
CA LEU B 314 33.80 -25.07 -3.15
C LEU B 314 35.27 -24.69 -3.25
N LEU B 315 35.54 -23.39 -3.26
CA LEU B 315 36.89 -22.87 -3.36
C LEU B 315 37.55 -22.81 -1.98
N GLU B 316 38.88 -22.80 -1.98
CA GLU B 316 39.75 -22.68 -0.80
C GLU B 316 39.34 -23.61 0.34
N GLY B 317 38.64 -24.69 0.03
CA GLY B 317 38.33 -25.70 1.04
C GLY B 317 37.21 -25.35 1.98
N GLU B 318 37.19 -24.12 2.48
CA GLU B 318 36.22 -23.70 3.48
C GLU B 318 35.62 -22.35 3.09
N LYS B 319 34.46 -22.05 3.68
CA LYS B 319 33.78 -20.79 3.46
C LYS B 319 32.89 -20.51 4.66
N THR B 320 32.68 -19.23 4.94
CA THR B 320 31.82 -18.78 6.01
C THR B 320 30.64 -17.99 5.44
N ILE B 321 29.48 -18.14 6.09
CA ILE B 321 28.25 -17.48 5.66
C ILE B 321 27.69 -16.71 6.85
N ASP B 322 27.44 -15.42 6.65
CA ASP B 322 26.83 -14.60 7.69
C ASP B 322 25.69 -13.71 7.21
N SER B 323 25.61 -13.38 5.92
CA SER B 323 24.57 -12.50 5.40
C SER B 323 23.92 -13.17 4.20
N VAL B 324 22.93 -12.49 3.62
CA VAL B 324 22.25 -13.03 2.45
C VAL B 324 23.16 -13.12 1.23
N THR B 325 24.09 -12.19 1.06
CA THR B 325 24.93 -12.16 -0.13
C THR B 325 25.92 -13.31 -0.21
N SER B 326 26.61 -13.62 0.89
CA SER B 326 27.58 -14.71 0.87
C SER B 326 26.92 -16.04 0.57
N ALA B 327 25.65 -16.20 0.94
CA ALA B 327 24.91 -17.41 0.60
C ALA B 327 24.41 -17.42 -0.84
N GLN B 328 24.15 -16.24 -1.43
CA GLN B 328 23.68 -16.19 -2.80
C GLN B 328 24.73 -16.67 -3.80
N GLU B 329 26.00 -16.67 -3.40
CA GLU B 329 27.05 -17.19 -4.27
C GLU B 329 26.84 -18.67 -4.57
N LEU B 330 26.36 -19.44 -3.59
CA LEU B 330 26.22 -20.88 -3.72
C LEU B 330 24.80 -21.29 -4.07
N ARG B 331 23.96 -20.34 -4.51
CA ARG B 331 22.63 -20.68 -4.96
C ARG B 331 22.68 -21.59 -6.18
N GLY B 332 21.87 -22.64 -6.17
CA GLY B 332 21.84 -23.59 -7.25
C GLY B 332 22.83 -24.74 -7.11
N CYS B 333 23.71 -24.69 -6.13
CA CYS B 333 24.63 -25.79 -5.87
C CYS B 333 23.95 -26.89 -5.09
N THR B 334 24.35 -28.13 -5.36
CA THR B 334 23.81 -29.30 -4.68
C THR B 334 24.87 -30.13 -3.98
N VAL B 335 26.03 -30.33 -4.61
CA VAL B 335 27.12 -31.09 -4.04
C VAL B 335 28.31 -30.17 -3.84
N ILE B 336 28.88 -30.19 -2.64
CA ILE B 336 29.97 -29.31 -2.26
C ILE B 336 31.19 -30.17 -1.92
N ASN B 337 32.33 -29.81 -2.51
CA ASN B 337 33.57 -30.55 -2.33
C ASN B 337 34.49 -29.89 -1.30
N GLY B 338 33.91 -29.38 -0.22
CA GLY B 338 34.71 -28.75 0.81
C GLY B 338 34.05 -28.84 2.17
N SER B 339 34.42 -27.91 3.04
CA SER B 339 33.88 -27.80 4.37
C SER B 339 33.26 -26.42 4.58
N LEU B 340 32.19 -26.36 5.37
CA LEU B 340 31.47 -25.12 5.59
C LEU B 340 31.41 -24.79 7.07
N ILE B 341 31.43 -23.49 7.36
CA ILE B 341 31.26 -22.97 8.71
C ILE B 341 30.25 -21.83 8.64
N ILE B 342 29.30 -21.82 9.56
CA ILE B 342 28.22 -20.83 9.54
C ILE B 342 28.23 -20.06 10.85
N ASN B 343 28.12 -18.74 10.74
CA ASN B 343 28.02 -17.87 11.90
C ASN B 343 27.03 -16.75 11.57
N ILE B 344 25.82 -16.87 12.08
CA ILE B 344 24.80 -15.84 11.95
C ILE B 344 24.95 -14.94 13.16
N ARG B 345 25.72 -13.86 13.00
CA ARG B 345 25.97 -12.92 14.10
C ARG B 345 24.81 -11.93 14.14
N GLY B 346 23.65 -12.44 14.50
CA GLY B 346 22.44 -11.61 14.62
C GLY B 346 21.55 -11.73 13.39
N GLY B 347 21.46 -10.65 12.63
CA GLY B 347 20.53 -10.58 11.51
C GLY B 347 19.12 -10.33 12.00
N ASN B 348 18.26 -9.91 11.08
CA ASN B 348 16.86 -9.63 11.42
C ASN B 348 15.94 -10.80 11.05
N ASN B 349 15.88 -11.15 9.77
CA ASN B 349 14.99 -12.21 9.32
C ASN B 349 15.70 -12.97 8.21
N LEU B 350 16.21 -14.14 8.53
CA LEU B 350 17.02 -14.93 7.61
C LEU B 350 16.47 -16.33 7.38
N ALA B 351 15.58 -16.81 8.25
CA ALA B 351 15.10 -18.18 8.14
C ALA B 351 14.25 -18.40 6.89
N ALA B 352 13.65 -17.34 6.35
CA ALA B 352 12.77 -17.48 5.20
C ALA B 352 13.50 -17.44 3.87
N GLU B 353 14.81 -17.21 3.86
CA GLU B 353 15.57 -17.08 2.63
C GLU B 353 16.57 -18.22 2.41
N LEU B 354 16.97 -18.93 3.46
CA LEU B 354 17.94 -20.01 3.29
C LEU B 354 17.35 -21.14 2.45
N GLU B 355 16.04 -21.39 2.55
CA GLU B 355 15.45 -22.36 1.66
C GLU B 355 15.59 -21.94 0.20
N ALA B 356 15.17 -20.73 -0.13
CA ALA B 356 15.25 -20.26 -1.51
C ALA B 356 16.70 -20.15 -2.01
N ASN B 357 17.66 -20.01 -1.10
CA ASN B 357 19.06 -19.83 -1.51
C ASN B 357 19.84 -21.14 -1.60
N LEU B 358 19.71 -22.03 -0.62
CA LEU B 358 20.55 -23.21 -0.52
C LEU B 358 19.75 -24.48 -0.25
N GLY B 359 18.43 -24.46 -0.43
CA GLY B 359 17.63 -25.63 -0.15
C GLY B 359 17.83 -26.80 -1.07
N LEU B 360 18.79 -26.71 -1.98
CA LEU B 360 19.08 -27.80 -2.92
C LEU B 360 20.36 -28.55 -2.58
N ILE B 361 20.94 -28.31 -1.41
CA ILE B 361 22.16 -28.99 -1.02
C ILE B 361 21.81 -30.25 -0.25
N GLU B 362 22.47 -31.35 -0.59
CA GLU B 362 22.18 -32.66 -0.01
C GLU B 362 23.42 -33.35 0.53
N GLU B 363 24.61 -33.04 0.01
CA GLU B 363 25.82 -33.74 0.40
C GLU B 363 26.93 -32.75 0.67
N ILE B 364 27.74 -33.04 1.67
CA ILE B 364 28.89 -32.23 2.04
C ILE B 364 30.06 -33.16 2.34
N SER B 365 31.25 -32.78 1.92
CA SER B 365 32.43 -33.63 2.04
C SER B 365 33.25 -33.36 3.28
N GLY B 366 33.46 -32.09 3.62
CA GLY B 366 34.31 -31.74 4.74
C GLY B 366 33.63 -31.81 6.09
N TYR B 367 33.80 -30.77 6.91
CA TYR B 367 33.21 -30.72 8.23
C TYR B 367 32.36 -29.46 8.37
N LEU B 368 31.41 -29.50 9.29
CA LEU B 368 30.51 -28.39 9.56
C LEU B 368 30.80 -27.84 10.95
N LYS B 369 31.04 -26.53 11.03
CA LYS B 369 31.26 -25.85 12.29
C LYS B 369 30.21 -24.76 12.47
N ILE B 370 29.59 -24.72 13.64
CA ILE B 370 28.60 -23.70 13.99
C ILE B 370 29.07 -23.05 15.28
N ARG B 371 29.18 -21.73 15.28
CA ARG B 371 29.54 -20.98 16.47
C ARG B 371 28.86 -19.62 16.44
N ARG B 372 28.65 -19.07 17.63
CA ARG B 372 28.17 -17.70 17.81
C ARG B 372 26.86 -17.44 17.07
N SER B 373 26.07 -18.48 16.84
CA SER B 373 24.79 -18.31 16.16
C SER B 373 23.79 -17.69 17.12
N TYR B 374 23.16 -16.60 16.71
CA TYR B 374 22.34 -15.78 17.60
C TYR B 374 20.85 -15.93 17.35
N ALA B 375 20.40 -15.71 16.11
CA ALA B 375 18.98 -15.63 15.79
C ALA B 375 18.54 -16.83 14.96
N LEU B 376 19.08 -18.00 15.26
CA LEU B 376 18.73 -19.21 14.54
C LEU B 376 17.43 -19.80 15.08
N VAL B 377 16.88 -20.75 14.32
CA VAL B 377 15.67 -21.47 14.72
C VAL B 377 15.90 -22.99 14.66
N SER B 378 16.37 -23.48 13.53
CA SER B 378 16.64 -24.90 13.35
C SER B 378 17.56 -25.04 12.14
N LEU B 379 17.71 -26.27 11.65
CA LEU B 379 18.42 -26.54 10.41
C LEU B 379 17.48 -27.14 9.38
N SER B 380 16.18 -26.87 9.51
CA SER B 380 15.19 -27.35 8.55
C SER B 380 15.42 -26.82 7.15
N PHE B 381 16.04 -25.65 7.00
CA PHE B 381 16.43 -25.16 5.69
C PHE B 381 17.35 -26.15 4.98
N PHE B 382 18.12 -26.93 5.73
CA PHE B 382 18.82 -28.07 5.17
C PHE B 382 17.81 -29.18 4.88
N ARG B 383 17.13 -29.07 3.75
CA ARG B 383 16.00 -29.95 3.46
C ARG B 383 16.43 -31.40 3.22
N LYS B 384 17.47 -31.61 2.43
CA LYS B 384 17.77 -32.93 1.89
C LYS B 384 19.15 -33.42 2.25
N LEU B 385 19.70 -32.98 3.38
CA LEU B 385 20.98 -33.52 3.82
C LEU B 385 20.81 -34.95 4.33
N ARG B 386 21.69 -35.83 3.88
CA ARG B 386 21.64 -37.23 4.30
C ARG B 386 22.99 -37.81 4.69
N LEU B 387 24.11 -37.21 4.28
CA LEU B 387 25.42 -37.73 4.63
C LEU B 387 26.45 -36.62 4.64
N ILE B 388 27.39 -36.72 5.57
CA ILE B 388 28.62 -35.92 5.57
C ILE B 388 29.79 -36.88 5.41
N ARG B 389 30.67 -36.60 4.45
CA ARG B 389 31.80 -37.48 4.19
C ARG B 389 32.89 -37.29 5.23
N GLY B 390 33.07 -36.06 5.72
CA GLY B 390 34.12 -35.79 6.68
C GLY B 390 35.52 -36.05 6.15
N GLU B 391 35.75 -35.76 4.87
CA GLU B 391 37.08 -35.95 4.30
C GLU B 391 38.08 -34.90 4.80
N THR B 392 37.59 -33.80 5.34
CA THR B 392 38.41 -32.88 6.12
C THR B 392 37.87 -32.82 7.54
N LEU B 393 38.78 -32.71 8.51
CA LEU B 393 38.43 -32.71 9.92
C LEU B 393 38.82 -31.39 10.57
N GLU B 394 38.10 -31.06 11.64
CA GLU B 394 38.51 -29.99 12.53
C GLU B 394 39.62 -30.49 13.45
N ILE B 395 40.19 -29.57 14.24
CA ILE B 395 41.21 -29.95 15.19
C ILE B 395 40.63 -30.95 16.19
N GLY B 396 41.42 -31.97 16.53
CA GLY B 396 40.92 -33.05 17.36
C GLY B 396 40.05 -34.05 16.63
N ASN B 397 40.16 -34.12 15.30
CA ASN B 397 39.39 -35.05 14.48
C ASN B 397 37.89 -34.86 14.68
N TYR B 398 37.48 -33.60 14.66
CA TYR B 398 36.09 -33.22 14.85
C TYR B 398 35.43 -32.97 13.50
N SER B 399 34.21 -33.46 13.34
CA SER B 399 33.44 -33.31 12.12
C SER B 399 32.26 -32.37 12.26
N PHE B 400 31.53 -32.44 13.36
CA PHE B 400 30.40 -31.57 13.62
C PHE B 400 30.70 -30.71 14.83
N TYR B 401 30.52 -29.39 14.68
CA TYR B 401 30.90 -28.44 15.71
C TYR B 401 29.75 -27.47 15.96
N ALA B 402 29.26 -27.45 17.20
CA ALA B 402 28.26 -26.49 17.64
C ALA B 402 28.72 -25.91 18.96
N LEU B 403 28.92 -24.61 19.02
CA LEU B 403 29.51 -23.98 20.19
C LEU B 403 28.96 -22.58 20.38
N ASP B 404 28.70 -22.22 21.64
CA ASP B 404 28.35 -20.85 22.02
C ASP B 404 27.16 -20.32 21.23
N ASN B 405 26.16 -21.17 21.04
CA ASN B 405 24.92 -20.78 20.39
C ASN B 405 23.84 -20.76 21.47
N GLN B 406 23.48 -19.55 21.92
CA GLN B 406 22.66 -19.36 23.09
C GLN B 406 21.17 -19.43 22.79
N ASN B 407 20.78 -19.91 21.62
CA ASN B 407 19.37 -19.94 21.26
C ASN B 407 18.89 -21.27 20.70
N LEU B 408 19.78 -22.17 20.29
CA LEU B 408 19.37 -23.39 19.62
C LEU B 408 18.51 -24.29 20.50
N ARG B 409 17.44 -24.82 19.93
CA ARG B 409 16.56 -25.76 20.62
C ARG B 409 16.22 -27.01 19.82
N GLN B 410 16.24 -26.96 18.49
CA GLN B 410 15.94 -28.14 17.67
C GLN B 410 16.85 -28.16 16.46
N LEU B 411 17.13 -29.37 15.96
CA LEU B 411 18.03 -29.54 14.81
C LEU B 411 17.29 -30.10 13.60
N TRP B 412 16.65 -31.25 13.75
CA TRP B 412 15.86 -31.84 12.67
C TRP B 412 14.71 -32.64 13.27
N ASP B 413 13.68 -32.86 12.45
CA ASP B 413 12.58 -33.75 12.79
C ASP B 413 12.96 -35.14 12.30
N TRP B 414 13.36 -36.00 13.22
CA TRP B 414 13.94 -37.28 12.84
C TRP B 414 12.88 -38.33 12.51
N SER B 415 11.60 -38.04 12.75
CA SER B 415 10.56 -38.95 12.26
C SER B 415 10.48 -38.96 10.75
N LYS B 416 10.95 -37.90 10.09
CA LYS B 416 10.88 -37.78 8.64
C LYS B 416 12.22 -37.31 8.05
N HIS B 417 13.27 -37.28 8.88
CA HIS B 417 14.56 -36.82 8.40
C HIS B 417 15.57 -37.94 8.53
N ASN B 418 16.28 -38.22 7.44
CA ASN B 418 17.33 -39.24 7.40
C ASN B 418 18.67 -38.57 7.21
N LEU B 419 19.62 -38.89 8.08
CA LEU B 419 20.94 -38.28 8.04
C LEU B 419 21.95 -39.22 8.67
N THR B 420 23.10 -39.36 8.03
CA THR B 420 24.16 -40.23 8.49
C THR B 420 25.49 -39.50 8.43
N THR B 421 26.44 -39.95 9.26
CA THR B 421 27.75 -39.33 9.35
C THR B 421 28.81 -40.40 9.06
N THR B 422 29.82 -40.02 8.26
CA THR B 422 30.84 -40.99 7.87
C THR B 422 31.88 -41.16 8.97
N GLN B 423 32.52 -40.06 9.39
CA GLN B 423 33.65 -40.12 10.30
C GLN B 423 33.71 -38.83 11.11
N GLY B 424 34.65 -38.77 12.03
CA GLY B 424 34.92 -37.57 12.79
C GLY B 424 34.32 -37.60 14.18
N LYS B 425 34.21 -36.39 14.75
CA LYS B 425 33.70 -36.20 16.09
C LYS B 425 32.68 -35.07 16.09
N LEU B 426 31.66 -35.21 16.93
CA LEU B 426 30.63 -34.19 17.08
C LEU B 426 30.88 -33.36 18.33
N PHE B 427 30.39 -32.12 18.30
CA PHE B 427 30.70 -31.14 19.34
C PHE B 427 29.43 -30.41 19.74
N PHE B 428 29.20 -30.32 21.06
CA PHE B 428 28.05 -29.57 21.61
C PHE B 428 28.48 -29.00 22.95
N HIS B 429 28.75 -27.69 22.96
CA HIS B 429 29.15 -26.98 24.16
C HIS B 429 28.49 -25.60 24.21
N TYR B 430 28.03 -25.22 25.40
CA TYR B 430 27.53 -23.88 25.66
C TYR B 430 26.34 -23.53 24.77
N ASN B 431 25.31 -24.38 24.82
CA ASN B 431 24.08 -24.21 24.06
C ASN B 431 22.91 -24.43 25.01
N PRO B 432 22.66 -23.47 25.91
CA PRO B 432 21.81 -23.72 27.08
C PRO B 432 20.34 -23.95 26.79
N LYS B 433 19.93 -24.00 25.52
CA LYS B 433 18.52 -24.11 25.18
C LYS B 433 18.15 -25.42 24.48
N LEU B 434 19.10 -26.33 24.30
CA LEU B 434 18.85 -27.59 23.62
C LEU B 434 19.07 -28.74 24.59
N CYS B 435 18.05 -29.59 24.76
CA CYS B 435 18.11 -30.66 25.74
C CYS B 435 18.96 -31.82 25.22
N LEU B 436 19.33 -32.71 26.14
CA LEU B 436 20.27 -33.78 25.80
C LEU B 436 19.58 -34.94 25.10
N SER B 437 18.26 -35.06 25.23
CA SER B 437 17.54 -36.12 24.52
C SER B 437 17.65 -35.95 23.00
N GLU B 438 17.62 -34.71 22.53
CA GLU B 438 17.81 -34.48 21.10
C GLU B 438 19.19 -34.95 20.65
N ILE B 439 20.22 -34.70 21.46
CA ILE B 439 21.55 -35.18 21.11
C ILE B 439 21.60 -36.71 21.15
N HIS B 440 20.86 -37.32 22.08
CA HIS B 440 20.73 -38.78 22.06
C HIS B 440 20.15 -39.25 20.75
N LYS B 441 19.10 -38.59 20.28
CA LYS B 441 18.51 -38.94 18.98
C LYS B 441 19.52 -38.75 17.86
N MET B 442 20.30 -37.66 17.91
CA MET B 442 21.37 -37.43 16.96
C MET B 442 22.32 -38.62 16.91
N GLU B 443 22.79 -39.05 18.07
CA GLU B 443 23.74 -40.17 18.14
C GLU B 443 23.12 -41.45 17.60
N GLU B 444 21.86 -41.71 17.95
CA GLU B 444 21.22 -42.95 17.51
C GLU B 444 20.99 -42.97 16.01
N VAL B 445 20.59 -41.84 15.42
CA VAL B 445 20.33 -41.84 13.98
C VAL B 445 21.63 -41.71 13.20
N SER B 446 22.68 -41.19 13.80
CA SER B 446 23.93 -40.96 13.10
C SER B 446 24.70 -42.27 12.94
N GLY B 447 25.81 -42.20 12.20
CA GLY B 447 26.65 -43.36 12.01
C GLY B 447 27.35 -43.79 13.28
N THR B 448 27.83 -42.83 14.06
CA THR B 448 28.55 -43.13 15.30
C THR B 448 27.57 -43.48 16.42
N LYS B 449 28.02 -44.33 17.32
CA LYS B 449 27.24 -44.75 18.47
C LYS B 449 27.94 -44.49 19.80
N GLY B 450 29.25 -44.69 19.86
CA GLY B 450 29.97 -44.47 21.10
C GLY B 450 31.34 -43.86 20.93
N ARG B 451 31.59 -43.25 19.77
CA ARG B 451 32.88 -42.61 19.50
C ARG B 451 32.91 -41.27 20.23
N GLN B 452 33.25 -41.32 21.51
CA GLN B 452 33.27 -40.15 22.37
C GLN B 452 34.69 -39.81 22.79
N GLU B 453 34.89 -38.54 23.16
CA GLU B 453 36.22 -38.03 23.48
C GLU B 453 36.54 -38.08 24.96
N ARG B 454 35.60 -37.74 25.84
CA ARG B 454 35.81 -37.75 27.29
C ARG B 454 36.98 -36.84 27.66
N ASN B 455 36.74 -35.54 27.53
CA ASN B 455 35.41 -34.94 27.45
C ASN B 455 34.85 -34.77 26.05
N ASP B 456 33.71 -35.42 25.84
CA ASP B 456 32.89 -35.23 24.65
C ASP B 456 32.00 -34.01 24.83
N ILE B 457 30.96 -33.93 24.00
CA ILE B 457 29.95 -32.88 24.05
C ILE B 457 29.55 -32.55 25.49
N ALA B 458 29.43 -31.25 25.79
CA ALA B 458 29.15 -30.80 27.14
C ALA B 458 27.72 -31.16 27.52
N LEU B 459 27.55 -31.81 28.67
CA LEU B 459 26.24 -32.24 29.15
C LEU B 459 25.62 -31.27 30.14
N LYS B 460 26.30 -30.18 30.49
CA LYS B 460 25.79 -29.23 31.47
C LYS B 460 25.61 -27.83 30.91
N THR B 461 26.51 -27.40 30.03
CA THR B 461 26.40 -26.09 29.41
C THR B 461 25.33 -26.04 28.32
N ASN B 462 24.66 -27.15 28.06
CA ASN B 462 23.66 -27.24 27.00
C ASN B 462 22.34 -27.73 27.60
N GLY B 463 21.28 -26.96 27.38
CA GLY B 463 19.96 -27.33 27.84
C GLY B 463 19.68 -27.06 29.30
N ASP B 464 20.65 -26.52 30.04
CA ASP B 464 20.44 -26.25 31.46
C ASP B 464 19.42 -25.12 31.66
N LYS B 465 19.49 -24.07 30.85
CA LYS B 465 18.60 -22.93 31.00
C LYS B 465 17.18 -23.22 30.54
N ALA B 466 17.00 -24.05 29.51
CA ALA B 466 15.68 -24.35 28.98
C ALA B 466 15.24 -25.71 29.50
N SER B 467 14.13 -25.73 30.24
CA SER B 467 13.63 -26.96 30.84
C SER B 467 12.93 -27.79 29.78
N CYS B 468 13.63 -28.81 29.27
CA CYS B 468 13.03 -29.71 28.30
C CYS B 468 11.98 -30.57 28.99
N GLU B 469 10.79 -30.61 28.41
CA GLU B 469 9.65 -31.30 29.01
C GLU B 469 9.67 -32.78 28.64
N ASN B 470 9.05 -33.59 29.49
CA ASN B 470 8.99 -35.04 29.29
C ASN B 470 7.59 -35.59 29.45
N GLU B 471 6.57 -34.74 29.42
CA GLU B 471 5.19 -35.15 29.69
C GLU B 471 4.28 -34.68 28.57
N LEU B 472 3.26 -35.48 28.30
CA LEU B 472 2.34 -35.23 27.19
C LEU B 472 1.00 -34.72 27.72
N LEU B 473 0.28 -34.03 26.85
CA LEU B 473 -1.06 -33.54 27.15
C LEU B 473 -2.02 -34.09 26.10
N LYS B 474 -3.15 -34.62 26.56
CA LYS B 474 -4.13 -35.23 25.68
C LYS B 474 -5.47 -34.49 25.76
N PHE B 475 -6.08 -34.32 24.59
CA PHE B 475 -7.38 -33.67 24.49
C PHE B 475 -8.46 -34.56 25.06
N SER B 476 -9.59 -33.94 25.42
CA SER B 476 -10.71 -34.67 26.01
C SER B 476 -12.00 -34.56 25.20
N TYR B 477 -12.32 -33.38 24.70
CA TYR B 477 -13.59 -33.18 24.00
C TYR B 477 -13.44 -32.06 22.98
N ILE B 478 -13.96 -32.29 21.78
CA ILE B 478 -13.88 -31.33 20.69
C ILE B 478 -15.27 -31.06 20.15
N ARG B 479 -15.59 -29.77 19.97
CA ARG B 479 -16.82 -29.35 19.33
C ARG B 479 -16.50 -28.24 18.34
N THR B 480 -17.14 -28.27 17.19
CA THR B 480 -16.87 -27.33 16.11
C THR B 480 -18.15 -26.70 15.61
N SER B 481 -18.03 -25.51 15.05
CA SER B 481 -19.11 -24.81 14.37
C SER B 481 -18.61 -24.34 13.00
N PHE B 482 -19.44 -23.55 12.33
CA PHE B 482 -19.01 -22.92 11.09
C PHE B 482 -18.01 -21.80 11.34
N ASP B 483 -17.98 -21.25 12.55
CA ASP B 483 -17.16 -20.07 12.82
C ASP B 483 -16.30 -20.24 14.07
N LYS B 484 -16.76 -21.01 15.04
CA LYS B 484 -16.10 -21.11 16.33
C LYS B 484 -15.69 -22.55 16.61
N ILE B 485 -14.64 -22.70 17.40
CA ILE B 485 -14.15 -24.00 17.85
C ILE B 485 -13.96 -23.96 19.35
N LEU B 486 -14.40 -25.02 20.03
CA LEU B 486 -14.26 -25.15 21.46
C LEU B 486 -13.34 -26.32 21.78
N LEU B 487 -12.44 -26.11 22.73
CA LEU B 487 -11.47 -27.12 23.12
C LEU B 487 -11.43 -27.22 24.65
N ARG B 488 -11.21 -28.44 25.13
CA ARG B 488 -11.06 -28.68 26.56
C ARG B 488 -10.23 -29.95 26.72
N TRP B 489 -9.26 -29.92 27.62
CA TRP B 489 -8.28 -30.99 27.75
C TRP B 489 -8.28 -31.56 29.16
N GLU B 490 -7.49 -32.61 29.35
CA GLU B 490 -7.41 -33.30 30.63
C GLU B 490 -6.78 -32.39 31.68
N PRO B 491 -7.15 -32.56 32.95
CA PRO B 491 -6.53 -31.77 34.02
C PRO B 491 -5.10 -32.22 34.28
N TYR B 492 -4.32 -31.31 34.85
CA TYR B 492 -2.94 -31.58 35.18
C TYR B 492 -2.51 -30.67 36.32
N TRP B 493 -1.58 -31.16 37.13
CA TRP B 493 -0.98 -30.36 38.19
C TRP B 493 0.51 -30.66 38.29
N PRO B 494 1.30 -29.65 38.65
CA PRO B 494 2.71 -29.91 38.97
C PRO B 494 2.82 -30.63 40.29
N PRO B 495 3.99 -31.20 40.62
CA PRO B 495 4.16 -31.79 41.95
C PRO B 495 3.86 -30.81 43.07
N ASP B 496 4.22 -29.54 42.90
CA ASP B 496 3.73 -28.46 43.73
C ASP B 496 2.73 -27.66 42.91
N PHE B 497 1.44 -27.80 43.21
CA PHE B 497 0.42 -27.13 42.43
C PHE B 497 0.24 -25.66 42.79
N ARG B 498 1.21 -25.06 43.50
CA ARG B 498 1.24 -23.61 43.60
C ARG B 498 2.03 -22.99 42.46
N ASP B 499 3.25 -23.47 42.23
CA ASP B 499 4.13 -22.91 41.20
C ASP B 499 3.58 -23.28 39.84
N LEU B 500 2.89 -22.33 39.22
CA LEU B 500 2.31 -22.50 37.89
C LEU B 500 1.74 -21.16 37.44
N LEU B 501 1.77 -20.91 36.13
CA LEU B 501 1.31 -19.65 35.59
C LEU B 501 0.25 -19.80 34.50
N GLY B 502 -0.19 -21.02 34.20
CA GLY B 502 -1.18 -21.21 33.16
C GLY B 502 -0.65 -21.92 31.94
N PHE B 503 -1.32 -21.77 30.81
CA PHE B 503 -0.97 -22.44 29.58
C PHE B 503 -1.05 -21.48 28.40
N MET B 504 -0.45 -21.88 27.28
CA MET B 504 -0.46 -21.10 26.05
C MET B 504 -1.10 -21.90 24.94
N LEU B 505 -1.79 -21.21 24.04
CA LEU B 505 -2.52 -21.85 22.94
C LEU B 505 -1.96 -21.33 21.62
N PHE B 506 -1.23 -22.19 20.91
CA PHE B 506 -0.69 -21.84 19.61
C PHE B 506 -1.52 -22.49 18.51
N TYR B 507 -2.03 -21.66 17.60
CA TYR B 507 -2.93 -22.12 16.56
C TYR B 507 -2.68 -21.33 15.28
N LYS B 508 -2.93 -21.97 14.15
CA LYS B 508 -2.91 -21.33 12.85
C LYS B 508 -3.44 -22.31 11.82
N GLU B 509 -3.96 -21.76 10.72
CA GLU B 509 -4.45 -22.59 9.63
C GLU B 509 -3.29 -23.22 8.86
N ALA B 510 -3.57 -24.35 8.23
CA ALA B 510 -2.59 -25.02 7.39
C ALA B 510 -3.29 -25.87 6.35
N PRO B 511 -3.20 -25.51 5.06
CA PRO B 511 -3.82 -26.34 4.02
C PRO B 511 -3.22 -27.72 3.90
N TYR B 512 -2.00 -27.93 4.39
CA TYR B 512 -1.38 -29.24 4.37
C TYR B 512 -1.00 -29.67 5.78
N GLN B 513 -0.32 -30.80 5.91
CA GLN B 513 0.12 -31.29 7.21
C GLN B 513 1.63 -31.34 7.32
N ASN B 514 2.35 -30.80 6.35
CA ASN B 514 3.80 -30.64 6.46
C ASN B 514 4.15 -29.38 7.25
N VAL B 515 3.55 -29.27 8.43
CA VAL B 515 3.63 -28.05 9.23
C VAL B 515 4.91 -28.09 10.07
N THR B 516 5.59 -26.95 10.14
CA THR B 516 6.72 -26.82 11.03
C THR B 516 6.26 -26.91 12.48
N GLU B 517 7.06 -27.58 13.30
CA GLU B 517 6.77 -27.67 14.73
C GLU B 517 7.25 -26.42 15.44
N PHE B 518 6.58 -26.08 16.53
CA PHE B 518 7.04 -24.98 17.37
C PHE B 518 8.44 -25.31 17.88
N ASP B 519 9.31 -24.31 17.82
CA ASP B 519 10.74 -24.54 18.03
C ASP B 519 11.30 -23.82 19.25
N GLY B 520 10.70 -22.69 19.64
CA GLY B 520 11.15 -21.99 20.83
C GLY B 520 12.36 -21.12 20.63
N GLN B 521 12.62 -20.66 19.41
CA GLN B 521 13.76 -19.80 19.12
C GLN B 521 13.27 -18.48 18.53
N ASP B 522 13.93 -17.40 18.91
CA ASP B 522 13.49 -16.05 18.57
C ASP B 522 13.84 -15.77 17.11
N ALA B 523 12.86 -15.91 16.23
CA ALA B 523 12.96 -15.46 14.85
C ALA B 523 12.11 -14.20 14.71
N CYS B 524 12.65 -13.18 14.06
CA CYS B 524 11.95 -11.92 13.88
C CYS B 524 10.99 -12.12 12.71
N GLY B 525 10.13 -13.12 12.85
CA GLY B 525 9.31 -13.60 11.74
C GLY B 525 8.04 -12.78 11.59
N SER B 526 7.68 -12.52 10.33
CA SER B 526 6.41 -11.88 10.04
C SER B 526 5.25 -12.73 10.53
N ASN B 527 5.32 -14.04 10.28
CA ASN B 527 4.30 -14.97 10.76
C ASN B 527 4.85 -15.85 11.87
N SER B 528 4.07 -15.99 12.93
CA SER B 528 4.37 -16.90 14.02
C SER B 528 3.04 -17.44 14.54
N TRP B 529 3.13 -18.40 15.45
CA TRP B 529 1.93 -18.97 16.04
C TRP B 529 1.26 -17.92 16.92
N THR B 530 0.19 -17.31 16.43
CA THR B 530 -0.59 -16.41 17.25
C THR B 530 -1.09 -17.14 18.49
N VAL B 531 -0.87 -16.54 19.65
CA VAL B 531 -1.04 -17.23 20.92
C VAL B 531 -1.77 -16.33 21.91
N VAL B 532 -2.66 -16.93 22.69
CA VAL B 532 -3.30 -16.27 23.81
C VAL B 532 -2.97 -17.06 25.06
N ASP B 533 -3.05 -16.39 26.21
CA ASP B 533 -2.79 -17.02 27.49
C ASP B 533 -4.09 -17.42 28.17
N ILE B 534 -3.99 -18.30 29.14
CA ILE B 534 -5.14 -18.80 29.89
C ILE B 534 -4.89 -18.62 31.38
N ASP B 535 -5.93 -18.25 32.11
CA ASP B 535 -5.85 -18.19 33.55
C ASP B 535 -5.97 -19.61 34.11
N PRO B 536 -5.02 -20.08 34.91
CA PRO B 536 -5.13 -21.41 35.50
C PRO B 536 -6.43 -21.55 36.28
N PRO B 537 -7.09 -22.70 36.18
CA PRO B 537 -8.45 -22.83 36.71
C PRO B 537 -8.44 -23.05 38.22
N LEU B 538 -9.62 -23.27 38.76
CA LEU B 538 -9.80 -23.40 40.20
C LEU B 538 -9.42 -24.79 40.66
N ARG B 539 -8.60 -24.87 41.71
CA ARG B 539 -8.29 -26.13 42.37
C ARG B 539 -9.54 -26.64 43.09
N SER B 540 -9.87 -27.91 42.88
CA SER B 540 -11.07 -28.49 43.45
C SER B 540 -10.83 -29.59 44.47
N ASN B 541 -9.62 -30.17 44.50
CA ASN B 541 -9.26 -31.25 45.42
C ASN B 541 -10.12 -32.49 45.25
N ASP B 542 -10.83 -32.60 44.13
CA ASP B 542 -11.67 -33.76 43.86
C ASP B 542 -11.32 -34.35 42.49
N PRO B 543 -11.04 -35.65 42.43
CA PRO B 543 -10.74 -36.28 41.14
C PRO B 543 -11.86 -36.13 40.13
N LYS B 544 -13.10 -36.20 40.61
CA LYS B 544 -14.27 -36.01 39.76
C LYS B 544 -14.80 -34.61 40.01
N SER B 545 -14.49 -33.68 39.13
CA SER B 545 -14.92 -32.29 39.27
C SER B 545 -14.85 -31.62 37.90
N GLN B 546 -15.04 -30.31 37.88
CA GLN B 546 -15.01 -29.52 36.65
C GLN B 546 -13.61 -28.97 36.38
N ASN B 547 -12.59 -29.67 36.86
CA ASN B 547 -11.22 -29.18 36.79
C ASN B 547 -10.70 -29.02 35.37
N HIS B 548 -11.33 -29.66 34.38
CA HIS B 548 -10.89 -29.55 33.00
C HIS B 548 -10.93 -28.11 32.51
N PRO B 549 -9.80 -27.47 32.27
CA PRO B 549 -9.82 -26.11 31.75
C PRO B 549 -9.96 -26.09 30.24
N GLY B 550 -10.65 -25.06 29.74
CA GLY B 550 -10.90 -24.94 28.32
C GLY B 550 -10.77 -23.50 27.86
N TRP B 551 -11.07 -23.30 26.58
CA TRP B 551 -11.03 -21.98 25.96
C TRP B 551 -11.78 -22.05 24.64
N LEU B 552 -12.30 -20.90 24.22
CA LEU B 552 -13.07 -20.79 22.99
C LEU B 552 -12.35 -19.91 21.99
N MET B 553 -12.32 -20.33 20.74
CA MET B 553 -11.82 -19.51 19.64
C MET B 553 -12.94 -19.27 18.64
N ARG B 554 -13.11 -18.03 18.26
CA ARG B 554 -14.28 -17.65 17.46
C ARG B 554 -13.93 -16.93 16.16
N GLY B 555 -12.84 -16.18 16.12
CA GLY B 555 -12.49 -15.44 14.93
C GLY B 555 -11.84 -16.31 13.86
N LEU B 556 -12.61 -17.19 13.23
CA LEU B 556 -12.11 -18.08 12.21
C LEU B 556 -13.04 -18.09 11.02
N LYS B 557 -12.47 -18.38 9.84
CA LYS B 557 -13.26 -18.46 8.62
C LYS B 557 -13.79 -19.88 8.44
N PRO B 558 -14.99 -20.01 7.87
CA PRO B 558 -15.59 -21.34 7.73
C PRO B 558 -14.86 -22.22 6.73
N TRP B 559 -15.02 -23.53 6.94
CA TRP B 559 -14.49 -24.56 6.04
C TRP B 559 -12.98 -24.40 5.86
N THR B 560 -12.26 -24.54 6.96
CA THR B 560 -10.81 -24.35 6.93
C THR B 560 -10.16 -25.25 7.97
N GLN B 561 -9.10 -25.94 7.57
CA GLN B 561 -8.36 -26.80 8.47
C GLN B 561 -7.43 -25.97 9.35
N TYR B 562 -7.35 -26.31 10.63
CA TYR B 562 -6.61 -25.52 11.60
C TYR B 562 -5.78 -26.42 12.50
N ALA B 563 -4.53 -26.03 12.75
CA ALA B 563 -3.62 -26.76 13.61
C ALA B 563 -3.59 -26.12 15.00
N ILE B 564 -3.38 -26.93 16.03
CA ILE B 564 -3.50 -26.48 17.40
C ILE B 564 -2.74 -27.41 18.33
N PHE B 565 -2.14 -26.82 19.36
CA PHE B 565 -1.60 -27.56 20.49
C PHE B 565 -1.47 -26.59 21.67
N VAL B 566 -1.37 -27.16 22.87
CA VAL B 566 -1.29 -26.36 24.09
C VAL B 566 0.02 -26.65 24.78
N LYS B 567 0.54 -25.65 25.49
CA LYS B 567 1.82 -25.76 26.19
C LYS B 567 1.66 -25.28 27.63
N THR B 568 2.30 -25.98 28.55
CA THR B 568 2.28 -25.60 29.95
C THR B 568 3.16 -24.38 30.19
N LEU B 569 3.09 -23.84 31.41
CA LEU B 569 3.89 -22.68 31.78
C LEU B 569 4.08 -22.67 33.29
N VAL B 570 5.29 -22.34 33.72
CA VAL B 570 5.64 -22.33 35.14
C VAL B 570 6.88 -21.47 35.31
N THR B 571 7.02 -20.88 36.50
CA THR B 571 8.14 -20.01 36.78
C THR B 571 9.45 -20.78 36.79
N PHE B 572 10.51 -20.11 36.35
CA PHE B 572 11.87 -20.63 36.47
C PHE B 572 12.31 -20.60 37.92
N SER B 573 13.07 -21.61 38.32
CA SER B 573 13.50 -21.76 39.70
C SER B 573 14.85 -22.46 39.71
N ASP B 574 15.30 -22.82 40.91
CA ASP B 574 16.57 -23.53 41.08
C ASP B 574 16.42 -25.04 40.96
N GLU B 575 15.37 -25.62 41.54
CA GLU B 575 15.15 -27.05 41.43
C GLU B 575 14.86 -27.42 39.98
N ARG B 576 15.42 -28.55 39.55
CA ARG B 576 15.25 -29.02 38.17
C ARG B 576 14.09 -29.99 38.07
N ARG B 577 12.91 -29.48 38.44
CA ARG B 577 11.67 -30.23 38.32
C ARG B 577 10.61 -29.26 37.82
N THR B 578 9.37 -29.74 37.72
CA THR B 578 8.25 -28.98 37.16
C THR B 578 8.61 -28.43 35.77
N TYR B 579 9.13 -29.31 34.92
CA TYR B 579 9.42 -28.91 33.55
C TYR B 579 8.17 -28.56 32.78
N GLY B 580 7.04 -29.16 33.15
CA GLY B 580 5.78 -28.93 32.48
C GLY B 580 5.34 -30.11 31.64
N ALA B 581 4.52 -29.81 30.64
CA ALA B 581 4.05 -30.83 29.72
C ALA B 581 3.67 -30.16 28.40
N LYS B 582 3.65 -30.97 27.34
CA LYS B 582 3.38 -30.47 25.99
C LYS B 582 2.38 -31.37 25.31
N SER B 583 1.33 -30.79 24.74
CA SER B 583 0.41 -31.54 23.90
C SER B 583 1.01 -31.77 22.52
N ASP B 584 0.60 -32.86 21.90
CA ASP B 584 0.95 -33.10 20.51
C ASP B 584 -0.02 -32.39 19.59
N ILE B 585 0.49 -31.92 18.46
CA ILE B 585 -0.31 -31.13 17.54
C ILE B 585 -1.32 -32.03 16.84
N ILE B 586 -2.47 -31.45 16.48
CA ILE B 586 -3.51 -32.13 15.73
C ILE B 586 -4.03 -31.19 14.66
N TYR B 587 -5.01 -31.67 13.89
CA TYR B 587 -5.62 -30.88 12.83
C TYR B 587 -7.14 -30.94 12.97
N VAL B 588 -7.79 -29.78 12.82
CA VAL B 588 -9.24 -29.69 12.90
C VAL B 588 -9.74 -28.75 11.80
N GLN B 589 -10.79 -29.15 11.12
CA GLN B 589 -11.40 -28.32 10.09
C GLN B 589 -12.72 -27.75 10.58
N THR B 590 -12.97 -26.48 10.29
CA THR B 590 -14.23 -25.85 10.62
C THR B 590 -15.32 -26.35 9.70
N ASP B 591 -16.57 -26.06 10.06
CA ASP B 591 -17.72 -26.47 9.28
C ASP B 591 -17.93 -25.51 8.11
N ALA B 592 -18.85 -25.91 7.23
CA ALA B 592 -19.24 -25.10 6.08
C ALA B 592 -20.49 -24.30 6.41
N THR B 593 -20.72 -23.26 5.61
CA THR B 593 -21.85 -22.36 5.82
C THR B 593 -22.48 -22.07 4.47
N ASN B 594 -23.38 -21.10 4.45
CA ASN B 594 -23.95 -20.64 3.20
C ASN B 594 -22.86 -20.05 2.32
N PRO B 595 -22.89 -20.27 1.01
CA PRO B 595 -21.86 -19.72 0.13
C PRO B 595 -22.01 -18.21 0.01
N SER B 596 -21.16 -17.63 -0.84
CA SER B 596 -21.27 -16.21 -1.17
C SER B 596 -22.09 -16.06 -2.45
N VAL B 597 -22.27 -14.82 -2.89
CA VAL B 597 -23.02 -14.53 -4.12
C VAL B 597 -22.15 -14.88 -5.31
N PRO B 598 -22.71 -15.42 -6.39
CA PRO B 598 -21.91 -15.63 -7.60
C PRO B 598 -21.40 -14.31 -8.16
N LEU B 599 -20.44 -14.41 -9.07
CA LEU B 599 -19.74 -13.25 -9.60
C LEU B 599 -19.81 -13.22 -11.13
N ASP B 600 -19.74 -12.01 -11.66
CA ASP B 600 -19.59 -11.76 -13.09
C ASP B 600 -20.74 -12.35 -13.91
N PRO B 601 -21.95 -11.78 -13.80
CA PRO B 601 -23.08 -12.28 -14.60
C PRO B 601 -23.06 -11.67 -15.99
N ILE B 602 -22.86 -12.52 -16.99
CA ILE B 602 -22.74 -12.10 -18.38
C ILE B 602 -23.81 -12.81 -19.20
N SER B 603 -24.59 -12.03 -19.94
CA SER B 603 -25.64 -12.57 -20.82
C SER B 603 -25.46 -11.97 -22.21
N VAL B 604 -25.62 -12.81 -23.23
CA VAL B 604 -25.46 -12.40 -24.62
C VAL B 604 -26.63 -13.00 -25.41
N SER B 605 -27.13 -12.23 -26.38
CA SER B 605 -28.19 -12.69 -27.29
C SER B 605 -27.59 -12.98 -28.65
N ASN B 606 -27.81 -14.21 -29.14
CA ASN B 606 -27.37 -14.62 -30.46
C ASN B 606 -28.54 -14.92 -31.40
N SER B 607 -29.77 -14.88 -30.91
CA SER B 607 -30.96 -14.95 -31.74
C SER B 607 -32.09 -14.21 -31.05
N SER B 608 -33.31 -14.39 -31.58
CA SER B 608 -34.49 -13.80 -30.96
C SER B 608 -35.04 -14.65 -29.83
N SER B 609 -34.55 -15.87 -29.66
CA SER B 609 -34.95 -16.73 -28.54
C SER B 609 -33.76 -17.22 -27.73
N GLN B 610 -32.68 -17.65 -28.37
CA GLN B 610 -31.52 -18.15 -27.67
C GLN B 610 -30.88 -17.05 -26.82
N ILE B 611 -30.61 -17.36 -25.56
CA ILE B 611 -29.96 -16.42 -24.65
C ILE B 611 -28.87 -17.20 -23.92
N ILE B 612 -27.61 -16.92 -24.26
CA ILE B 612 -26.47 -17.61 -23.67
C ILE B 612 -26.00 -16.85 -22.45
N LEU B 613 -25.77 -17.57 -21.36
CA LEU B 613 -25.35 -16.98 -20.09
C LEU B 613 -23.97 -17.51 -19.72
N LYS B 614 -23.18 -16.67 -19.07
CA LYS B 614 -21.86 -17.04 -18.59
C LYS B 614 -21.57 -16.30 -17.31
N TRP B 615 -21.05 -17.01 -16.31
CA TRP B 615 -20.79 -16.42 -15.02
C TRP B 615 -19.39 -16.82 -14.56
N LYS B 616 -19.07 -16.50 -13.32
CA LYS B 616 -17.79 -16.82 -12.70
C LYS B 616 -18.01 -17.45 -11.34
N PRO B 617 -17.09 -18.30 -10.90
CA PRO B 617 -17.24 -18.91 -9.58
C PRO B 617 -17.20 -17.84 -8.49
N PRO B 618 -17.92 -18.06 -7.40
CA PRO B 618 -17.97 -17.05 -6.32
C PRO B 618 -16.65 -16.98 -5.56
N SER B 619 -16.50 -15.86 -4.84
CA SER B 619 -15.29 -15.64 -4.06
C SER B 619 -15.15 -16.62 -2.91
N ASP B 620 -16.23 -16.86 -2.16
CA ASP B 620 -16.19 -17.72 -0.98
C ASP B 620 -16.92 -19.03 -1.26
N PRO B 621 -16.19 -20.13 -1.47
CA PRO B 621 -16.87 -21.40 -1.72
C PRO B 621 -17.53 -21.98 -0.49
N ASN B 622 -16.88 -21.91 0.66
CA ASN B 622 -17.37 -22.53 1.90
C ASN B 622 -17.68 -24.01 1.68
N GLY B 623 -16.74 -24.68 1.02
CA GLY B 623 -16.89 -26.08 0.68
C GLY B 623 -17.17 -26.30 -0.79
N ASN B 624 -17.16 -27.57 -1.18
CA ASN B 624 -17.46 -27.95 -2.56
C ASN B 624 -18.92 -27.67 -2.86
N ILE B 625 -19.18 -26.68 -3.71
CA ILE B 625 -20.55 -26.38 -4.11
C ILE B 625 -21.10 -27.56 -4.90
N THR B 626 -22.21 -28.14 -4.40
CA THR B 626 -22.77 -29.32 -5.03
C THR B 626 -23.33 -29.02 -6.40
N HIS B 627 -24.05 -27.91 -6.53
CA HIS B 627 -24.72 -27.59 -7.78
C HIS B 627 -25.03 -26.10 -7.81
N TYR B 628 -25.83 -25.70 -8.79
CA TYR B 628 -26.35 -24.34 -8.91
C TYR B 628 -27.88 -24.39 -8.89
N LEU B 629 -28.48 -23.22 -9.06
CA LEU B 629 -29.94 -23.11 -9.15
C LEU B 629 -30.24 -21.77 -9.83
N VAL B 630 -30.89 -21.83 -10.98
CA VAL B 630 -31.13 -20.64 -11.78
C VAL B 630 -32.63 -20.47 -11.97
N PHE B 631 -33.10 -19.23 -11.76
CA PHE B 631 -34.51 -18.88 -11.88
C PHE B 631 -34.65 -17.78 -12.92
N TRP B 632 -35.66 -17.90 -13.79
CA TRP B 632 -35.96 -16.89 -14.78
C TRP B 632 -37.45 -16.59 -14.77
N GLU B 633 -37.79 -15.33 -15.03
CA GLU B 633 -39.18 -14.89 -15.02
C GLU B 633 -39.42 -13.96 -16.20
N ARG B 634 -40.68 -13.86 -16.60
CA ARG B 634 -41.06 -13.07 -17.76
C ARG B 634 -41.30 -11.63 -17.35
N GLN B 635 -40.42 -10.74 -17.77
CA GLN B 635 -40.52 -9.31 -17.47
C GLN B 635 -40.83 -8.54 -18.75
N ALA B 636 -41.11 -7.25 -18.60
CA ALA B 636 -41.58 -6.44 -19.71
C ALA B 636 -41.07 -5.01 -19.62
N GLU B 637 -41.70 -4.10 -20.36
CA GLU B 637 -41.23 -2.72 -20.44
C GLU B 637 -42.24 -1.75 -19.84
N ASP B 638 -41.97 -0.45 -19.96
CA ASP B 638 -42.78 0.57 -19.31
C ASP B 638 -43.90 1.00 -20.24
N SER B 639 -44.71 1.97 -19.77
CA SER B 639 -45.82 2.49 -20.55
C SER B 639 -45.93 4.00 -20.56
N GLU B 640 -45.03 4.75 -19.91
CA GLU B 640 -45.11 6.20 -19.88
C GLU B 640 -44.81 6.80 -21.25
N LEU B 641 -44.21 6.03 -22.14
CA LEU B 641 -43.93 6.48 -23.50
C LEU B 641 -45.15 6.43 -24.40
N PHE B 642 -46.25 5.85 -23.95
CA PHE B 642 -47.45 5.73 -24.78
C PHE B 642 -48.07 7.09 -25.11
N GLU B 643 -48.01 8.04 -24.18
CA GLU B 643 -48.61 9.35 -24.36
C GLU B 643 -47.62 10.37 -24.89
N LEU B 644 -46.40 9.95 -25.21
CA LEU B 644 -45.36 10.87 -25.67
C LEU B 644 -45.42 10.97 -27.18
N ASP B 645 -45.68 12.18 -27.69
CA ASP B 645 -45.68 12.42 -29.13
C ASP B 645 -44.24 12.37 -29.63
N TYR B 646 -43.97 11.50 -30.60
CA TYR B 646 -42.62 11.27 -31.07
C TYR B 646 -42.30 12.02 -32.36
N CYS B 647 -43.18 12.93 -32.78
CA CYS B 647 -42.82 13.89 -33.82
C CYS B 647 -42.13 15.13 -33.26
N LEU B 648 -42.07 15.26 -31.93
CA LEU B 648 -41.39 16.36 -31.28
C LEU B 648 -39.90 16.06 -31.17
N LYS B 649 -39.18 16.88 -30.41
CA LYS B 649 -37.75 16.67 -30.21
C LYS B 649 -37.45 16.22 -28.79
N HIS B 768 -45.27 -21.03 -10.72
CA HIS B 768 -44.05 -20.32 -10.33
C HIS B 768 -43.12 -20.13 -11.52
N ARG B 769 -41.99 -19.48 -11.28
CA ARG B 769 -41.01 -19.27 -12.33
C ARG B 769 -40.31 -20.60 -12.64
N PRO B 770 -40.10 -20.92 -13.91
CA PRO B 770 -39.36 -22.15 -14.24
C PRO B 770 -37.91 -22.06 -13.78
N PHE B 771 -37.34 -23.20 -13.40
CA PHE B 771 -35.97 -23.27 -12.95
C PHE B 771 -35.33 -24.56 -13.44
N GLU B 772 -34.05 -24.71 -13.14
CA GLU B 772 -33.34 -25.95 -13.45
C GLU B 772 -32.11 -26.03 -12.55
N LYS B 773 -31.81 -27.25 -12.10
CA LYS B 773 -30.65 -27.51 -11.26
C LYS B 773 -29.46 -27.80 -12.16
N VAL B 774 -28.82 -26.74 -12.65
CA VAL B 774 -27.62 -26.91 -13.46
C VAL B 774 -26.46 -27.32 -12.56
N VAL B 775 -25.75 -28.37 -12.96
CA VAL B 775 -24.75 -29.03 -12.12
C VAL B 775 -23.43 -29.15 -12.88
N ASN B 776 -22.34 -28.82 -12.19
CA ASN B 776 -20.99 -29.17 -12.64
C ASN B 776 -20.66 -28.57 -14.00
N LYS B 777 -20.97 -27.28 -14.17
CA LYS B 777 -20.55 -26.57 -15.37
C LYS B 777 -20.53 -25.08 -15.07
N GLU B 778 -19.89 -24.33 -15.96
CA GLU B 778 -19.67 -22.90 -15.74
C GLU B 778 -20.47 -22.02 -16.70
N SER B 779 -21.05 -22.59 -17.76
CA SER B 779 -21.83 -21.83 -18.73
C SER B 779 -23.19 -22.48 -18.92
N LEU B 780 -24.16 -21.68 -19.37
CA LEU B 780 -25.53 -22.15 -19.54
C LEU B 780 -26.21 -21.29 -20.60
N VAL B 781 -27.15 -21.90 -21.34
CA VAL B 781 -27.99 -21.20 -22.29
C VAL B 781 -29.45 -21.55 -22.02
N ILE B 782 -30.32 -20.54 -22.11
CA ILE B 782 -31.76 -20.72 -22.04
C ILE B 782 -32.29 -20.57 -23.46
N SER B 783 -32.62 -21.70 -24.08
CA SER B 783 -33.24 -21.75 -25.39
C SER B 783 -34.57 -22.48 -25.30
N GLY B 784 -35.24 -22.62 -26.46
CA GLY B 784 -36.52 -23.28 -26.51
C GLY B 784 -37.59 -22.57 -25.70
N LEU B 785 -37.62 -21.24 -25.81
CA LEU B 785 -38.58 -20.43 -25.07
C LEU B 785 -39.11 -19.34 -25.99
N ARG B 786 -40.05 -18.55 -25.49
CA ARG B 786 -40.73 -17.57 -26.31
C ARG B 786 -39.75 -16.52 -26.82
N HIS B 787 -39.83 -16.23 -28.11
CA HIS B 787 -38.90 -15.32 -28.76
C HIS B 787 -39.25 -13.87 -28.47
N PHE B 788 -38.21 -13.04 -28.40
CA PHE B 788 -38.31 -11.61 -28.09
C PHE B 788 -39.22 -11.34 -26.90
N THR B 789 -38.75 -11.82 -25.75
CA THR B 789 -39.39 -11.53 -24.48
C THR B 789 -38.32 -11.15 -23.47
N GLY B 790 -38.55 -10.06 -22.75
CA GLY B 790 -37.62 -9.69 -21.69
C GLY B 790 -37.68 -10.65 -20.53
N TYR B 791 -36.51 -10.93 -19.96
CA TYR B 791 -36.40 -11.91 -18.87
C TYR B 791 -35.47 -11.37 -17.79
N ARG B 792 -35.87 -11.57 -16.54
CA ARG B 792 -34.98 -11.36 -15.41
C ARG B 792 -34.57 -12.74 -14.88
N ILE B 793 -33.28 -13.05 -14.96
CA ILE B 793 -32.76 -14.36 -14.61
C ILE B 793 -31.82 -14.21 -13.42
N GLU B 794 -31.95 -15.11 -12.46
CA GLU B 794 -31.13 -15.09 -11.26
C GLU B 794 -30.53 -16.48 -11.03
N LEU B 795 -29.32 -16.49 -10.48
CA LEU B 795 -28.60 -17.75 -10.28
C LEU B 795 -28.06 -17.79 -8.86
N GLN B 796 -28.03 -18.99 -8.29
CA GLN B 796 -27.43 -19.24 -7.00
C GLN B 796 -26.59 -20.51 -7.06
N ALA B 797 -25.53 -20.55 -6.27
CA ALA B 797 -24.66 -21.71 -6.15
C ALA B 797 -24.64 -22.16 -4.70
N CYS B 798 -24.70 -23.48 -4.48
CA CYS B 798 -24.72 -23.96 -3.11
C CYS B 798 -24.38 -25.44 -3.05
N ASN B 799 -24.31 -25.94 -1.82
CA ASN B 799 -23.90 -27.30 -1.50
C ASN B 799 -25.13 -28.21 -1.48
N GLN B 800 -24.97 -29.41 -0.93
CA GLN B 800 -26.04 -30.40 -0.81
C GLN B 800 -27.30 -29.79 -0.21
N ASP B 801 -28.44 -30.38 -0.56
CA ASP B 801 -29.73 -29.73 -0.38
C ASP B 801 -30.64 -30.40 0.64
N THR B 802 -30.98 -31.68 0.45
CA THR B 802 -32.12 -32.24 1.18
C THR B 802 -31.91 -32.22 2.70
N PRO B 803 -30.71 -32.49 3.24
CA PRO B 803 -30.47 -32.11 4.64
C PRO B 803 -29.77 -30.76 4.72
N GLU B 804 -30.19 -29.90 5.64
CA GLU B 804 -29.57 -28.60 5.84
C GLU B 804 -29.52 -27.81 4.52
N GLU B 805 -30.70 -27.45 4.04
CA GLU B 805 -30.82 -26.77 2.76
C GLU B 805 -30.18 -25.39 2.86
N ARG B 806 -28.94 -25.30 2.41
CA ARG B 806 -28.13 -24.08 2.51
C ARG B 806 -27.81 -23.60 1.10
N CYS B 807 -28.33 -22.44 0.72
CA CYS B 807 -27.96 -21.78 -0.52
C CYS B 807 -27.83 -20.29 -0.31
N SER B 808 -26.93 -19.68 -1.06
CA SER B 808 -26.59 -18.27 -0.90
C SER B 808 -27.58 -17.40 -1.67
N VAL B 809 -27.32 -16.09 -1.69
CA VAL B 809 -28.17 -15.13 -2.37
C VAL B 809 -27.91 -15.22 -3.88
N ALA B 810 -28.77 -14.61 -4.67
CA ALA B 810 -28.71 -14.70 -6.12
C ALA B 810 -28.17 -13.41 -6.72
N ALA B 811 -27.85 -13.46 -8.01
CA ALA B 811 -27.46 -12.30 -8.78
C ALA B 811 -28.42 -12.12 -9.93
N TYR B 812 -28.98 -10.92 -10.04
CA TYR B 812 -30.00 -10.61 -11.04
C TYR B 812 -29.34 -10.15 -12.33
N VAL B 813 -29.95 -10.51 -13.46
CA VAL B 813 -29.53 -10.05 -14.77
C VAL B 813 -30.75 -9.52 -15.51
N SER B 814 -30.50 -8.58 -16.42
CA SER B 814 -31.54 -8.07 -17.30
C SER B 814 -31.02 -8.15 -18.73
N ALA B 815 -31.85 -8.68 -19.62
CA ALA B 815 -31.41 -8.90 -20.99
C ALA B 815 -32.61 -8.85 -21.92
N ARG B 816 -32.32 -8.54 -23.18
CA ARG B 816 -33.29 -8.58 -24.26
C ARG B 816 -32.70 -9.41 -25.38
N THR B 817 -33.54 -10.19 -26.06
CA THR B 817 -33.12 -10.80 -27.32
C THR B 817 -32.80 -9.70 -28.32
N MET B 818 -32.07 -10.06 -29.39
CA MET B 818 -31.58 -9.01 -30.27
C MET B 818 -32.76 -8.26 -30.87
N PRO B 819 -32.70 -6.93 -30.93
CA PRO B 819 -33.69 -6.18 -31.71
C PRO B 819 -33.77 -6.72 -33.12
N GLU B 820 -34.92 -7.31 -33.47
CA GLU B 820 -35.05 -8.09 -34.70
C GLU B 820 -34.89 -7.21 -35.93
N ALA B 821 -34.80 -7.85 -37.09
CA ALA B 821 -34.63 -7.15 -38.36
C ALA B 821 -35.84 -7.23 -39.27
N LYS B 822 -36.77 -8.17 -39.02
CA LYS B 822 -37.93 -8.33 -39.88
C LYS B 822 -39.26 -8.24 -39.14
N ALA B 823 -39.34 -8.63 -37.88
CA ALA B 823 -40.59 -8.53 -37.14
C ALA B 823 -40.91 -7.09 -36.72
N ASP B 824 -39.89 -6.26 -36.49
CA ASP B 824 -40.14 -4.85 -36.21
C ASP B 824 -40.79 -4.17 -37.41
N ASP B 825 -40.30 -4.47 -38.62
CA ASP B 825 -40.97 -4.04 -39.84
C ASP B 825 -42.26 -4.83 -40.00
N ILE B 826 -43.30 -4.17 -40.52
CA ILE B 826 -44.61 -4.77 -40.71
C ILE B 826 -44.87 -4.89 -42.20
N VAL B 827 -45.30 -6.08 -42.62
CA VAL B 827 -45.67 -6.34 -44.01
C VAL B 827 -47.19 -6.37 -44.12
N GLY B 828 -47.72 -5.74 -45.16
CA GLY B 828 -49.15 -5.68 -45.35
C GLY B 828 -49.53 -4.70 -46.45
N PRO B 829 -50.79 -4.76 -46.88
CA PRO B 829 -51.23 -3.85 -47.95
C PRO B 829 -51.39 -2.42 -47.45
N VAL B 830 -50.49 -1.54 -47.87
CA VAL B 830 -50.58 -0.12 -47.54
C VAL B 830 -51.51 0.52 -48.57
N THR B 831 -52.81 0.52 -48.26
CA THR B 831 -53.82 1.05 -49.16
C THR B 831 -54.18 2.48 -48.78
N HIS B 832 -54.83 3.17 -49.71
CA HIS B 832 -55.20 4.56 -49.54
C HIS B 832 -56.66 4.76 -49.91
N GLU B 833 -57.31 5.68 -49.19
CA GLU B 833 -58.67 6.09 -49.50
C GLU B 833 -58.66 7.56 -49.90
N ILE B 834 -59.20 7.85 -51.08
CA ILE B 834 -59.15 9.19 -51.65
C ILE B 834 -60.41 9.93 -51.26
N PHE B 835 -60.26 11.08 -50.61
CA PHE B 835 -61.36 11.99 -50.33
C PHE B 835 -61.46 13.04 -51.45
N GLU B 836 -62.57 13.77 -51.44
CA GLU B 836 -62.82 14.74 -52.51
C GLU B 836 -62.10 16.06 -52.28
N ASN B 837 -61.59 16.32 -51.07
CA ASN B 837 -60.87 17.55 -50.78
C ASN B 837 -59.36 17.41 -51.00
N ASN B 838 -58.94 16.50 -51.87
CA ASN B 838 -57.52 16.25 -52.16
C ASN B 838 -56.74 15.86 -50.92
N VAL B 839 -57.42 15.25 -49.96
CA VAL B 839 -56.79 14.75 -48.73
C VAL B 839 -56.98 13.24 -48.74
N VAL B 840 -55.99 12.51 -49.25
CA VAL B 840 -56.10 11.07 -49.39
C VAL B 840 -55.76 10.39 -48.06
N HIS B 841 -56.66 9.53 -47.59
CA HIS B 841 -56.39 8.74 -46.40
C HIS B 841 -55.40 7.63 -46.71
N LEU B 842 -54.73 7.16 -45.67
CA LEU B 842 -53.77 6.06 -45.79
C LEU B 842 -54.13 5.00 -44.76
N MET B 843 -54.23 3.75 -45.21
CA MET B 843 -54.59 2.63 -44.34
C MET B 843 -53.57 1.51 -44.51
N TRP B 844 -53.07 1.01 -43.39
CA TRP B 844 -52.18 -0.15 -43.37
C TRP B 844 -52.28 -0.80 -42.00
N GLN B 845 -51.35 -1.70 -41.70
CA GLN B 845 -51.35 -2.43 -40.45
C GLN B 845 -50.05 -2.19 -39.70
N GLU B 846 -50.15 -2.18 -38.37
CA GLU B 846 -49.08 -2.00 -37.40
C GLU B 846 -48.32 -3.30 -37.20
N PRO B 847 -47.05 -3.24 -36.77
CA PRO B 847 -46.32 -4.47 -36.45
C PRO B 847 -46.95 -5.17 -35.25
N LYS B 848 -47.41 -6.40 -35.46
CA LYS B 848 -48.02 -7.15 -34.37
C LYS B 848 -47.02 -7.44 -33.27
N GLU B 849 -45.77 -7.73 -33.62
CA GLU B 849 -44.70 -7.93 -32.65
C GLU B 849 -43.51 -7.08 -33.07
N PRO B 850 -43.52 -5.79 -32.77
CA PRO B 850 -42.36 -4.95 -33.09
C PRO B 850 -41.24 -5.14 -32.09
N ASN B 851 -40.11 -4.47 -32.31
CA ASN B 851 -38.99 -4.53 -31.36
C ASN B 851 -39.34 -3.67 -30.15
N GLY B 852 -40.16 -4.24 -29.27
CA GLY B 852 -40.59 -3.55 -28.07
C GLY B 852 -41.87 -2.75 -28.22
N LEU B 853 -41.80 -1.61 -28.92
CA LEU B 853 -42.95 -0.74 -29.08
C LEU B 853 -42.71 0.17 -30.26
N ILE B 854 -43.55 0.06 -31.28
CA ILE B 854 -43.46 0.95 -32.44
C ILE B 854 -43.89 2.34 -32.02
N VAL B 855 -43.07 3.33 -32.35
CA VAL B 855 -43.31 4.69 -31.89
C VAL B 855 -43.37 5.71 -33.03
N LEU B 856 -42.84 5.40 -34.21
CA LEU B 856 -42.85 6.37 -35.31
C LEU B 856 -42.78 5.60 -36.63
N TYR B 857 -43.73 5.88 -37.52
CA TYR B 857 -43.75 5.26 -38.84
C TYR B 857 -43.14 6.25 -39.84
N GLU B 858 -42.05 5.84 -40.50
CA GLU B 858 -41.37 6.70 -41.47
C GLU B 858 -42.15 6.64 -42.78
N VAL B 859 -43.36 7.18 -42.75
CA VAL B 859 -44.23 7.24 -43.92
C VAL B 859 -43.76 8.38 -44.80
N SER B 860 -43.75 8.15 -46.11
CA SER B 860 -43.27 9.15 -47.05
C SER B 860 -43.97 8.95 -48.39
N TYR B 861 -44.02 10.02 -49.17
CA TYR B 861 -44.62 9.99 -50.50
C TYR B 861 -43.67 10.65 -51.49
N ARG B 862 -43.52 10.01 -52.66
CA ARG B 862 -42.54 10.42 -53.65
C ARG B 862 -43.22 10.57 -55.01
N ARG B 863 -43.08 11.73 -55.62
CA ARG B 863 -43.63 12.02 -56.93
C ARG B 863 -42.55 11.90 -58.01
N TYR B 864 -43.00 11.76 -59.25
CA TYR B 864 -42.06 11.73 -60.37
C TYR B 864 -41.34 13.06 -60.46
N GLY B 865 -40.00 13.02 -60.48
CA GLY B 865 -39.19 14.21 -60.43
C GLY B 865 -38.99 14.78 -59.05
N ASP B 866 -39.70 14.27 -58.05
CA ASP B 866 -39.58 14.70 -56.67
C ASP B 866 -38.96 13.59 -55.83
N GLU B 867 -38.31 14.00 -54.74
CA GLU B 867 -37.67 13.04 -53.86
C GLU B 867 -38.69 12.42 -52.92
N GLU B 868 -38.21 11.54 -52.04
CA GLU B 868 -39.07 10.83 -51.10
C GLU B 868 -39.47 11.79 -49.98
N LEU B 869 -40.47 12.63 -50.28
CA LEU B 869 -40.96 13.58 -49.30
C LEU B 869 -41.63 12.85 -48.15
N HIS B 870 -41.24 13.18 -46.93
CA HIS B 870 -41.57 12.37 -45.76
C HIS B 870 -42.55 13.08 -44.84
N LEU B 871 -43.20 12.28 -44.00
CA LEU B 871 -44.07 12.76 -42.93
C LEU B 871 -43.83 11.91 -41.70
N CYS B 872 -44.45 12.30 -40.59
CA CYS B 872 -44.29 11.57 -39.34
C CYS B 872 -45.66 11.38 -38.69
N VAL B 873 -45.78 10.29 -37.94
CA VAL B 873 -46.98 10.00 -37.16
C VAL B 873 -46.55 9.43 -35.82
N SER B 874 -47.20 9.88 -34.75
CA SER B 874 -46.89 9.41 -33.42
C SER B 874 -47.71 8.15 -33.12
N ARG B 875 -47.55 7.60 -31.92
CA ARG B 875 -48.32 6.44 -31.52
C ARG B 875 -49.81 6.77 -31.42
N LYS B 876 -50.14 7.83 -30.70
CA LYS B 876 -51.54 8.18 -30.46
C LYS B 876 -52.24 8.62 -31.74
N HIS B 877 -51.53 9.32 -32.63
CA HIS B 877 -52.15 9.76 -33.88
C HIS B 877 -52.59 8.57 -34.72
N PHE B 878 -51.70 7.60 -34.92
CA PHE B 878 -52.07 6.39 -35.63
C PHE B 878 -53.12 5.57 -34.88
N ALA B 879 -53.07 5.55 -33.55
CA ALA B 879 -54.08 4.82 -32.80
C ALA B 879 -55.47 5.43 -33.00
N LEU B 880 -55.56 6.76 -33.01
CA LEU B 880 -56.87 7.41 -33.15
C LEU B 880 -57.36 7.38 -34.59
N GLU B 881 -56.46 7.47 -35.57
CA GLU B 881 -56.88 7.59 -36.96
C GLU B 881 -56.95 6.26 -37.69
N ARG B 882 -56.33 5.21 -37.16
CA ARG B 882 -56.17 3.93 -37.85
C ARG B 882 -55.58 4.16 -39.25
N GLY B 883 -54.56 4.99 -39.29
CA GLY B 883 -53.90 5.34 -40.52
C GLY B 883 -53.45 6.79 -40.50
N CYS B 884 -53.22 7.34 -41.69
CA CYS B 884 -52.76 8.71 -41.84
C CYS B 884 -53.43 9.33 -43.06
N ARG B 885 -53.15 10.62 -43.27
CA ARG B 885 -53.69 11.38 -44.39
C ARG B 885 -52.57 12.22 -45.00
N LEU B 886 -52.89 12.90 -46.10
CA LEU B 886 -51.97 13.83 -46.74
C LEU B 886 -52.79 15.00 -47.25
N ARG B 887 -52.59 16.17 -46.65
CA ARG B 887 -53.39 17.35 -46.93
C ARG B 887 -52.67 18.24 -47.94
N GLY B 888 -53.42 18.73 -48.93
CA GLY B 888 -52.84 19.57 -49.96
C GLY B 888 -51.89 18.81 -50.85
N LEU B 889 -52.41 17.81 -51.56
CA LEU B 889 -51.59 16.94 -52.39
C LEU B 889 -51.67 17.36 -53.85
N SER B 890 -50.52 17.52 -54.47
CA SER B 890 -50.47 17.81 -55.89
C SER B 890 -50.96 16.61 -56.69
N PRO B 891 -51.80 16.82 -57.70
CA PRO B 891 -52.31 15.68 -58.50
C PRO B 891 -51.19 15.04 -59.31
N GLY B 892 -50.90 13.78 -59.02
CA GLY B 892 -49.87 13.07 -59.76
C GLY B 892 -49.72 11.65 -59.25
N ASN B 893 -48.86 10.91 -59.95
CA ASN B 893 -48.56 9.52 -59.59
C ASN B 893 -47.47 9.53 -58.53
N TYR B 894 -47.88 9.34 -57.27
CA TYR B 894 -46.96 9.40 -56.15
C TYR B 894 -46.55 7.99 -55.72
N SER B 895 -45.45 7.92 -54.99
CA SER B 895 -44.91 6.65 -54.48
C SER B 895 -44.86 6.74 -52.96
N VAL B 896 -45.72 5.99 -52.30
CA VAL B 896 -45.86 6.04 -50.85
C VAL B 896 -45.11 4.83 -50.27
N ARG B 897 -44.06 5.11 -49.51
CA ARG B 897 -43.24 4.08 -48.88
C ARG B 897 -43.10 4.40 -47.40
N ILE B 898 -43.23 3.39 -46.55
CA ILE B 898 -43.23 3.55 -45.11
C ILE B 898 -42.16 2.66 -44.50
N ARG B 899 -41.48 3.17 -43.48
CA ARG B 899 -40.50 2.40 -42.71
C ARG B 899 -40.89 2.45 -41.24
N ALA B 900 -40.73 1.31 -40.56
CA ALA B 900 -41.01 1.21 -39.13
C ALA B 900 -39.79 1.70 -38.35
N THR B 901 -39.95 2.81 -37.64
CA THR B 901 -38.88 3.40 -36.84
C THR B 901 -39.32 3.42 -35.38
N SER B 902 -39.05 2.34 -34.66
CA SER B 902 -39.46 2.21 -33.27
C SER B 902 -38.39 2.79 -32.36
N LEU B 903 -38.55 2.58 -31.04
CA LEU B 903 -37.62 3.14 -30.08
C LEU B 903 -36.26 2.44 -30.10
N ALA B 904 -36.23 1.15 -30.43
CA ALA B 904 -34.98 0.40 -30.48
C ALA B 904 -34.18 0.67 -31.76
N GLY B 905 -34.75 1.38 -32.71
CA GLY B 905 -34.09 1.72 -33.95
C GLY B 905 -35.06 1.63 -35.10
N ASN B 906 -34.55 1.93 -36.29
CA ASN B 906 -35.35 1.87 -37.51
C ASN B 906 -35.40 0.44 -38.03
N GLY B 907 -36.48 0.13 -38.74
CA GLY B 907 -36.63 -1.18 -39.35
C GLY B 907 -36.50 -1.11 -40.86
N SER B 908 -37.14 -2.04 -41.55
CA SER B 908 -37.13 -2.05 -43.00
C SER B 908 -38.28 -1.22 -43.55
N TRP B 909 -38.15 -0.82 -44.81
CA TRP B 909 -39.21 -0.10 -45.49
C TRP B 909 -40.27 -1.07 -46.02
N THR B 910 -41.49 -0.58 -46.13
CA THR B 910 -42.56 -1.31 -46.79
C THR B 910 -42.44 -1.11 -48.29
N GLU B 911 -43.40 -1.64 -49.05
CA GLU B 911 -43.35 -1.45 -50.49
C GLU B 911 -43.75 -0.02 -50.84
N PRO B 912 -43.08 0.60 -51.82
CA PRO B 912 -43.52 1.92 -52.28
C PRO B 912 -44.80 1.82 -53.12
N THR B 913 -45.92 2.22 -52.53
CA THR B 913 -47.22 2.05 -53.19
C THR B 913 -47.42 3.14 -54.25
N TYR B 914 -48.01 2.74 -55.37
CA TYR B 914 -48.28 3.64 -56.48
C TYR B 914 -49.76 3.98 -56.53
N PHE B 915 -50.07 5.28 -56.59
CA PHE B 915 -51.42 5.75 -56.82
C PHE B 915 -51.36 7.01 -57.67
N TYR B 916 -52.24 7.09 -58.66
CA TYR B 916 -52.21 8.13 -59.68
C TYR B 916 -53.52 8.90 -59.65
N VAL B 917 -53.57 9.94 -58.83
CA VAL B 917 -54.70 10.86 -58.84
C VAL B 917 -54.52 11.86 -59.98
N THR B 918 -55.60 12.12 -60.70
CA THR B 918 -55.56 12.96 -61.89
C THR B 918 -55.76 14.43 -61.51
N ASP B 919 -55.43 15.30 -62.47
CA ASP B 919 -55.57 16.73 -62.28
C ASP B 919 -57.03 17.16 -62.39
#